data_1WHG
#
_entry.id   1WHG
#
_entity_poly.entity_id   1
_entity_poly.type   'polypeptide(L)'
_entity_poly.pdbx_seq_one_letter_code
;GSSGSSGNEELRAQQEAEAAQRLSEEKAQASAISVGSRCEVRAPDHSLRRGTVMYVGLTDFKPGYWVGVRYDEPLGKNDG
SVNGKRYFECQAKYGAFVKPSAVTVGDSGPSSG
;
_entity_poly.pdbx_strand_id   A
#
# COMPACT_ATOMS: atom_id res chain seq x y z
N GLY A 1 -37.41 6.21 8.46
CA GLY A 1 -36.90 5.00 9.18
C GLY A 1 -35.72 4.36 8.48
N SER A 2 -34.94 3.59 9.23
CA SER A 2 -33.78 2.91 8.66
C SER A 2 -32.78 3.91 8.10
N SER A 3 -31.78 4.26 8.91
CA SER A 3 -30.76 5.22 8.50
C SER A 3 -29.82 4.61 7.46
N GLY A 4 -28.85 5.38 7.02
CA GLY A 4 -27.91 4.89 6.03
C GLY A 4 -26.48 5.29 6.35
N SER A 5 -25.53 4.48 5.89
CA SER A 5 -24.11 4.74 6.14
C SER A 5 -23.25 4.05 5.09
N SER A 6 -23.33 2.72 5.03
CA SER A 6 -22.55 1.95 4.07
C SER A 6 -23.33 0.72 3.62
N GLY A 7 -23.49 0.58 2.30
CA GLY A 7 -24.21 -0.55 1.75
C GLY A 7 -23.35 -1.39 0.82
N ASN A 8 -23.68 -1.35 -0.47
CA ASN A 8 -22.94 -2.11 -1.47
C ASN A 8 -23.01 -3.61 -1.18
N GLU A 9 -23.99 -4.27 -1.77
CA GLU A 9 -24.16 -5.70 -1.58
C GLU A 9 -23.69 -6.49 -2.80
N GLU A 10 -23.83 -5.87 -3.98
CA GLU A 10 -23.41 -6.50 -5.22
C GLU A 10 -21.89 -6.60 -5.30
N LEU A 11 -21.21 -5.63 -4.72
CA LEU A 11 -19.75 -5.60 -4.73
C LEU A 11 -19.18 -6.84 -4.06
N ARG A 12 -19.93 -7.40 -3.11
CA ARG A 12 -19.49 -8.59 -2.40
C ARG A 12 -19.23 -9.74 -3.35
N ALA A 13 -19.89 -9.72 -4.51
CA ALA A 13 -19.74 -10.77 -5.51
C ALA A 13 -18.66 -10.41 -6.53
N GLN A 14 -18.48 -9.11 -6.76
CA GLN A 14 -17.49 -8.63 -7.71
C GLN A 14 -16.07 -8.82 -7.16
N GLN A 15 -15.94 -8.77 -5.85
CA GLN A 15 -14.64 -8.93 -5.20
C GLN A 15 -14.47 -10.34 -4.66
N GLU A 16 -14.93 -11.32 -5.42
CA GLU A 16 -14.83 -12.72 -5.03
C GLU A 16 -14.14 -13.56 -6.11
N ALA A 17 -14.57 -13.35 -7.35
CA ALA A 17 -14.00 -14.09 -8.48
C ALA A 17 -13.16 -13.17 -9.37
N GLU A 18 -13.60 -11.93 -9.51
CA GLU A 18 -12.89 -10.95 -10.32
C GLU A 18 -11.72 -10.35 -9.56
N ALA A 19 -11.96 -9.99 -8.30
CA ALA A 19 -10.93 -9.39 -7.46
C ALA A 19 -10.28 -10.44 -6.57
N ALA A 20 -10.05 -11.63 -7.12
CA ALA A 20 -9.42 -12.72 -6.37
C ALA A 20 -8.56 -13.58 -7.28
N GLN A 21 -9.12 -13.99 -8.41
CA GLN A 21 -8.39 -14.82 -9.37
C GLN A 21 -7.34 -14.01 -10.11
N ARG A 22 -7.72 -12.79 -10.51
CA ARG A 22 -6.80 -11.92 -11.23
C ARG A 22 -5.87 -11.19 -10.27
N LEU A 23 -6.35 -10.90 -9.08
CA LEU A 23 -5.56 -10.21 -8.07
C LEU A 23 -4.98 -11.20 -7.06
N SER A 24 -4.69 -12.42 -7.52
CA SER A 24 -4.13 -13.45 -6.67
C SER A 24 -2.65 -13.19 -6.39
N GLU A 25 -1.97 -12.59 -7.37
CA GLU A 25 -0.55 -12.29 -7.23
C GLU A 25 -0.34 -11.11 -6.29
N GLU A 26 -1.20 -10.10 -6.41
CA GLU A 26 -1.10 -8.92 -5.57
C GLU A 26 -1.59 -9.22 -4.15
N LYS A 27 -2.56 -10.11 -4.04
CA LYS A 27 -3.11 -10.49 -2.74
C LYS A 27 -2.10 -11.31 -1.94
N ALA A 28 -1.42 -12.23 -2.63
CA ALA A 28 -0.43 -13.08 -1.98
C ALA A 28 0.69 -12.24 -1.36
N GLN A 29 1.01 -11.13 -2.00
CA GLN A 29 2.06 -10.24 -1.52
C GLN A 29 1.52 -9.29 -0.46
N ALA A 30 0.25 -8.92 -0.58
CA ALA A 30 -0.39 -8.03 0.37
C ALA A 30 -0.72 -8.74 1.67
N SER A 31 -0.97 -10.05 1.58
CA SER A 31 -1.30 -10.84 2.74
C SER A 31 -0.08 -11.57 3.27
N ALA A 32 1.09 -10.96 3.13
CA ALA A 32 2.34 -11.55 3.59
C ALA A 32 3.18 -10.52 4.34
N ILE A 33 3.32 -9.34 3.76
CA ILE A 33 4.09 -8.26 4.38
C ILE A 33 3.46 -7.80 5.69
N SER A 34 4.23 -7.87 6.78
CA SER A 34 3.75 -7.46 8.09
C SER A 34 3.78 -5.94 8.23
N VAL A 35 3.14 -5.43 9.27
CA VAL A 35 3.10 -4.00 9.53
C VAL A 35 4.04 -3.61 10.67
N GLY A 36 4.77 -2.52 10.49
CA GLY A 36 5.69 -2.06 11.51
C GLY A 36 7.04 -2.75 11.43
N SER A 37 7.56 -2.89 10.21
CA SER A 37 8.85 -3.53 9.99
C SER A 37 9.63 -2.81 8.91
N ARG A 38 10.94 -2.69 9.12
CA ARG A 38 11.81 -2.02 8.15
C ARG A 38 11.84 -2.77 6.84
N CYS A 39 11.56 -2.07 5.75
CA CYS A 39 11.56 -2.68 4.42
C CYS A 39 12.06 -1.69 3.37
N GLU A 40 12.62 -2.23 2.29
CA GLU A 40 13.14 -1.40 1.21
C GLU A 40 12.10 -1.20 0.11
N VAL A 41 12.29 -0.19 -0.72
CA VAL A 41 11.37 0.11 -1.81
C VAL A 41 12.12 0.56 -3.05
N ARG A 42 11.62 0.16 -4.22
CA ARG A 42 12.24 0.53 -5.48
C ARG A 42 11.30 1.37 -6.33
N ALA A 43 11.81 2.46 -6.88
CA ALA A 43 11.01 3.36 -7.72
C ALA A 43 11.90 4.22 -8.61
N PRO A 44 11.31 4.82 -9.65
CA PRO A 44 12.05 5.67 -10.59
C PRO A 44 12.32 7.07 -10.03
N ASP A 45 11.88 7.32 -8.80
CA ASP A 45 12.08 8.61 -8.16
C ASP A 45 13.56 8.99 -8.15
N HIS A 46 14.35 8.22 -7.43
CA HIS A 46 15.79 8.49 -7.34
C HIS A 46 16.57 7.19 -7.17
N SER A 47 16.47 6.60 -5.99
CA SER A 47 17.17 5.35 -5.70
C SER A 47 16.45 4.58 -4.58
N LEU A 48 17.07 3.49 -4.14
CA LEU A 48 16.50 2.66 -3.09
C LEU A 48 16.33 3.47 -1.81
N ARG A 49 15.26 3.16 -1.07
CA ARG A 49 14.97 3.86 0.18
C ARG A 49 14.80 2.87 1.33
N ARG A 50 14.72 3.39 2.54
CA ARG A 50 14.55 2.54 3.73
C ARG A 50 13.46 3.10 4.64
N GLY A 51 12.38 2.36 4.79
CA GLY A 51 11.28 2.79 5.63
C GLY A 51 10.63 1.64 6.39
N THR A 52 9.52 1.92 7.05
CA THR A 52 8.80 0.91 7.82
C THR A 52 7.36 0.79 7.35
N VAL A 53 6.84 -0.43 7.35
CA VAL A 53 5.46 -0.67 6.93
C VAL A 53 4.46 -0.05 7.90
N MET A 54 3.54 0.74 7.37
CA MET A 54 2.53 1.39 8.18
C MET A 54 1.13 0.90 7.84
N TYR A 55 0.82 0.86 6.54
CA TYR A 55 -0.47 0.39 6.07
C TYR A 55 -0.32 -0.58 4.92
N VAL A 56 -1.16 -1.60 4.89
CA VAL A 56 -1.12 -2.61 3.83
C VAL A 56 -2.52 -3.11 3.49
N GLY A 57 -2.99 -2.76 2.31
CA GLY A 57 -4.32 -3.18 1.89
C GLY A 57 -4.82 -2.39 0.70
N LEU A 58 -6.15 -2.38 0.52
CA LEU A 58 -6.76 -1.65 -0.58
C LEU A 58 -6.69 -0.14 -0.35
N THR A 59 -7.00 0.62 -1.38
CA THR A 59 -6.97 2.08 -1.28
C THR A 59 -8.26 2.69 -1.84
N ASP A 60 -8.32 4.01 -1.85
CA ASP A 60 -9.51 4.72 -2.35
C ASP A 60 -9.18 5.48 -3.63
N PHE A 61 -7.97 6.02 -3.71
CA PHE A 61 -7.54 6.79 -4.87
C PHE A 61 -7.13 5.85 -6.01
N LYS A 62 -6.61 4.68 -5.65
CA LYS A 62 -6.18 3.70 -6.65
C LYS A 62 -6.66 2.31 -6.28
N PRO A 63 -6.95 1.46 -7.29
CA PRO A 63 -7.41 0.09 -7.06
C PRO A 63 -6.28 -0.84 -6.62
N GLY A 64 -6.56 -2.14 -6.64
CA GLY A 64 -5.55 -3.11 -6.24
C GLY A 64 -5.08 -2.91 -4.81
N TYR A 65 -3.94 -3.51 -4.48
CA TYR A 65 -3.38 -3.39 -3.14
C TYR A 65 -2.25 -2.38 -3.12
N TRP A 66 -1.97 -1.83 -1.93
CA TRP A 66 -0.91 -0.84 -1.77
C TRP A 66 -0.22 -1.01 -0.42
N VAL A 67 0.97 -0.41 -0.30
CA VAL A 67 1.73 -0.49 0.94
C VAL A 67 2.35 0.86 1.30
N GLY A 68 2.08 1.33 2.51
CA GLY A 68 2.62 2.60 2.96
C GLY A 68 3.93 2.45 3.71
N VAL A 69 4.93 3.22 3.30
CA VAL A 69 6.24 3.17 3.94
C VAL A 69 6.78 4.58 4.20
N ARG A 70 7.23 4.81 5.43
CA ARG A 70 7.78 6.11 5.80
C ARG A 70 9.30 6.06 5.86
N TYR A 71 9.94 7.15 5.44
CA TYR A 71 11.39 7.24 5.45
C TYR A 71 11.87 8.33 6.39
N ASP A 72 13.13 8.24 6.80
CA ASP A 72 13.71 9.23 7.71
C ASP A 72 13.90 10.57 7.01
N GLU A 73 14.50 10.52 5.83
CA GLU A 73 14.75 11.74 5.05
C GLU A 73 13.58 12.02 4.10
N PRO A 74 13.53 13.24 3.54
CA PRO A 74 12.46 13.63 2.61
C PRO A 74 12.51 12.85 1.30
N LEU A 75 12.03 11.61 1.34
CA LEU A 75 12.02 10.76 0.15
C LEU A 75 10.63 10.19 -0.08
N GLY A 76 9.61 10.95 0.29
CA GLY A 76 8.24 10.50 0.11
C GLY A 76 7.51 11.29 -0.96
N LYS A 77 6.25 10.95 -1.19
CA LYS A 77 5.44 11.64 -2.19
C LYS A 77 4.12 12.12 -1.59
N ASN A 78 3.46 11.24 -0.85
CA ASN A 78 2.19 11.58 -0.22
C ASN A 78 2.40 12.04 1.22
N ASP A 79 1.31 12.34 1.91
CA ASP A 79 1.38 12.79 3.29
C ASP A 79 0.44 11.97 4.18
N GLY A 80 0.20 10.73 3.80
CA GLY A 80 -0.68 9.86 4.57
C GLY A 80 -2.13 9.99 4.14
N SER A 81 -2.63 11.22 4.09
CA SER A 81 -4.01 11.47 3.70
C SER A 81 -4.11 11.77 2.21
N VAL A 82 -4.77 10.89 1.47
CA VAL A 82 -4.95 11.06 0.03
C VAL A 82 -6.42 11.09 -0.34
N ASN A 83 -6.85 12.19 -0.93
CA ASN A 83 -8.24 12.34 -1.34
C ASN A 83 -9.18 12.28 -0.14
N GLY A 84 -8.68 12.69 1.02
CA GLY A 84 -9.48 12.67 2.22
C GLY A 84 -9.24 11.42 3.06
N LYS A 85 -8.91 10.32 2.39
CA LYS A 85 -8.66 9.06 3.08
C LYS A 85 -7.27 9.05 3.71
N ARG A 86 -7.21 8.66 4.98
CA ARG A 86 -5.95 8.61 5.70
C ARG A 86 -5.50 7.17 5.90
N TYR A 87 -4.19 6.95 5.84
CA TYR A 87 -3.63 5.61 6.02
C TYR A 87 -2.67 5.58 7.21
N PHE A 88 -1.66 6.45 7.18
CA PHE A 88 -0.68 6.53 8.25
C PHE A 88 -0.60 7.94 8.83
N GLU A 89 0.31 8.14 9.78
CA GLU A 89 0.49 9.45 10.40
C GLU A 89 1.89 9.97 10.18
N CYS A 90 2.00 11.00 9.35
CA CYS A 90 3.30 11.60 9.05
C CYS A 90 3.13 12.82 8.13
N GLN A 91 4.20 13.62 8.02
CA GLN A 91 4.17 14.81 7.18
C GLN A 91 4.25 14.43 5.70
N ALA A 92 4.39 15.44 4.85
CA ALA A 92 4.47 15.22 3.41
C ALA A 92 5.91 14.93 2.98
N LYS A 93 6.06 14.27 1.84
CA LYS A 93 7.38 13.93 1.31
C LYS A 93 8.14 13.03 2.29
N TYR A 94 7.43 12.10 2.90
CA TYR A 94 8.03 11.17 3.87
C TYR A 94 7.43 9.78 3.72
N GLY A 95 6.11 9.71 3.68
CA GLY A 95 5.43 8.43 3.55
C GLY A 95 4.97 8.17 2.13
N ALA A 96 5.81 7.51 1.35
CA ALA A 96 5.48 7.18 -0.04
C ALA A 96 4.52 6.00 -0.11
N PHE A 97 3.83 5.88 -1.25
CA PHE A 97 2.88 4.80 -1.44
C PHE A 97 3.31 3.90 -2.61
N VAL A 98 3.78 2.70 -2.29
CA VAL A 98 4.22 1.76 -3.31
C VAL A 98 3.40 0.47 -3.25
N LYS A 99 3.71 -0.46 -4.15
CA LYS A 99 3.00 -1.73 -4.21
C LYS A 99 3.86 -2.86 -3.66
N PRO A 100 3.22 -3.94 -3.16
CA PRO A 100 3.93 -5.10 -2.62
C PRO A 100 5.06 -5.52 -3.53
N SER A 101 4.73 -5.75 -4.80
CA SER A 101 5.73 -6.14 -5.79
C SER A 101 6.84 -5.11 -5.84
N ALA A 102 6.52 -3.88 -5.41
CA ALA A 102 7.50 -2.81 -5.38
C ALA A 102 8.16 -2.71 -4.01
N VAL A 103 7.59 -3.41 -3.03
CA VAL A 103 8.13 -3.40 -1.67
C VAL A 103 9.08 -4.57 -1.46
N THR A 104 9.97 -4.43 -0.48
CA THR A 104 10.94 -5.47 -0.17
C THR A 104 11.21 -5.55 1.33
N VAL A 105 10.69 -6.59 1.97
CA VAL A 105 10.88 -6.78 3.40
C VAL A 105 12.30 -7.24 3.72
N GLY A 106 12.96 -6.50 4.62
CA GLY A 106 14.31 -6.85 5.00
C GLY A 106 14.41 -7.32 6.43
N ASP A 107 13.52 -6.81 7.28
CA ASP A 107 13.51 -7.18 8.69
C ASP A 107 12.08 -7.14 9.26
N SER A 108 11.36 -8.24 9.08
CA SER A 108 9.98 -8.31 9.58
C SER A 108 9.94 -9.00 10.94
N GLY A 109 10.34 -10.27 10.98
CA GLY A 109 10.34 -11.02 12.22
C GLY A 109 10.57 -12.50 12.01
N PRO A 110 11.16 -13.19 12.99
CA PRO A 110 11.43 -14.63 12.89
C PRO A 110 10.15 -15.47 12.93
N SER A 111 9.13 -14.94 13.59
CA SER A 111 7.85 -15.63 13.69
C SER A 111 6.72 -14.65 13.98
N SER A 112 6.88 -13.86 15.03
CA SER A 112 5.87 -12.87 15.41
C SER A 112 6.52 -11.53 15.74
N GLY A 113 7.56 -11.56 16.55
CA GLY A 113 8.25 -10.35 16.94
C GLY A 113 9.76 -10.50 16.89
N GLY A 1 -19.85 4.97 15.09
CA GLY A 1 -19.05 4.82 13.85
C GLY A 1 -19.29 5.96 12.87
N SER A 2 -19.93 5.66 11.75
CA SER A 2 -20.22 6.67 10.74
C SER A 2 -21.55 6.38 10.04
N SER A 3 -21.55 5.37 9.18
CA SER A 3 -22.75 4.99 8.44
C SER A 3 -23.57 3.97 9.24
N GLY A 4 -22.89 3.16 10.03
CA GLY A 4 -23.57 2.16 10.82
C GLY A 4 -23.47 0.77 10.23
N SER A 5 -24.04 0.59 9.03
CA SER A 5 -24.01 -0.70 8.36
C SER A 5 -22.86 -0.75 7.35
N SER A 6 -22.54 0.39 6.76
CA SER A 6 -21.47 0.47 5.77
C SER A 6 -21.76 -0.43 4.58
N GLY A 7 -22.28 0.15 3.51
CA GLY A 7 -22.60 -0.62 2.32
C GLY A 7 -21.80 -0.17 1.11
N ASN A 8 -20.62 -0.76 0.93
CA ASN A 8 -19.77 -0.43 -0.20
C ASN A 8 -20.24 -1.13 -1.47
N GLU A 9 -20.44 -0.35 -2.52
CA GLU A 9 -20.89 -0.89 -3.80
C GLU A 9 -19.73 -1.01 -4.79
N GLU A 10 -18.77 -0.11 -4.67
CA GLU A 10 -17.61 -0.10 -5.56
C GLU A 10 -16.69 -1.27 -5.25
N LEU A 11 -16.37 -1.46 -3.97
CA LEU A 11 -15.49 -2.55 -3.54
C LEU A 11 -16.20 -3.90 -3.69
N ARG A 12 -17.51 -3.90 -3.54
CA ARG A 12 -18.29 -5.12 -3.66
C ARG A 12 -18.13 -5.75 -5.04
N ALA A 13 -17.98 -4.91 -6.05
CA ALA A 13 -17.81 -5.38 -7.42
C ALA A 13 -16.33 -5.56 -7.76
N GLN A 14 -15.49 -4.73 -7.15
CA GLN A 14 -14.06 -4.80 -7.39
C GLN A 14 -13.45 -6.04 -6.74
N GLN A 15 -14.05 -6.48 -5.64
CA GLN A 15 -13.56 -7.66 -4.93
C GLN A 15 -14.35 -8.90 -5.31
N GLU A 16 -14.86 -8.93 -6.54
CA GLU A 16 -15.63 -10.07 -7.03
C GLU A 16 -14.75 -11.02 -7.83
N ALA A 17 -14.41 -10.63 -9.04
CA ALA A 17 -13.57 -11.46 -9.90
C ALA A 17 -12.21 -10.81 -10.13
N GLU A 18 -12.18 -9.48 -10.09
CA GLU A 18 -10.94 -8.74 -10.29
C GLU A 18 -9.97 -8.96 -9.13
N ALA A 19 -10.49 -8.87 -7.91
CA ALA A 19 -9.68 -9.06 -6.72
C ALA A 19 -9.78 -10.49 -6.20
N ALA A 20 -9.80 -11.45 -7.13
CA ALA A 20 -9.89 -12.86 -6.76
C ALA A 20 -8.85 -13.69 -7.51
N GLN A 21 -8.74 -13.46 -8.80
CA GLN A 21 -7.79 -14.19 -9.64
C GLN A 21 -6.83 -13.22 -10.33
N ARG A 22 -7.38 -12.20 -10.97
CA ARG A 22 -6.57 -11.21 -11.67
C ARG A 22 -5.65 -10.47 -10.70
N LEU A 23 -6.12 -10.32 -9.46
CA LEU A 23 -5.34 -9.63 -8.44
C LEU A 23 -4.86 -10.60 -7.37
N SER A 24 -4.62 -11.84 -7.76
CA SER A 24 -4.18 -12.87 -6.83
C SER A 24 -2.70 -12.67 -6.49
N GLU A 25 -1.94 -12.15 -7.45
CA GLU A 25 -0.51 -11.91 -7.25
C GLU A 25 -0.29 -10.70 -6.35
N GLU A 26 -1.07 -9.65 -6.58
CA GLU A 26 -0.96 -8.43 -5.79
C GLU A 26 -1.38 -8.67 -4.35
N LYS A 27 -2.34 -9.56 -4.16
CA LYS A 27 -2.84 -9.88 -2.82
C LYS A 27 -1.80 -10.68 -2.04
N ALA A 28 -1.14 -11.61 -2.72
CA ALA A 28 -0.13 -12.45 -2.09
C ALA A 28 1.00 -11.60 -1.50
N GLN A 29 1.46 -10.62 -2.27
CA GLN A 29 2.54 -9.74 -1.83
C GLN A 29 2.04 -8.79 -0.74
N ALA A 30 0.76 -8.44 -0.80
CA ALA A 30 0.17 -7.54 0.18
C ALA A 30 -0.15 -8.27 1.47
N SER A 31 -0.34 -9.58 1.38
CA SER A 31 -0.66 -10.40 2.55
C SER A 31 0.60 -11.06 3.11
N ALA A 32 1.73 -10.37 2.98
CA ALA A 32 3.00 -10.88 3.48
C ALA A 32 3.75 -9.82 4.27
N ILE A 33 3.82 -8.62 3.71
CA ILE A 33 4.52 -7.51 4.37
C ILE A 33 3.73 -7.01 5.58
N SER A 34 4.15 -7.44 6.76
CA SER A 34 3.49 -7.04 8.00
C SER A 34 3.74 -5.56 8.29
N VAL A 35 2.92 -4.99 9.17
CA VAL A 35 3.05 -3.59 9.54
C VAL A 35 4.15 -3.38 10.57
N GLY A 36 4.72 -2.18 10.60
CA GLY A 36 5.77 -1.88 11.54
C GLY A 36 7.01 -2.73 11.32
N SER A 37 7.32 -2.99 10.04
CA SER A 37 8.49 -3.80 9.70
C SER A 37 9.41 -3.04 8.75
N ARG A 38 10.65 -2.83 9.17
CA ARG A 38 11.62 -2.11 8.35
C ARG A 38 11.85 -2.84 7.03
N CYS A 39 11.63 -2.14 5.93
CA CYS A 39 11.81 -2.71 4.60
C CYS A 39 12.35 -1.67 3.63
N GLU A 40 12.58 -2.09 2.39
CA GLU A 40 13.10 -1.20 1.37
C GLU A 40 12.03 -0.88 0.33
N VAL A 41 12.38 -0.06 -0.66
CA VAL A 41 11.45 0.32 -1.72
C VAL A 41 12.17 0.48 -3.05
N ARG A 42 11.46 0.19 -4.14
CA ARG A 42 12.02 0.32 -5.48
C ARG A 42 11.01 0.90 -6.44
N ALA A 43 11.14 2.20 -6.72
CA ALA A 43 10.23 2.87 -7.63
C ALA A 43 10.96 3.96 -8.42
N PRO A 44 10.33 4.46 -9.50
CA PRO A 44 10.92 5.51 -10.34
C PRO A 44 10.99 6.86 -9.63
N ASP A 45 11.75 6.92 -8.54
CA ASP A 45 11.90 8.13 -7.77
C ASP A 45 13.37 8.54 -7.67
N HIS A 46 14.19 7.66 -7.12
CA HIS A 46 15.62 7.93 -6.97
C HIS A 46 16.41 6.63 -6.90
N SER A 47 16.23 5.89 -5.81
CA SER A 47 16.93 4.63 -5.62
C SER A 47 16.35 3.86 -4.43
N LEU A 48 16.94 2.70 -4.14
CA LEU A 48 16.49 1.88 -3.02
C LEU A 48 16.60 2.64 -1.70
N ARG A 49 15.45 2.91 -1.09
CA ARG A 49 15.42 3.62 0.18
C ARG A 49 15.05 2.69 1.33
N ARG A 50 15.00 3.24 2.54
CA ARG A 50 14.67 2.45 3.72
C ARG A 50 13.54 3.12 4.51
N GLY A 51 12.46 2.37 4.74
CA GLY A 51 11.33 2.91 5.48
C GLY A 51 10.66 1.87 6.35
N THR A 52 9.45 2.17 6.81
CA THR A 52 8.71 1.24 7.65
C THR A 52 7.25 1.13 7.18
N VAL A 53 6.69 -0.06 7.34
CA VAL A 53 5.30 -0.30 6.93
C VAL A 53 4.33 0.34 7.91
N MET A 54 3.37 1.09 7.36
CA MET A 54 2.37 1.77 8.19
C MET A 54 0.96 1.29 7.83
N TYR A 55 0.71 1.14 6.54
CA TYR A 55 -0.60 0.69 6.07
C TYR A 55 -0.45 -0.28 4.89
N VAL A 56 -1.28 -1.31 4.89
CA VAL A 56 -1.24 -2.31 3.82
C VAL A 56 -2.65 -2.71 3.38
N GLY A 57 -3.00 -2.38 2.15
CA GLY A 57 -4.31 -2.71 1.64
C GLY A 57 -4.68 -1.91 0.40
N LEU A 58 -5.95 -1.95 0.02
CA LEU A 58 -6.42 -1.23 -1.16
C LEU A 58 -6.59 0.26 -0.84
N THR A 59 -6.75 1.06 -1.89
CA THR A 59 -6.93 2.50 -1.72
C THR A 59 -8.06 3.02 -2.60
N ASP A 60 -8.26 4.33 -2.59
CA ASP A 60 -9.32 4.95 -3.39
C ASP A 60 -8.73 5.76 -4.54
N PHE A 61 -7.60 6.39 -4.30
CA PHE A 61 -6.93 7.19 -5.33
C PHE A 61 -6.57 6.34 -6.54
N LYS A 62 -6.28 5.06 -6.29
CA LYS A 62 -5.92 4.15 -7.36
C LYS A 62 -6.28 2.71 -6.99
N PRO A 63 -6.69 1.90 -7.98
CA PRO A 63 -7.06 0.50 -7.75
C PRO A 63 -5.85 -0.38 -7.46
N GLY A 64 -6.09 -1.49 -6.75
CA GLY A 64 -5.01 -2.39 -6.42
C GLY A 64 -4.52 -2.23 -5.00
N TYR A 65 -3.64 -3.13 -4.57
CA TYR A 65 -3.11 -3.08 -3.21
C TYR A 65 -1.96 -2.08 -3.12
N TRP A 66 -1.87 -1.37 -2.00
CA TRP A 66 -0.83 -0.39 -1.78
C TRP A 66 -0.18 -0.57 -0.41
N VAL A 67 1.11 -0.27 -0.32
CA VAL A 67 1.85 -0.40 0.93
C VAL A 67 2.53 0.91 1.31
N GLY A 68 2.22 1.41 2.50
CA GLY A 68 2.81 2.64 2.96
C GLY A 68 4.18 2.44 3.57
N VAL A 69 5.15 3.24 3.14
CA VAL A 69 6.51 3.13 3.64
C VAL A 69 7.04 4.50 4.09
N ARG A 70 7.32 4.64 5.38
CA ARG A 70 7.83 5.89 5.92
C ARG A 70 9.34 5.84 6.05
N TYR A 71 10.01 6.82 5.45
CA TYR A 71 11.46 6.90 5.50
C TYR A 71 11.93 7.68 6.73
N ASP A 72 13.08 7.29 7.27
CA ASP A 72 13.64 7.95 8.45
C ASP A 72 13.99 9.40 8.13
N GLU A 73 14.39 9.65 6.90
CA GLU A 73 14.76 11.00 6.47
C GLU A 73 13.66 11.64 5.63
N PRO A 74 13.62 12.97 5.56
CA PRO A 74 12.61 13.70 4.79
C PRO A 74 12.79 13.52 3.29
N LEU A 75 12.41 12.35 2.79
CA LEU A 75 12.53 12.05 1.37
C LEU A 75 11.34 11.22 0.88
N GLY A 76 10.19 11.42 1.50
CA GLY A 76 9.00 10.69 1.12
C GLY A 76 8.37 11.23 -0.15
N LYS A 77 7.04 11.11 -0.25
CA LYS A 77 6.32 11.59 -1.41
C LYS A 77 4.98 12.21 -1.01
N ASN A 78 4.24 11.50 -0.16
CA ASN A 78 2.94 11.97 0.30
C ASN A 78 2.97 12.24 1.80
N ASP A 79 1.88 12.81 2.31
CA ASP A 79 1.77 13.12 3.73
C ASP A 79 1.09 11.98 4.49
N GLY A 80 0.03 11.44 3.90
CA GLY A 80 -0.69 10.35 4.54
C GLY A 80 -2.17 10.36 4.21
N SER A 81 -2.71 11.54 3.94
CA SER A 81 -4.12 11.68 3.61
C SER A 81 -4.30 11.95 2.13
N VAL A 82 -4.96 11.03 1.44
CA VAL A 82 -5.21 11.16 0.01
C VAL A 82 -6.68 10.92 -0.32
N ASN A 83 -7.30 11.90 -0.97
CA ASN A 83 -8.71 11.79 -1.34
C ASN A 83 -9.59 11.64 -0.12
N GLY A 84 -9.08 12.09 1.03
CA GLY A 84 -9.84 12.00 2.27
C GLY A 84 -9.49 10.76 3.07
N LYS A 85 -9.08 9.71 2.37
CA LYS A 85 -8.72 8.46 3.03
C LYS A 85 -7.39 8.60 3.78
N ARG A 86 -7.29 7.93 4.93
CA ARG A 86 -6.08 7.99 5.74
C ARG A 86 -5.38 6.62 5.76
N TYR A 87 -4.13 6.62 6.17
CA TYR A 87 -3.35 5.39 6.24
C TYR A 87 -2.47 5.36 7.49
N PHE A 88 -1.74 6.44 7.71
CA PHE A 88 -0.86 6.53 8.87
C PHE A 88 -0.92 7.93 9.49
N GLU A 89 -0.14 8.14 10.55
CA GLU A 89 -0.11 9.43 11.23
C GLU A 89 1.32 9.96 11.32
N CYS A 90 1.78 10.57 10.23
CA CYS A 90 3.13 11.12 10.18
C CYS A 90 3.14 12.48 9.49
N GLN A 91 4.32 13.08 9.38
CA GLN A 91 4.47 14.38 8.73
C GLN A 91 4.50 14.23 7.21
N ALA A 92 4.75 15.34 6.53
CA ALA A 92 4.80 15.34 5.08
C ALA A 92 6.23 15.11 4.58
N LYS A 93 6.36 14.68 3.33
CA LYS A 93 7.66 14.43 2.74
C LYS A 93 8.43 13.35 3.52
N TYR A 94 7.68 12.35 3.99
CA TYR A 94 8.28 11.25 4.76
C TYR A 94 7.66 9.92 4.36
N GLY A 95 6.34 9.88 4.30
CA GLY A 95 5.65 8.66 3.92
C GLY A 95 5.44 8.53 2.43
N ALA A 96 5.65 7.33 1.90
CA ALA A 96 5.48 7.08 0.47
C ALA A 96 4.61 5.86 0.23
N PHE A 97 3.80 5.91 -0.82
CA PHE A 97 2.92 4.80 -1.16
C PHE A 97 3.45 4.03 -2.37
N VAL A 98 3.94 2.81 -2.13
CA VAL A 98 4.47 1.98 -3.19
C VAL A 98 3.71 0.66 -3.30
N LYS A 99 4.11 -0.17 -4.24
CA LYS A 99 3.46 -1.46 -4.45
C LYS A 99 4.27 -2.60 -3.82
N PRO A 100 3.59 -3.64 -3.32
CA PRO A 100 4.25 -4.79 -2.70
C PRO A 100 5.44 -5.27 -3.53
N SER A 101 5.17 -5.54 -4.80
CA SER A 101 6.22 -5.97 -5.71
C SER A 101 7.34 -4.94 -5.74
N ALA A 102 7.00 -3.70 -5.37
CA ALA A 102 7.98 -2.63 -5.34
C ALA A 102 8.58 -2.50 -3.93
N VAL A 103 7.97 -3.17 -2.97
CA VAL A 103 8.44 -3.13 -1.59
C VAL A 103 9.25 -4.38 -1.25
N THR A 104 10.52 -4.20 -0.91
CA THR A 104 11.38 -5.32 -0.56
C THR A 104 11.51 -5.46 0.96
N VAL A 105 10.96 -6.54 1.50
CA VAL A 105 11.01 -6.78 2.94
C VAL A 105 12.38 -7.31 3.35
N GLY A 106 12.93 -6.72 4.41
CA GLY A 106 14.23 -7.15 4.89
C GLY A 106 14.15 -7.92 6.19
N ASP A 107 13.12 -7.62 6.98
CA ASP A 107 12.93 -8.30 8.27
C ASP A 107 11.58 -7.93 8.87
N SER A 108 10.55 -8.70 8.52
CA SER A 108 9.20 -8.46 9.02
C SER A 108 8.81 -9.50 10.06
N GLY A 109 8.67 -10.75 9.61
CA GLY A 109 8.29 -11.82 10.52
C GLY A 109 6.81 -12.12 10.49
N PRO A 110 6.39 -13.14 9.71
CA PRO A 110 4.98 -13.52 9.60
C PRO A 110 4.44 -14.09 10.91
N SER A 111 3.29 -13.58 11.34
CA SER A 111 2.66 -14.04 12.57
C SER A 111 1.17 -13.67 12.60
N SER A 112 0.87 -12.43 12.23
CA SER A 112 -0.50 -11.94 12.21
C SER A 112 -0.83 -11.30 10.88
N GLY A 113 -0.23 -11.82 9.80
CA GLY A 113 -0.48 -11.27 8.48
C GLY A 113 0.72 -10.52 7.92
N GLY A 1 -23.23 24.05 2.17
CA GLY A 1 -22.80 22.63 2.07
C GLY A 1 -23.16 22.00 0.74
N SER A 2 -23.84 20.86 0.79
CA SER A 2 -24.24 20.17 -0.42
C SER A 2 -23.02 19.77 -1.26
N SER A 3 -22.55 18.54 -1.05
CA SER A 3 -21.39 18.04 -1.79
C SER A 3 -21.76 17.69 -3.22
N GLY A 4 -20.76 17.51 -4.07
CA GLY A 4 -21.01 17.16 -5.46
C GLY A 4 -21.66 15.81 -5.60
N SER A 5 -22.06 15.48 -6.82
CA SER A 5 -22.71 14.20 -7.09
C SER A 5 -21.84 13.33 -7.99
N SER A 6 -20.86 12.66 -7.38
CA SER A 6 -19.95 11.79 -8.12
C SER A 6 -20.65 10.52 -8.55
N GLY A 7 -20.23 9.96 -9.68
CA GLY A 7 -20.83 8.75 -10.19
C GLY A 7 -19.79 7.73 -10.62
N ASN A 8 -19.69 6.63 -9.86
CA ASN A 8 -18.74 5.57 -10.18
C ASN A 8 -19.41 4.21 -10.14
N GLU A 9 -20.68 4.16 -10.53
CA GLU A 9 -21.44 2.92 -10.55
C GLU A 9 -20.89 1.96 -11.61
N GLU A 10 -20.36 2.52 -12.68
CA GLU A 10 -19.80 1.72 -13.76
C GLU A 10 -18.49 1.07 -13.33
N LEU A 11 -17.69 1.81 -12.56
CA LEU A 11 -16.40 1.30 -12.08
C LEU A 11 -16.60 0.08 -11.19
N ARG A 12 -17.72 0.04 -10.47
CA ARG A 12 -18.02 -1.06 -9.59
C ARG A 12 -18.08 -2.38 -10.36
N ALA A 13 -18.54 -2.31 -11.59
CA ALA A 13 -18.64 -3.51 -12.45
C ALA A 13 -17.26 -4.07 -12.75
N GLN A 14 -16.29 -3.18 -12.91
CA GLN A 14 -14.92 -3.59 -13.22
C GLN A 14 -14.21 -4.08 -11.96
N GLN A 15 -14.64 -3.58 -10.81
CA GLN A 15 -14.04 -3.98 -9.54
C GLN A 15 -14.85 -5.08 -8.87
N GLU A 16 -15.40 -5.99 -9.67
CA GLU A 16 -16.20 -7.09 -9.16
C GLU A 16 -15.72 -8.42 -9.75
N ALA A 17 -15.49 -8.43 -11.05
CA ALA A 17 -15.02 -9.64 -11.73
C ALA A 17 -13.60 -9.48 -12.24
N GLU A 18 -13.30 -8.29 -12.75
CA GLU A 18 -11.97 -7.99 -13.28
C GLU A 18 -10.98 -7.74 -12.14
N ALA A 19 -11.38 -6.89 -11.19
CA ALA A 19 -10.53 -6.55 -10.06
C ALA A 19 -10.89 -7.41 -8.83
N ALA A 20 -11.18 -8.68 -9.08
CA ALA A 20 -11.53 -9.60 -8.00
C ALA A 20 -10.83 -10.94 -8.17
N GLN A 21 -10.88 -11.48 -9.38
CA GLN A 21 -10.25 -12.76 -9.69
C GLN A 21 -8.85 -12.56 -10.23
N ARG A 22 -8.62 -11.41 -10.85
CA ARG A 22 -7.30 -11.09 -11.43
C ARG A 22 -6.49 -10.23 -10.47
N LEU A 23 -6.70 -10.42 -9.18
CA LEU A 23 -5.99 -9.66 -8.16
C LEU A 23 -5.53 -10.56 -7.02
N SER A 24 -5.26 -11.82 -7.33
CA SER A 24 -4.82 -12.79 -6.33
C SER A 24 -3.32 -12.67 -6.08
N GLU A 25 -2.58 -12.28 -7.12
CA GLU A 25 -1.14 -12.13 -7.01
C GLU A 25 -0.78 -11.01 -6.04
N GLU A 26 -1.53 -9.92 -6.10
CA GLU A 26 -1.30 -8.77 -5.22
C GLU A 26 -1.75 -9.09 -3.80
N LYS A 27 -2.78 -9.92 -3.68
CA LYS A 27 -3.30 -10.29 -2.37
C LYS A 27 -2.25 -11.05 -1.55
N ALA A 28 -1.56 -11.97 -2.21
CA ALA A 28 -0.52 -12.75 -1.55
C ALA A 28 0.58 -11.85 -0.98
N GLN A 29 1.21 -11.08 -1.86
CA GLN A 29 2.27 -10.17 -1.45
C GLN A 29 1.77 -9.18 -0.40
N ALA A 30 0.52 -8.75 -0.55
CA ALA A 30 -0.08 -7.80 0.38
C ALA A 30 -0.20 -8.41 1.77
N SER A 31 -0.36 -9.73 1.83
CA SER A 31 -0.50 -10.43 3.10
C SER A 31 0.84 -11.03 3.54
N ALA A 32 1.93 -10.37 3.16
CA ALA A 32 3.26 -10.84 3.51
C ALA A 32 4.05 -9.75 4.25
N ILE A 33 3.95 -8.52 3.77
CA ILE A 33 4.65 -7.41 4.39
C ILE A 33 3.98 -7.00 5.70
N SER A 34 4.65 -7.28 6.80
CA SER A 34 4.13 -6.95 8.12
C SER A 34 4.16 -5.45 8.36
N VAL A 35 3.60 -5.01 9.49
CA VAL A 35 3.56 -3.61 9.83
C VAL A 35 4.60 -3.26 10.88
N GLY A 36 5.19 -2.08 10.76
CA GLY A 36 6.21 -1.66 11.71
C GLY A 36 7.52 -2.38 11.53
N SER A 37 7.83 -2.73 10.28
CA SER A 37 9.06 -3.45 9.97
C SER A 37 9.84 -2.74 8.86
N ARG A 38 11.15 -2.66 9.02
CA ARG A 38 12.01 -2.01 8.04
C ARG A 38 12.02 -2.79 6.72
N CYS A 39 11.65 -2.12 5.63
CA CYS A 39 11.62 -2.76 4.33
C CYS A 39 12.12 -1.81 3.25
N GLU A 40 12.78 -2.36 2.24
CA GLU A 40 13.31 -1.56 1.13
C GLU A 40 12.22 -1.22 0.13
N VAL A 41 12.34 -0.06 -0.50
CA VAL A 41 11.36 0.39 -1.48
C VAL A 41 12.04 0.78 -2.79
N ARG A 42 11.48 0.31 -3.91
CA ARG A 42 12.03 0.62 -5.22
C ARG A 42 11.14 1.59 -5.98
N ALA A 43 11.65 2.80 -6.21
CA ALA A 43 10.90 3.83 -6.92
C ALA A 43 11.83 4.69 -7.78
N PRO A 44 11.28 5.31 -8.84
CA PRO A 44 12.06 6.17 -9.73
C PRO A 44 12.37 7.54 -9.14
N ASP A 45 11.84 7.78 -7.93
CA ASP A 45 12.08 9.06 -7.25
C ASP A 45 13.56 9.37 -7.13
N HIS A 46 14.32 8.39 -6.66
CA HIS A 46 15.77 8.55 -6.49
C HIS A 46 16.48 7.20 -6.51
N SER A 47 16.31 6.43 -5.44
CA SER A 47 16.94 5.12 -5.34
C SER A 47 16.26 4.28 -4.26
N LEU A 48 16.77 3.06 -4.06
CA LEU A 48 16.21 2.16 -3.06
C LEU A 48 16.59 2.60 -1.66
N ARG A 49 15.60 3.00 -0.87
CA ARG A 49 15.82 3.45 0.49
C ARG A 49 15.22 2.48 1.50
N ARG A 50 15.51 2.70 2.78
CA ARG A 50 15.00 1.85 3.84
C ARG A 50 13.84 2.52 4.58
N GLY A 51 12.63 2.06 4.32
CA GLY A 51 11.46 2.63 4.97
C GLY A 51 10.83 1.69 5.97
N THR A 52 9.68 2.08 6.52
CA THR A 52 8.98 1.26 7.49
C THR A 52 7.52 1.09 7.10
N VAL A 53 7.02 -0.14 7.22
CA VAL A 53 5.63 -0.44 6.89
C VAL A 53 4.67 0.29 7.83
N MET A 54 3.69 0.98 7.25
CA MET A 54 2.71 1.72 8.04
C MET A 54 1.29 1.20 7.76
N TYR A 55 1.00 0.97 6.48
CA TYR A 55 -0.32 0.48 6.09
C TYR A 55 -0.21 -0.47 4.91
N VAL A 56 -1.02 -1.53 4.92
CA VAL A 56 -1.01 -2.51 3.85
C VAL A 56 -2.43 -3.00 3.54
N GLY A 57 -3.01 -2.46 2.48
CA GLY A 57 -4.36 -2.84 2.10
C GLY A 57 -4.75 -2.31 0.74
N LEU A 58 -5.96 -1.77 0.65
CA LEU A 58 -6.46 -1.22 -0.61
C LEU A 58 -6.72 0.28 -0.49
N THR A 59 -7.07 0.90 -1.61
CA THR A 59 -7.35 2.34 -1.63
C THR A 59 -8.56 2.64 -2.50
N ASP A 60 -8.88 3.93 -2.64
CA ASP A 60 -10.02 4.35 -3.44
C ASP A 60 -9.55 5.13 -4.67
N PHE A 61 -8.51 5.93 -4.49
CA PHE A 61 -7.98 6.75 -5.58
C PHE A 61 -7.33 5.86 -6.65
N LYS A 62 -6.78 4.73 -6.22
CA LYS A 62 -6.13 3.80 -7.13
C LYS A 62 -6.54 2.36 -6.83
N PRO A 63 -6.67 1.51 -7.86
CA PRO A 63 -7.05 0.11 -7.69
C PRO A 63 -5.91 -0.75 -7.16
N GLY A 64 -6.20 -2.01 -6.88
CA GLY A 64 -5.19 -2.91 -6.37
C GLY A 64 -4.77 -2.57 -4.95
N TYR A 65 -3.97 -3.44 -4.35
CA TYR A 65 -3.48 -3.23 -2.99
C TYR A 65 -2.34 -2.22 -2.97
N TRP A 66 -2.27 -1.43 -1.92
CA TRP A 66 -1.22 -0.42 -1.78
C TRP A 66 -0.56 -0.51 -0.41
N VAL A 67 0.76 -0.36 -0.38
CA VAL A 67 1.51 -0.42 0.86
C VAL A 67 2.18 0.92 1.18
N GLY A 68 1.84 1.49 2.34
CA GLY A 68 2.40 2.76 2.73
C GLY A 68 3.70 2.60 3.50
N VAL A 69 4.79 3.09 2.93
CA VAL A 69 6.10 3.00 3.58
C VAL A 69 6.67 4.39 3.87
N ARG A 70 7.19 4.57 5.08
CA ARG A 70 7.76 5.85 5.48
C ARG A 70 9.29 5.80 5.43
N TYR A 71 9.89 6.92 5.02
CA TYR A 71 11.34 7.00 4.93
C TYR A 71 11.92 7.77 6.12
N ASP A 72 13.24 7.73 6.25
CA ASP A 72 13.93 8.42 7.34
C ASP A 72 14.21 9.88 6.96
N GLU A 73 14.47 10.11 5.69
CA GLU A 73 14.76 11.45 5.20
C GLU A 73 13.54 12.05 4.48
N PRO A 74 13.47 13.39 4.40
CA PRO A 74 12.36 14.07 3.74
C PRO A 74 12.37 13.87 2.23
N LEU A 75 11.82 12.74 1.78
CA LEU A 75 11.77 12.43 0.35
C LEU A 75 10.54 11.58 0.03
N GLY A 76 9.38 12.03 0.49
CA GLY A 76 8.16 11.30 0.24
C GLY A 76 7.30 11.95 -0.83
N LYS A 77 6.01 11.62 -0.84
CA LYS A 77 5.09 12.18 -1.83
C LYS A 77 3.82 12.70 -1.15
N ASN A 78 3.22 11.87 -0.30
CA ASN A 78 2.01 12.24 0.41
C ASN A 78 2.30 12.49 1.88
N ASP A 79 1.26 12.88 2.63
CA ASP A 79 1.40 13.14 4.05
C ASP A 79 0.74 12.05 4.88
N GLY A 80 -0.33 11.47 4.33
CA GLY A 80 -1.04 10.42 5.04
C GLY A 80 -2.45 10.24 4.53
N SER A 81 -3.04 11.31 4.01
CA SER A 81 -4.40 11.27 3.49
C SER A 81 -4.41 11.46 1.98
N VAL A 82 -5.23 10.66 1.30
CA VAL A 82 -5.33 10.73 -0.15
C VAL A 82 -6.79 10.79 -0.60
N ASN A 83 -7.18 11.90 -1.19
CA ASN A 83 -8.55 12.09 -1.66
C ASN A 83 -9.53 12.01 -0.51
N GLY A 84 -9.10 12.47 0.66
CA GLY A 84 -9.95 12.45 1.83
C GLY A 84 -9.97 11.10 2.52
N LYS A 85 -8.85 10.37 2.41
CA LYS A 85 -8.74 9.05 3.02
C LYS A 85 -7.37 8.86 3.66
N ARG A 86 -7.36 8.71 4.98
CA ARG A 86 -6.11 8.52 5.71
C ARG A 86 -5.72 7.05 5.76
N TYR A 87 -4.43 6.79 5.86
CA TYR A 87 -3.92 5.42 5.91
C TYR A 87 -2.92 5.25 7.05
N PHE A 88 -1.88 6.09 7.05
CA PHE A 88 -0.85 6.03 8.08
C PHE A 88 -0.79 7.34 8.85
N GLU A 89 0.19 7.45 9.75
CA GLU A 89 0.36 8.65 10.55
C GLU A 89 1.79 9.17 10.45
N CYS A 90 1.97 10.29 9.76
CA CYS A 90 3.29 10.89 9.60
C CYS A 90 3.18 12.27 8.96
N GLN A 91 4.33 12.92 8.79
CA GLN A 91 4.37 14.25 8.18
C GLN A 91 4.47 14.16 6.67
N ALA A 92 4.41 15.31 6.01
CA ALA A 92 4.49 15.36 4.55
C ALA A 92 5.92 15.11 4.08
N LYS A 93 6.05 14.59 2.86
CA LYS A 93 7.35 14.31 2.28
C LYS A 93 8.11 13.28 3.13
N TYR A 94 7.40 12.29 3.62
CA TYR A 94 8.00 11.24 4.45
C TYR A 94 7.35 9.89 4.19
N GLY A 95 6.02 9.88 4.19
CA GLY A 95 5.30 8.64 3.95
C GLY A 95 4.77 8.53 2.53
N ALA A 96 5.36 7.63 1.75
CA ALA A 96 4.94 7.44 0.37
C ALA A 96 4.03 6.22 0.24
N PHE A 97 3.58 5.95 -0.98
CA PHE A 97 2.70 4.81 -1.24
C PHE A 97 3.22 3.97 -2.41
N VAL A 98 3.79 2.82 -2.09
CA VAL A 98 4.33 1.93 -3.11
C VAL A 98 3.58 0.60 -3.12
N LYS A 99 3.80 -0.19 -4.17
CA LYS A 99 3.14 -1.48 -4.30
C LYS A 99 3.97 -2.58 -3.65
N PRO A 100 3.31 -3.62 -3.11
CA PRO A 100 4.00 -4.74 -2.46
C PRO A 100 5.16 -5.24 -3.30
N SER A 101 4.87 -5.52 -4.58
CA SER A 101 5.89 -5.97 -5.50
C SER A 101 7.03 -4.97 -5.55
N ALA A 102 6.70 -3.72 -5.21
CA ALA A 102 7.70 -2.65 -5.20
C ALA A 102 8.37 -2.57 -3.83
N VAL A 103 7.78 -3.22 -2.83
CA VAL A 103 8.32 -3.23 -1.48
C VAL A 103 9.07 -4.53 -1.19
N THR A 104 10.18 -4.41 -0.48
CA THR A 104 11.00 -5.58 -0.15
C THR A 104 11.24 -5.65 1.36
N VAL A 105 10.72 -6.70 1.99
CA VAL A 105 10.88 -6.88 3.43
C VAL A 105 12.15 -7.66 3.74
N GLY A 106 12.87 -7.23 4.77
CA GLY A 106 14.10 -7.89 5.15
C GLY A 106 14.04 -8.46 6.56
N ASP A 107 13.87 -7.57 7.54
CA ASP A 107 13.80 -7.99 8.93
C ASP A 107 12.42 -7.69 9.53
N SER A 108 11.83 -8.68 10.17
CA SER A 108 10.52 -8.52 10.78
C SER A 108 10.63 -8.37 12.29
N GLY A 109 9.60 -7.81 12.90
CA GLY A 109 9.60 -7.62 14.35
C GLY A 109 9.62 -6.15 14.73
N PRO A 110 8.44 -5.54 14.94
CA PRO A 110 8.34 -4.13 15.31
C PRO A 110 8.84 -3.87 16.73
N SER A 111 9.20 -2.63 17.01
CA SER A 111 9.69 -2.24 18.33
C SER A 111 8.89 -1.08 18.90
N SER A 112 8.63 -0.09 18.07
CA SER A 112 7.86 1.08 18.50
C SER A 112 6.38 0.88 18.26
N GLY A 113 6.03 0.44 17.05
CA GLY A 113 4.64 0.20 16.71
C GLY A 113 4.37 0.28 15.22
N GLY A 1 -27.42 -9.82 9.67
CA GLY A 1 -26.89 -10.69 8.58
C GLY A 1 -25.98 -9.96 7.63
N SER A 2 -26.48 -9.63 6.45
CA SER A 2 -25.69 -8.92 5.45
C SER A 2 -25.72 -7.42 5.71
N SER A 3 -26.92 -6.86 5.77
CA SER A 3 -27.09 -5.43 6.01
C SER A 3 -26.41 -4.60 4.92
N GLY A 4 -26.46 -3.29 5.05
CA GLY A 4 -25.85 -2.41 4.07
C GLY A 4 -26.86 -1.83 3.10
N SER A 5 -26.53 -0.68 2.51
CA SER A 5 -27.42 -0.02 1.56
C SER A 5 -27.20 -0.55 0.15
N SER A 6 -25.93 -0.71 -0.22
CA SER A 6 -25.58 -1.21 -1.55
C SER A 6 -24.09 -1.52 -1.63
N GLY A 7 -23.70 -2.21 -2.70
CA GLY A 7 -22.30 -2.56 -2.88
C GLY A 7 -21.84 -2.35 -4.30
N ASN A 8 -21.29 -3.40 -4.91
CA ASN A 8 -20.81 -3.33 -6.28
C ASN A 8 -21.82 -3.91 -7.26
N GLU A 9 -22.14 -3.14 -8.30
CA GLU A 9 -23.11 -3.58 -9.30
C GLU A 9 -22.40 -4.11 -10.55
N GLU A 10 -21.23 -3.55 -10.85
CA GLU A 10 -20.45 -3.96 -12.01
C GLU A 10 -19.08 -4.50 -11.58
N LEU A 11 -18.46 -3.83 -10.62
CA LEU A 11 -17.15 -4.24 -10.12
C LEU A 11 -17.22 -5.63 -9.49
N ARG A 12 -18.39 -5.96 -8.94
CA ARG A 12 -18.58 -7.26 -8.31
C ARG A 12 -18.29 -8.39 -9.28
N ALA A 13 -18.47 -8.13 -10.57
CA ALA A 13 -18.23 -9.13 -11.60
C ALA A 13 -17.01 -8.77 -12.44
N GLN A 14 -16.85 -7.49 -12.73
CA GLN A 14 -15.73 -7.01 -13.53
C GLN A 14 -14.40 -7.24 -12.81
N GLN A 15 -14.45 -7.25 -11.48
CA GLN A 15 -13.25 -7.46 -10.67
C GLN A 15 -13.14 -8.91 -10.23
N GLU A 16 -13.57 -9.83 -11.09
CA GLU A 16 -13.51 -11.25 -10.80
C GLU A 16 -12.62 -12.00 -11.79
N ALA A 17 -12.69 -11.59 -13.05
CA ALA A 17 -11.88 -12.21 -14.09
C ALA A 17 -10.80 -11.26 -14.59
N GLU A 18 -11.09 -9.97 -14.58
CA GLU A 18 -10.14 -8.96 -15.03
C GLU A 18 -9.20 -8.56 -13.90
N ALA A 19 -9.78 -8.30 -12.73
CA ALA A 19 -8.99 -7.89 -11.57
C ALA A 19 -8.70 -9.09 -10.67
N ALA A 20 -8.39 -10.22 -11.29
CA ALA A 20 -8.08 -11.44 -10.55
C ALA A 20 -6.99 -12.25 -11.23
N GLN A 21 -7.12 -12.43 -12.53
CA GLN A 21 -6.15 -13.18 -13.31
C GLN A 21 -4.77 -12.52 -13.24
N ARG A 22 -4.72 -11.23 -13.51
CA ARG A 22 -3.46 -10.48 -13.47
C ARG A 22 -3.33 -9.72 -12.15
N LEU A 23 -3.90 -10.27 -11.10
CA LEU A 23 -3.84 -9.64 -9.78
C LEU A 23 -3.55 -10.68 -8.69
N SER A 24 -2.82 -11.73 -9.06
CA SER A 24 -2.49 -12.79 -8.12
C SER A 24 -1.14 -12.51 -7.44
N GLU A 25 -0.24 -11.88 -8.18
CA GLU A 25 1.08 -11.55 -7.64
C GLU A 25 0.99 -10.46 -6.58
N GLU A 26 0.12 -9.49 -6.83
CA GLU A 26 -0.07 -8.37 -5.90
C GLU A 26 -0.54 -8.89 -4.54
N LYS A 27 -1.37 -9.93 -4.57
CA LYS A 27 -1.89 -10.53 -3.33
C LYS A 27 -0.81 -11.30 -2.61
N ALA A 28 0.07 -11.94 -3.37
CA ALA A 28 1.16 -12.73 -2.79
C ALA A 28 2.05 -11.86 -1.92
N GLN A 29 2.43 -10.70 -2.44
CA GLN A 29 3.29 -9.77 -1.70
C GLN A 29 2.51 -9.08 -0.59
N ALA A 30 1.23 -8.82 -0.84
CA ALA A 30 0.38 -8.16 0.15
C ALA A 30 0.15 -9.06 1.36
N SER A 31 0.21 -10.37 1.14
CA SER A 31 0.00 -11.33 2.22
C SER A 31 1.34 -11.83 2.76
N ALA A 32 2.35 -10.97 2.71
CA ALA A 32 3.68 -11.32 3.20
C ALA A 32 4.28 -10.18 4.02
N ILE A 33 4.20 -8.97 3.48
CA ILE A 33 4.74 -7.80 4.16
C ILE A 33 3.86 -7.40 5.35
N SER A 34 4.42 -7.49 6.55
CA SER A 34 3.70 -7.14 7.76
C SER A 34 3.81 -5.65 8.06
N VAL A 35 3.19 -5.21 9.15
CA VAL A 35 3.23 -3.81 9.55
C VAL A 35 4.25 -3.57 10.66
N GLY A 36 4.91 -2.42 10.62
CA GLY A 36 5.90 -2.10 11.63
C GLY A 36 7.22 -2.80 11.39
N SER A 37 7.54 -3.06 10.12
CA SER A 37 8.79 -3.72 9.77
C SER A 37 9.62 -2.85 8.84
N ARG A 38 10.95 -2.94 8.98
CA ARG A 38 11.86 -2.17 8.14
C ARG A 38 12.09 -2.86 6.80
N CYS A 39 11.50 -2.31 5.75
CA CYS A 39 11.65 -2.87 4.41
C CYS A 39 12.16 -1.82 3.43
N GLU A 40 12.80 -2.29 2.35
CA GLU A 40 13.32 -1.38 1.33
C GLU A 40 12.26 -1.03 0.30
N VAL A 41 12.57 -0.08 -0.57
CA VAL A 41 11.64 0.36 -1.60
C VAL A 41 12.37 0.65 -2.91
N ARG A 42 11.82 0.16 -4.01
CA ARG A 42 12.41 0.37 -5.33
C ARG A 42 11.36 0.85 -6.33
N ALA A 43 11.37 2.15 -6.62
CA ALA A 43 10.43 2.73 -7.57
C ALA A 43 11.11 3.75 -8.47
N PRO A 44 10.43 4.15 -9.57
CA PRO A 44 10.98 5.13 -10.51
C PRO A 44 11.02 6.53 -9.92
N ASP A 45 11.79 6.71 -8.86
CA ASP A 45 11.92 8.00 -8.21
C ASP A 45 13.39 8.44 -8.15
N HIS A 46 14.26 7.52 -7.76
CA HIS A 46 15.68 7.80 -7.66
C HIS A 46 16.49 6.53 -7.48
N SER A 47 16.32 5.88 -6.34
CA SER A 47 17.03 4.65 -6.04
C SER A 47 16.39 3.92 -4.86
N LEU A 48 17.07 2.89 -4.36
CA LEU A 48 16.58 2.12 -3.23
C LEU A 48 16.68 2.91 -1.93
N ARG A 49 15.78 2.63 -1.00
CA ARG A 49 15.76 3.33 0.28
C ARG A 49 15.06 2.50 1.35
N ARG A 50 15.46 2.68 2.60
CA ARG A 50 14.87 1.94 3.71
C ARG A 50 13.65 2.68 4.26
N GLY A 51 12.63 1.91 4.65
CA GLY A 51 11.43 2.51 5.18
C GLY A 51 10.74 1.61 6.20
N THR A 52 9.49 1.93 6.52
CA THR A 52 8.73 1.15 7.48
C THR A 52 7.26 1.05 7.06
N VAL A 53 6.72 -0.17 7.06
CA VAL A 53 5.33 -0.40 6.69
C VAL A 53 4.38 0.21 7.70
N MET A 54 3.41 0.97 7.21
CA MET A 54 2.42 1.62 8.07
C MET A 54 1.01 1.13 7.76
N TYR A 55 0.72 0.97 6.46
CA TYR A 55 -0.59 0.51 6.03
C TYR A 55 -0.46 -0.47 4.86
N VAL A 56 -1.32 -1.48 4.85
CA VAL A 56 -1.32 -2.48 3.79
C VAL A 56 -2.73 -2.89 3.40
N GLY A 57 -3.03 -2.79 2.11
CA GLY A 57 -4.35 -3.15 1.64
C GLY A 57 -4.73 -2.42 0.37
N LEU A 58 -6.03 -2.19 0.18
CA LEU A 58 -6.52 -1.50 -1.02
C LEU A 58 -6.86 -0.05 -0.69
N THR A 59 -6.57 0.84 -1.64
CA THR A 59 -6.85 2.27 -1.45
C THR A 59 -8.08 2.68 -2.26
N ASP A 60 -8.39 3.98 -2.22
CA ASP A 60 -9.53 4.51 -2.95
C ASP A 60 -9.10 5.52 -4.01
N PHE A 61 -7.82 5.48 -4.38
CA PHE A 61 -7.30 6.40 -5.38
C PHE A 61 -6.74 5.63 -6.59
N LYS A 62 -6.12 4.49 -6.32
CA LYS A 62 -5.54 3.67 -7.37
C LYS A 62 -5.85 2.19 -7.14
N PRO A 63 -6.04 1.42 -8.23
CA PRO A 63 -6.34 -0.02 -8.12
C PRO A 63 -5.12 -0.83 -7.69
N GLY A 64 -5.37 -1.93 -6.99
CA GLY A 64 -4.30 -2.78 -6.53
C GLY A 64 -3.96 -2.56 -5.05
N TYR A 65 -3.22 -3.48 -4.48
CA TYR A 65 -2.83 -3.39 -3.07
C TYR A 65 -1.69 -2.40 -2.89
N TRP A 66 -1.91 -1.40 -2.04
CA TRP A 66 -0.90 -0.39 -1.78
C TRP A 66 -0.27 -0.58 -0.40
N VAL A 67 0.93 -0.04 -0.22
CA VAL A 67 1.63 -0.16 1.06
C VAL A 67 2.31 1.15 1.44
N GLY A 68 1.85 1.76 2.51
CA GLY A 68 2.42 3.02 2.96
C GLY A 68 3.74 2.82 3.68
N VAL A 69 4.80 3.43 3.16
CA VAL A 69 6.12 3.31 3.77
C VAL A 69 6.68 4.69 4.14
N ARG A 70 7.14 4.82 5.37
CA ARG A 70 7.71 6.08 5.85
C ARG A 70 9.23 6.04 5.82
N TYR A 71 9.84 7.17 5.48
CA TYR A 71 11.30 7.26 5.41
C TYR A 71 11.82 8.23 6.47
N ASP A 72 13.09 8.04 6.84
CA ASP A 72 13.72 8.90 7.84
C ASP A 72 13.91 10.31 7.31
N GLU A 73 14.51 10.42 6.13
CA GLU A 73 14.76 11.72 5.51
C GLU A 73 13.64 12.07 4.54
N PRO A 74 13.53 13.35 4.14
CA PRO A 74 12.50 13.82 3.21
C PRO A 74 12.54 13.06 1.88
N LEU A 75 11.92 11.89 1.85
CA LEU A 75 11.89 11.07 0.64
C LEU A 75 10.45 10.88 0.15
N GLY A 76 9.50 10.87 1.08
CA GLY A 76 8.11 10.69 0.72
C GLY A 76 7.64 11.70 -0.31
N LYS A 77 6.36 11.61 -0.68
CA LYS A 77 5.78 12.53 -1.66
C LYS A 77 4.52 13.18 -1.11
N ASN A 78 3.66 12.37 -0.50
CA ASN A 78 2.41 12.86 0.06
C ASN A 78 2.52 13.01 1.57
N ASP A 79 1.41 13.40 2.20
CA ASP A 79 1.37 13.57 3.64
C ASP A 79 0.82 12.34 4.33
N GLY A 80 -0.14 11.68 3.69
CA GLY A 80 -0.73 10.48 4.26
C GLY A 80 -2.14 10.24 3.75
N SER A 81 -2.99 11.25 3.86
CA SER A 81 -4.38 11.13 3.41
C SER A 81 -4.47 11.32 1.90
N VAL A 82 -5.13 10.37 1.23
CA VAL A 82 -5.30 10.44 -0.21
C VAL A 82 -6.78 10.36 -0.60
N ASN A 83 -7.25 11.36 -1.32
CA ASN A 83 -8.63 11.41 -1.75
C ASN A 83 -9.58 11.42 -0.55
N GLY A 84 -9.12 12.05 0.54
CA GLY A 84 -9.93 12.12 1.74
C GLY A 84 -9.92 10.83 2.54
N LYS A 85 -8.82 10.08 2.42
CA LYS A 85 -8.68 8.83 3.14
C LYS A 85 -7.32 8.73 3.82
N ARG A 86 -7.32 8.75 5.14
CA ARG A 86 -6.07 8.67 5.90
C ARG A 86 -5.62 7.22 6.05
N TYR A 87 -4.31 7.02 6.15
CA TYR A 87 -3.76 5.68 6.29
C TYR A 87 -2.79 5.62 7.48
N PHE A 88 -1.92 6.61 7.58
CA PHE A 88 -0.94 6.67 8.66
C PHE A 88 -0.82 8.09 9.20
N GLU A 89 0.08 8.27 10.16
CA GLU A 89 0.31 9.58 10.76
C GLU A 89 1.75 10.02 10.58
N CYS A 90 1.98 10.94 9.64
CA CYS A 90 3.33 11.44 9.37
C CYS A 90 3.27 12.78 8.64
N GLN A 91 4.40 13.48 8.60
CA GLN A 91 4.47 14.77 7.93
C GLN A 91 4.52 14.59 6.42
N ALA A 92 4.61 15.72 5.70
CA ALA A 92 4.67 15.69 4.25
C ALA A 92 6.07 15.38 3.75
N LYS A 93 6.17 14.87 2.54
CA LYS A 93 7.46 14.53 1.96
C LYS A 93 8.20 13.50 2.81
N TYR A 94 7.44 12.64 3.48
CA TYR A 94 8.01 11.61 4.33
C TYR A 94 7.28 10.29 4.15
N GLY A 95 5.95 10.34 4.22
CA GLY A 95 5.15 9.14 4.07
C GLY A 95 4.58 8.99 2.67
N ALA A 96 5.20 8.11 1.88
CA ALA A 96 4.75 7.87 0.51
C ALA A 96 3.91 6.60 0.41
N PHE A 97 3.46 6.29 -0.79
CA PHE A 97 2.64 5.10 -1.01
C PHE A 97 3.19 4.27 -2.18
N VAL A 98 3.89 3.20 -1.84
CA VAL A 98 4.47 2.33 -2.86
C VAL A 98 3.67 1.04 -3.00
N LYS A 99 4.12 0.16 -3.89
CA LYS A 99 3.44 -1.12 -4.12
C LYS A 99 4.27 -2.27 -3.60
N PRO A 100 3.62 -3.36 -3.15
CA PRO A 100 4.30 -4.54 -2.62
C PRO A 100 5.45 -4.95 -3.53
N SER A 101 5.15 -5.12 -4.80
CA SER A 101 6.16 -5.48 -5.79
C SER A 101 7.30 -4.46 -5.76
N ALA A 102 6.99 -3.25 -5.29
CA ALA A 102 7.98 -2.20 -5.19
C ALA A 102 8.65 -2.23 -3.82
N VAL A 103 8.07 -2.97 -2.88
CA VAL A 103 8.61 -3.08 -1.54
C VAL A 103 9.48 -4.33 -1.41
N THR A 104 10.41 -4.31 -0.45
CA THR A 104 11.30 -5.44 -0.23
C THR A 104 11.60 -5.61 1.26
N VAL A 105 11.08 -6.69 1.84
CA VAL A 105 11.28 -6.97 3.26
C VAL A 105 12.67 -7.55 3.51
N GLY A 106 13.24 -7.22 4.67
CA GLY A 106 14.56 -7.71 5.00
C GLY A 106 14.58 -8.41 6.35
N ASP A 107 13.92 -7.81 7.34
CA ASP A 107 13.88 -8.39 8.68
C ASP A 107 12.59 -9.18 8.89
N SER A 108 12.44 -9.75 10.08
CA SER A 108 11.26 -10.54 10.40
C SER A 108 10.74 -10.19 11.80
N GLY A 109 9.42 -10.22 11.96
CA GLY A 109 8.83 -9.91 13.25
C GLY A 109 8.64 -11.15 14.11
N PRO A 110 7.97 -11.01 15.27
CA PRO A 110 7.73 -12.13 16.18
C PRO A 110 7.11 -13.32 15.48
N SER A 111 7.22 -14.50 16.10
CA SER A 111 6.66 -15.72 15.54
C SER A 111 6.52 -16.80 16.60
N SER A 112 7.59 -17.04 17.35
CA SER A 112 7.59 -18.03 18.41
C SER A 112 6.92 -17.50 19.67
N GLY A 113 7.54 -16.48 20.27
CA GLY A 113 6.98 -15.89 21.47
C GLY A 113 7.14 -14.38 21.51
N GLY A 1 -29.80 2.92 -10.43
CA GLY A 1 -29.17 2.38 -11.66
C GLY A 1 -27.96 3.18 -12.09
N SER A 2 -26.77 2.69 -11.77
CA SER A 2 -25.53 3.36 -12.12
C SER A 2 -25.47 4.75 -11.50
N SER A 3 -24.69 4.89 -10.43
CA SER A 3 -24.55 6.16 -9.74
C SER A 3 -23.20 6.26 -9.03
N GLY A 4 -22.81 7.47 -8.68
CA GLY A 4 -21.54 7.67 -7.99
C GLY A 4 -20.45 8.17 -8.93
N SER A 5 -20.54 7.78 -10.20
CA SER A 5 -19.55 8.19 -11.19
C SER A 5 -19.93 7.67 -12.57
N SER A 6 -20.41 6.43 -12.63
CA SER A 6 -20.81 5.81 -13.89
C SER A 6 -19.63 5.76 -14.86
N GLY A 7 -19.87 5.20 -16.04
CA GLY A 7 -18.83 5.11 -17.04
C GLY A 7 -18.39 3.68 -17.29
N ASN A 8 -18.42 2.87 -16.24
CA ASN A 8 -18.03 1.46 -16.35
C ASN A 8 -19.25 0.57 -16.52
N GLU A 9 -19.40 0.03 -17.73
CA GLU A 9 -20.52 -0.85 -18.03
C GLU A 9 -20.05 -2.28 -18.29
N GLU A 10 -18.88 -2.41 -18.91
CA GLU A 10 -18.31 -3.72 -19.21
C GLU A 10 -17.08 -3.99 -18.37
N LEU A 11 -16.39 -2.92 -17.97
CA LEU A 11 -15.19 -3.04 -17.16
C LEU A 11 -15.47 -3.81 -15.86
N ARG A 12 -16.70 -3.67 -15.36
CA ARG A 12 -17.10 -4.35 -14.14
C ARG A 12 -16.99 -5.86 -14.28
N ALA A 13 -17.23 -6.35 -15.49
CA ALA A 13 -17.16 -7.78 -15.77
C ALA A 13 -15.74 -8.20 -16.14
N GLN A 14 -15.02 -7.27 -16.77
CA GLN A 14 -13.65 -7.54 -17.20
C GLN A 14 -12.71 -7.60 -15.99
N GLN A 15 -13.09 -6.93 -14.91
CA GLN A 15 -12.28 -6.91 -13.69
C GLN A 15 -12.77 -7.96 -12.70
N GLU A 16 -13.25 -9.09 -13.20
CA GLU A 16 -13.74 -10.17 -12.35
C GLU A 16 -12.67 -11.23 -12.14
N ALA A 17 -11.90 -11.51 -13.19
CA ALA A 17 -10.83 -12.50 -13.10
C ALA A 17 -9.47 -11.84 -13.16
N GLU A 18 -9.38 -10.70 -13.85
CA GLU A 18 -8.13 -9.97 -13.98
C GLU A 18 -7.76 -9.31 -12.66
N ALA A 19 -8.76 -8.99 -11.85
CA ALA A 19 -8.53 -8.36 -10.56
C ALA A 19 -8.56 -9.37 -9.43
N ALA A 20 -8.18 -10.61 -9.75
CA ALA A 20 -8.16 -11.68 -8.76
C ALA A 20 -7.08 -12.71 -9.08
N GLN A 21 -7.03 -13.12 -10.35
CA GLN A 21 -6.05 -14.10 -10.79
C GLN A 21 -4.73 -13.42 -11.15
N ARG A 22 -4.81 -12.41 -12.00
CA ARG A 22 -3.62 -11.67 -12.42
C ARG A 22 -3.03 -10.87 -11.27
N LEU A 23 -3.89 -10.49 -10.32
CA LEU A 23 -3.44 -9.72 -9.16
C LEU A 23 -3.21 -10.63 -7.96
N SER A 24 -2.77 -11.86 -8.23
CA SER A 24 -2.51 -12.83 -7.17
C SER A 24 -1.15 -12.57 -6.53
N GLU A 25 -0.21 -12.07 -7.33
CA GLU A 25 1.14 -11.78 -6.84
C GLU A 25 1.12 -10.59 -5.87
N GLU A 26 0.36 -9.56 -6.24
CA GLU A 26 0.26 -8.36 -5.41
C GLU A 26 -0.44 -8.67 -4.10
N LYS A 27 -1.39 -9.60 -4.15
CA LYS A 27 -2.14 -9.99 -2.95
C LYS A 27 -1.28 -10.84 -2.03
N ALA A 28 -0.46 -11.70 -2.61
CA ALA A 28 0.41 -12.57 -1.84
C ALA A 28 1.36 -11.76 -0.96
N GLN A 29 2.07 -10.81 -1.57
CA GLN A 29 3.01 -9.98 -0.85
C GLN A 29 2.29 -9.14 0.20
N ALA A 30 1.21 -8.48 -0.20
CA ALA A 30 0.44 -7.65 0.72
C ALA A 30 -0.09 -8.47 1.89
N SER A 31 -0.27 -9.77 1.67
CA SER A 31 -0.76 -10.66 2.71
C SER A 31 0.38 -11.42 3.37
N ALA A 32 1.54 -10.77 3.45
CA ALA A 32 2.71 -11.39 4.06
C ALA A 32 3.55 -10.35 4.80
N ILE A 33 3.78 -9.21 4.16
CA ILE A 33 4.56 -8.15 4.77
C ILE A 33 3.82 -7.52 5.94
N SER A 34 4.20 -7.90 7.15
CA SER A 34 3.56 -7.37 8.35
C SER A 34 3.77 -5.87 8.46
N VAL A 35 3.09 -5.24 9.42
CA VAL A 35 3.21 -3.81 9.63
C VAL A 35 4.21 -3.50 10.74
N GLY A 36 4.98 -2.43 10.55
CA GLY A 36 5.96 -2.04 11.55
C GLY A 36 7.29 -2.77 11.37
N SER A 37 7.59 -3.16 10.14
CA SER A 37 8.83 -3.87 9.84
C SER A 37 9.66 -3.10 8.83
N ARG A 38 10.93 -2.86 9.17
CA ARG A 38 11.83 -2.14 8.28
C ARG A 38 12.04 -2.89 6.98
N CYS A 39 11.59 -2.29 5.87
CA CYS A 39 11.72 -2.91 4.56
C CYS A 39 12.20 -1.88 3.53
N GLU A 40 12.84 -2.38 2.48
CA GLU A 40 13.34 -1.52 1.41
C GLU A 40 12.23 -1.18 0.41
N VAL A 41 12.40 -0.08 -0.31
CA VAL A 41 11.43 0.34 -1.30
C VAL A 41 12.09 0.77 -2.59
N ARG A 42 11.57 0.28 -3.71
CA ARG A 42 12.12 0.62 -5.02
C ARG A 42 11.13 1.43 -5.84
N ALA A 43 11.50 2.66 -6.15
CA ALA A 43 10.63 3.54 -6.94
C ALA A 43 11.42 4.30 -8.00
N PRO A 44 10.73 4.94 -8.96
CA PRO A 44 11.37 5.70 -10.03
C PRO A 44 11.98 7.02 -9.55
N ASP A 45 11.72 7.36 -8.28
CA ASP A 45 12.24 8.59 -7.70
C ASP A 45 13.75 8.66 -7.84
N HIS A 46 14.44 7.58 -7.47
CA HIS A 46 15.90 7.53 -7.55
C HIS A 46 16.39 6.09 -7.50
N SER A 47 16.34 5.49 -6.31
CA SER A 47 16.79 4.12 -6.12
C SER A 47 16.19 3.52 -4.86
N LEU A 48 16.70 2.35 -4.47
CA LEU A 48 16.22 1.67 -3.27
C LEU A 48 16.46 2.53 -2.03
N ARG A 49 15.46 2.58 -1.16
CA ARG A 49 15.57 3.37 0.06
C ARG A 49 14.99 2.60 1.25
N ARG A 50 15.37 3.01 2.46
CA ARG A 50 14.89 2.36 3.68
C ARG A 50 13.56 2.95 4.12
N GLY A 51 12.66 2.08 4.57
CA GLY A 51 11.35 2.53 5.03
C GLY A 51 10.70 1.56 5.98
N THR A 52 9.52 1.93 6.47
CA THR A 52 8.78 1.06 7.40
C THR A 52 7.33 0.92 6.95
N VAL A 53 6.79 -0.29 7.12
CA VAL A 53 5.41 -0.56 6.74
C VAL A 53 4.43 0.04 7.75
N MET A 54 3.46 0.80 7.24
CA MET A 54 2.47 1.43 8.10
C MET A 54 1.07 0.96 7.74
N TYR A 55 0.76 0.93 6.45
CA TYR A 55 -0.54 0.48 5.99
C TYR A 55 -0.41 -0.44 4.77
N VAL A 56 -1.29 -1.42 4.68
CA VAL A 56 -1.27 -2.37 3.57
C VAL A 56 -2.68 -2.81 3.20
N GLY A 57 -3.00 -2.77 1.91
CA GLY A 57 -4.32 -3.17 1.46
C GLY A 57 -4.71 -2.50 0.15
N LEU A 58 -6.00 -2.32 -0.05
CA LEU A 58 -6.50 -1.69 -1.27
C LEU A 58 -6.77 -0.21 -1.04
N THR A 59 -6.75 0.56 -2.12
CA THR A 59 -6.99 2.00 -2.05
C THR A 59 -8.14 2.42 -2.96
N ASP A 60 -8.48 3.69 -2.93
CA ASP A 60 -9.56 4.21 -3.76
C ASP A 60 -9.04 5.12 -4.86
N PHE A 61 -7.93 5.80 -4.58
CA PHE A 61 -7.32 6.70 -5.56
C PHE A 61 -6.72 5.92 -6.72
N LYS A 62 -6.24 4.72 -6.43
CA LYS A 62 -5.64 3.87 -7.45
C LYS A 62 -6.00 2.40 -7.24
N PRO A 63 -6.15 1.63 -8.32
CA PRO A 63 -6.50 0.20 -8.24
C PRO A 63 -5.32 -0.65 -7.78
N GLY A 64 -5.64 -1.83 -7.26
CA GLY A 64 -4.59 -2.72 -6.80
C GLY A 64 -4.25 -2.52 -5.33
N TYR A 65 -3.29 -3.29 -4.84
CA TYR A 65 -2.88 -3.19 -3.44
C TYR A 65 -1.76 -2.18 -3.28
N TRP A 66 -1.81 -1.42 -2.19
CA TRP A 66 -0.80 -0.40 -1.91
C TRP A 66 -0.23 -0.57 -0.50
N VAL A 67 0.99 -0.07 -0.31
CA VAL A 67 1.64 -0.17 1.00
C VAL A 67 2.31 1.15 1.37
N GLY A 68 1.80 1.77 2.44
CA GLY A 68 2.35 3.04 2.89
C GLY A 68 3.68 2.86 3.61
N VAL A 69 4.70 3.58 3.15
CA VAL A 69 6.02 3.49 3.76
C VAL A 69 6.63 4.88 3.94
N ARG A 70 7.11 5.15 5.15
CA ARG A 70 7.72 6.44 5.47
C ARG A 70 9.24 6.34 5.47
N TYR A 71 9.90 7.35 4.90
CA TYR A 71 11.35 7.37 4.84
C TYR A 71 11.93 8.19 5.98
N ASP A 72 13.16 7.87 6.37
CA ASP A 72 13.83 8.58 7.45
C ASP A 72 13.97 10.07 7.13
N GLU A 73 14.49 10.35 5.95
CA GLU A 73 14.69 11.74 5.51
C GLU A 73 13.56 12.17 4.58
N PRO A 74 13.45 13.48 4.31
CA PRO A 74 12.41 14.03 3.42
C PRO A 74 12.53 13.51 1.99
N LEU A 75 12.16 12.25 1.80
CA LEU A 75 12.23 11.64 0.47
C LEU A 75 10.84 11.27 -0.04
N GLY A 76 9.90 11.04 0.88
CA GLY A 76 8.55 10.69 0.50
C GLY A 76 7.93 11.69 -0.47
N LYS A 77 6.83 11.30 -1.09
CA LYS A 77 6.14 12.17 -2.04
C LYS A 77 4.74 12.51 -1.56
N ASN A 78 4.06 11.52 -0.98
CA ASN A 78 2.71 11.73 -0.47
C ASN A 78 2.74 12.18 0.98
N ASP A 79 1.60 12.66 1.47
CA ASP A 79 1.48 13.12 2.85
C ASP A 79 1.01 12.00 3.77
N GLY A 80 0.17 11.12 3.24
CA GLY A 80 -0.34 10.01 4.02
C GLY A 80 -1.84 9.82 3.84
N SER A 81 -2.54 10.90 3.53
CA SER A 81 -3.99 10.84 3.33
C SER A 81 -4.36 11.34 1.93
N VAL A 82 -5.16 10.55 1.22
CA VAL A 82 -5.59 10.91 -0.12
C VAL A 82 -7.10 10.72 -0.28
N ASN A 83 -7.77 11.72 -0.85
CA ASN A 83 -9.21 11.66 -1.06
C ASN A 83 -9.94 11.48 0.26
N GLY A 84 -9.56 12.26 1.26
CA GLY A 84 -10.20 12.18 2.56
C GLY A 84 -10.04 10.82 3.20
N LYS A 85 -8.96 10.13 2.86
CA LYS A 85 -8.68 8.81 3.40
C LYS A 85 -7.28 8.73 4.00
N ARG A 86 -7.21 8.62 5.32
CA ARG A 86 -5.93 8.54 6.01
C ARG A 86 -5.44 7.10 6.07
N TYR A 87 -4.11 6.93 6.00
CA TYR A 87 -3.51 5.61 6.06
C TYR A 87 -2.58 5.47 7.26
N PHE A 88 -1.68 6.44 7.42
CA PHE A 88 -0.74 6.43 8.54
C PHE A 88 -0.57 7.83 9.11
N GLU A 89 0.25 7.94 10.16
CA GLU A 89 0.50 9.23 10.79
C GLU A 89 1.87 9.76 10.41
N CYS A 90 1.89 10.70 9.47
CA CYS A 90 3.15 11.29 9.02
C CYS A 90 2.90 12.67 8.40
N GLN A 91 3.96 13.29 7.91
CA GLN A 91 3.86 14.61 7.29
C GLN A 91 4.10 14.52 5.79
N ALA A 92 4.16 15.67 5.13
CA ALA A 92 4.38 15.72 3.69
C ALA A 92 5.85 15.49 3.35
N LYS A 93 6.09 14.92 2.17
CA LYS A 93 7.45 14.64 1.72
C LYS A 93 8.15 13.67 2.67
N TYR A 94 7.39 12.71 3.19
CA TYR A 94 7.94 11.72 4.11
C TYR A 94 7.32 10.35 3.86
N GLY A 95 5.99 10.30 3.83
CA GLY A 95 5.30 9.05 3.60
C GLY A 95 4.89 8.87 2.15
N ALA A 96 5.48 7.88 1.49
CA ALA A 96 5.17 7.60 0.09
C ALA A 96 4.30 6.35 -0.04
N PHE A 97 3.63 6.23 -1.19
CA PHE A 97 2.77 5.08 -1.44
C PHE A 97 3.34 4.19 -2.54
N VAL A 98 3.80 2.99 -2.15
CA VAL A 98 4.38 2.05 -3.10
C VAL A 98 3.59 0.74 -3.11
N LYS A 99 4.03 -0.19 -3.95
CA LYS A 99 3.37 -1.49 -4.06
C LYS A 99 4.22 -2.59 -3.41
N PRO A 100 3.57 -3.64 -2.89
CA PRO A 100 4.26 -4.76 -2.24
C PRO A 100 5.43 -5.24 -3.08
N SER A 101 5.15 -5.52 -4.36
CA SER A 101 6.18 -5.95 -5.28
C SER A 101 7.31 -4.93 -5.33
N ALA A 102 6.97 -3.68 -4.97
CA ALA A 102 7.95 -2.61 -4.95
C ALA A 102 8.61 -2.51 -3.57
N VAL A 103 8.02 -3.19 -2.58
CA VAL A 103 8.56 -3.18 -1.23
C VAL A 103 9.25 -4.51 -0.90
N THR A 104 10.52 -4.43 -0.55
CA THR A 104 11.30 -5.62 -0.22
C THR A 104 11.56 -5.70 1.28
N VAL A 105 11.09 -6.77 1.91
CA VAL A 105 11.27 -6.97 3.34
C VAL A 105 12.72 -7.31 3.67
N GLY A 106 13.22 -6.74 4.77
CA GLY A 106 14.59 -6.99 5.17
C GLY A 106 14.71 -7.26 6.66
N ASP A 107 13.64 -7.79 7.25
CA ASP A 107 13.64 -8.11 8.67
C ASP A 107 12.33 -8.77 9.08
N SER A 108 12.24 -10.07 8.85
CA SER A 108 11.04 -10.83 9.20
C SER A 108 11.17 -11.47 10.58
N GLY A 109 10.77 -10.74 11.61
CA GLY A 109 10.87 -11.25 12.97
C GLY A 109 12.08 -10.73 13.71
N PRO A 110 12.05 -9.45 14.13
CA PRO A 110 13.17 -8.84 14.86
C PRO A 110 13.30 -9.39 16.28
N SER A 111 14.43 -10.04 16.56
CA SER A 111 14.68 -10.61 17.88
C SER A 111 16.01 -10.15 18.43
N SER A 112 16.00 -9.62 19.65
CA SER A 112 17.21 -9.14 20.28
C SER A 112 18.18 -10.29 20.57
N GLY A 113 19.05 -10.58 19.60
CA GLY A 113 20.00 -11.65 19.76
C GLY A 113 21.29 -11.40 19.01
N GLY A 1 -32.49 4.87 -16.17
CA GLY A 1 -33.12 5.77 -15.15
C GLY A 1 -33.74 5.00 -14.01
N SER A 2 -33.46 5.44 -12.78
CA SER A 2 -33.99 4.77 -11.60
C SER A 2 -34.17 5.78 -10.45
N SER A 3 -35.42 6.03 -10.09
CA SER A 3 -35.72 6.97 -9.01
C SER A 3 -36.19 6.22 -7.76
N GLY A 4 -35.42 6.35 -6.69
CA GLY A 4 -35.76 5.69 -5.44
C GLY A 4 -34.71 4.69 -5.00
N SER A 5 -34.00 4.13 -5.97
CA SER A 5 -32.96 3.15 -5.69
C SER A 5 -31.74 3.38 -6.56
N SER A 6 -30.55 3.10 -6.02
CA SER A 6 -29.31 3.27 -6.76
C SER A 6 -28.42 2.05 -6.63
N GLY A 7 -27.71 1.72 -7.71
CA GLY A 7 -26.83 0.57 -7.68
C GLY A 7 -26.30 0.22 -9.07
N ASN A 8 -25.18 -0.50 -9.11
CA ASN A 8 -24.58 -0.90 -10.37
C ASN A 8 -24.76 -2.39 -10.61
N GLU A 9 -25.34 -2.73 -11.76
CA GLU A 9 -25.57 -4.13 -12.11
C GLU A 9 -24.49 -4.65 -13.06
N GLU A 10 -24.01 -3.75 -13.93
CA GLU A 10 -22.97 -4.11 -14.88
C GLU A 10 -21.61 -4.24 -14.20
N LEU A 11 -21.45 -3.55 -13.07
CA LEU A 11 -20.20 -3.58 -12.32
C LEU A 11 -20.27 -4.62 -11.21
N ARG A 12 -20.87 -5.77 -11.50
CA ARG A 12 -20.99 -6.84 -10.53
C ARG A 12 -20.00 -7.97 -10.82
N ALA A 13 -19.58 -8.07 -12.08
CA ALA A 13 -18.63 -9.10 -12.49
C ALA A 13 -17.21 -8.52 -12.62
N GLN A 14 -17.13 -7.30 -13.13
CA GLN A 14 -15.84 -6.63 -13.32
C GLN A 14 -15.10 -6.51 -12.00
N GLN A 15 -15.84 -6.26 -10.92
CA GLN A 15 -15.26 -6.13 -9.59
C GLN A 15 -15.46 -7.39 -8.77
N GLU A 16 -15.52 -8.54 -9.46
CA GLU A 16 -15.71 -9.81 -8.79
C GLU A 16 -14.85 -10.89 -9.42
N ALA A 17 -14.83 -10.95 -10.75
CA ALA A 17 -14.05 -11.94 -11.47
C ALA A 17 -12.80 -11.31 -12.07
N GLU A 18 -12.87 -10.01 -12.35
CA GLU A 18 -11.74 -9.29 -12.95
C GLU A 18 -10.96 -8.53 -11.88
N ALA A 19 -11.67 -7.75 -11.08
CA ALA A 19 -11.04 -6.97 -10.02
C ALA A 19 -11.15 -7.67 -8.67
N ALA A 20 -11.18 -9.00 -8.70
CA ALA A 20 -11.29 -9.79 -7.48
C ALA A 20 -10.59 -11.14 -7.64
N GLN A 21 -10.98 -11.89 -8.67
CA GLN A 21 -10.39 -13.19 -8.94
C GLN A 21 -8.98 -13.04 -9.51
N ARG A 22 -8.75 -11.96 -10.24
CA ARG A 22 -7.45 -11.70 -10.85
C ARG A 22 -6.63 -10.76 -9.99
N LEU A 23 -6.85 -10.80 -8.68
CA LEU A 23 -6.13 -9.94 -7.75
C LEU A 23 -5.62 -10.73 -6.55
N SER A 24 -5.36 -12.01 -6.77
CA SER A 24 -4.87 -12.87 -5.70
C SER A 24 -3.35 -12.78 -5.56
N GLU A 25 -2.68 -12.51 -6.68
CA GLU A 25 -1.22 -12.39 -6.69
C GLU A 25 -0.78 -11.24 -5.78
N GLU A 26 -1.48 -10.12 -5.86
CA GLU A 26 -1.17 -8.95 -5.05
C GLU A 26 -1.55 -9.18 -3.60
N LYS A 27 -2.62 -9.95 -3.39
CA LYS A 27 -3.08 -10.25 -2.03
C LYS A 27 -2.09 -11.16 -1.31
N ALA A 28 -1.41 -12.02 -2.06
CA ALA A 28 -0.44 -12.93 -1.49
C ALA A 28 0.68 -12.17 -0.78
N GLN A 29 1.17 -11.11 -1.43
CA GLN A 29 2.24 -10.30 -0.86
C GLN A 29 1.71 -9.45 0.28
N ALA A 30 0.45 -9.04 0.18
CA ALA A 30 -0.18 -8.22 1.21
C ALA A 30 -0.51 -9.03 2.46
N SER A 31 -0.62 -10.35 2.29
CA SER A 31 -0.92 -11.24 3.41
C SER A 31 0.36 -11.84 3.99
N ALA A 32 1.44 -11.07 3.96
CA ALA A 32 2.72 -11.52 4.48
C ALA A 32 3.46 -10.39 5.19
N ILE A 33 3.51 -9.24 4.54
CA ILE A 33 4.18 -8.08 5.11
C ILE A 33 3.38 -7.48 6.26
N SER A 34 4.01 -7.35 7.41
CA SER A 34 3.35 -6.79 8.59
C SER A 34 3.62 -5.29 8.72
N VAL A 35 2.80 -4.61 9.50
CA VAL A 35 2.94 -3.18 9.70
C VAL A 35 3.88 -2.88 10.87
N GLY A 36 4.90 -2.06 10.61
CA GLY A 36 5.85 -1.71 11.66
C GLY A 36 7.18 -2.43 11.49
N SER A 37 7.56 -2.69 10.24
CA SER A 37 8.81 -3.38 9.97
C SER A 37 9.61 -2.64 8.90
N ARG A 38 10.93 -2.65 9.03
CA ARG A 38 11.80 -1.97 8.07
C ARG A 38 11.97 -2.81 6.82
N CYS A 39 11.71 -2.20 5.66
CA CYS A 39 11.83 -2.89 4.38
C CYS A 39 12.30 -1.94 3.30
N GLU A 40 12.94 -2.49 2.27
CA GLU A 40 13.45 -1.69 1.16
C GLU A 40 12.35 -1.41 0.14
N VAL A 41 12.43 -0.26 -0.52
CA VAL A 41 11.44 0.11 -1.52
C VAL A 41 12.11 0.61 -2.80
N ARG A 42 11.48 0.34 -3.93
CA ARG A 42 12.01 0.75 -5.23
C ARG A 42 11.16 1.85 -5.84
N ALA A 43 11.69 3.07 -5.87
CA ALA A 43 10.98 4.21 -6.43
C ALA A 43 11.74 4.81 -7.61
N PRO A 44 11.06 5.02 -8.75
CA PRO A 44 11.68 5.59 -9.95
C PRO A 44 11.89 7.10 -9.83
N ASP A 45 12.66 7.51 -8.83
CA ASP A 45 12.94 8.92 -8.60
C ASP A 45 14.42 9.15 -8.32
N HIS A 46 14.97 8.39 -7.37
CA HIS A 46 16.37 8.50 -7.01
C HIS A 46 17.03 7.13 -6.94
N SER A 47 16.61 6.32 -5.99
CA SER A 47 17.16 4.98 -5.82
C SER A 47 16.47 4.24 -4.67
N LEU A 48 16.98 3.06 -4.35
CA LEU A 48 16.41 2.25 -3.27
C LEU A 48 16.46 3.01 -1.94
N ARG A 49 15.38 2.92 -1.17
CA ARG A 49 15.30 3.59 0.12
C ARG A 49 14.79 2.63 1.20
N ARG A 50 15.14 2.92 2.45
CA ARG A 50 14.71 2.10 3.57
C ARG A 50 13.58 2.76 4.34
N GLY A 51 12.43 2.09 4.40
CA GLY A 51 11.29 2.64 5.11
C GLY A 51 10.63 1.61 6.01
N THR A 52 9.48 1.98 6.57
CA THR A 52 8.74 1.09 7.47
C THR A 52 7.29 0.98 7.03
N VAL A 53 6.73 -0.22 7.18
CA VAL A 53 5.34 -0.46 6.81
C VAL A 53 4.38 0.20 7.79
N MET A 54 3.45 0.99 7.26
CA MET A 54 2.47 1.68 8.09
C MET A 54 1.05 1.22 7.77
N TYR A 55 0.78 1.02 6.49
CA TYR A 55 -0.54 0.58 6.03
C TYR A 55 -0.42 -0.44 4.91
N VAL A 56 -1.31 -1.44 4.93
CA VAL A 56 -1.29 -2.48 3.91
C VAL A 56 -2.72 -2.88 3.52
N GLY A 57 -3.11 -2.56 2.29
CA GLY A 57 -4.44 -2.90 1.82
C GLY A 57 -4.79 -2.19 0.53
N LEU A 58 -6.06 -2.21 0.17
CA LEU A 58 -6.53 -1.57 -1.04
C LEU A 58 -6.76 -0.08 -0.82
N THR A 59 -6.91 0.66 -1.92
CA THR A 59 -7.13 2.10 -1.85
C THR A 59 -8.22 2.54 -2.82
N ASP A 60 -8.42 3.84 -2.93
CA ASP A 60 -9.44 4.38 -3.83
C ASP A 60 -8.80 5.17 -4.96
N PHE A 61 -7.73 5.89 -4.65
CA PHE A 61 -7.03 6.69 -5.65
C PHE A 61 -6.47 5.81 -6.76
N LYS A 62 -6.12 4.57 -6.41
CA LYS A 62 -5.57 3.63 -7.38
C LYS A 62 -5.91 2.19 -6.99
N PRO A 63 -6.14 1.32 -7.99
CA PRO A 63 -6.47 -0.09 -7.74
C PRO A 63 -5.27 -0.90 -7.28
N GLY A 64 -5.52 -2.14 -6.87
CA GLY A 64 -4.45 -3.00 -6.41
C GLY A 64 -4.08 -2.75 -4.96
N TYR A 65 -3.22 -3.60 -4.41
CA TYR A 65 -2.80 -3.47 -3.03
C TYR A 65 -1.69 -2.42 -2.90
N TRP A 66 -1.90 -1.45 -2.02
CA TRP A 66 -0.93 -0.39 -1.80
C TRP A 66 -0.37 -0.45 -0.39
N VAL A 67 0.86 0.01 -0.22
CA VAL A 67 1.52 0.00 1.08
C VAL A 67 2.14 1.36 1.39
N GLY A 68 1.81 1.91 2.56
CA GLY A 68 2.35 3.19 2.95
C GLY A 68 3.66 3.08 3.71
N VAL A 69 4.75 3.34 3.02
CA VAL A 69 6.08 3.26 3.63
C VAL A 69 6.67 4.64 3.84
N ARG A 70 7.18 4.89 5.04
CA ARG A 70 7.78 6.17 5.38
C ARG A 70 9.29 6.05 5.56
N TYR A 71 10.03 6.99 5.00
CA TYR A 71 11.48 6.98 5.10
C TYR A 71 11.96 7.97 6.16
N ASP A 72 13.27 7.97 6.41
CA ASP A 72 13.85 8.88 7.40
C ASP A 72 14.00 10.28 6.84
N GLU A 73 14.76 10.40 5.76
CA GLU A 73 15.00 11.69 5.12
C GLU A 73 13.90 11.99 4.09
N PRO A 74 13.56 13.28 3.92
CA PRO A 74 12.52 13.71 2.97
C PRO A 74 12.78 13.17 1.55
N LEU A 75 12.27 11.97 1.28
CA LEU A 75 12.45 11.34 -0.02
C LEU A 75 11.16 10.65 -0.47
N GLY A 76 10.03 11.19 -0.05
CA GLY A 76 8.75 10.62 -0.41
C GLY A 76 7.98 11.48 -1.39
N LYS A 77 6.74 11.10 -1.66
CA LYS A 77 5.90 11.85 -2.59
C LYS A 77 4.58 12.24 -1.94
N ASN A 78 3.96 11.31 -1.23
CA ASN A 78 2.70 11.56 -0.55
C ASN A 78 2.94 12.12 0.85
N ASP A 79 1.85 12.46 1.55
CA ASP A 79 1.95 13.00 2.90
C ASP A 79 1.32 12.05 3.91
N GLY A 80 0.22 11.41 3.52
CA GLY A 80 -0.45 10.48 4.42
C GLY A 80 -1.91 10.30 4.06
N SER A 81 -2.64 11.41 3.93
CA SER A 81 -4.06 11.37 3.60
C SER A 81 -4.27 11.73 2.13
N VAL A 82 -4.78 10.78 1.36
CA VAL A 82 -5.04 10.99 -0.06
C VAL A 82 -6.52 10.79 -0.38
N ASN A 83 -7.10 11.76 -1.09
CA ASN A 83 -8.51 11.68 -1.46
C ASN A 83 -9.41 11.60 -0.23
N GLY A 84 -8.91 12.11 0.89
CA GLY A 84 -9.68 12.08 2.12
C GLY A 84 -9.35 10.88 2.98
N LYS A 85 -8.97 9.78 2.34
CA LYS A 85 -8.63 8.56 3.07
C LYS A 85 -7.35 8.74 3.89
N ARG A 86 -7.26 8.02 5.00
CA ARG A 86 -6.10 8.10 5.88
C ARG A 86 -5.44 6.74 6.03
N TYR A 87 -4.15 6.68 5.72
CA TYR A 87 -3.39 5.43 5.82
C TYR A 87 -2.38 5.50 6.96
N PHE A 88 -1.51 6.50 6.91
CA PHE A 88 -0.48 6.68 7.94
C PHE A 88 -0.40 8.14 8.37
N GLU A 89 0.34 8.39 9.45
CA GLU A 89 0.51 9.74 9.97
C GLU A 89 1.93 10.24 9.73
N CYS A 90 2.04 11.31 8.92
CA CYS A 90 3.34 11.89 8.61
C CYS A 90 3.18 13.17 7.79
N GLN A 91 4.29 13.74 7.38
CA GLN A 91 4.28 14.97 6.58
C GLN A 91 4.48 14.66 5.10
N ALA A 92 4.52 15.71 4.29
CA ALA A 92 4.70 15.55 2.85
C ALA A 92 6.16 15.24 2.51
N LYS A 93 6.37 14.58 1.38
CA LYS A 93 7.72 14.22 0.95
C LYS A 93 8.40 13.32 1.96
N TYR A 94 7.60 12.51 2.65
CA TYR A 94 8.14 11.59 3.65
C TYR A 94 7.56 10.19 3.47
N GLY A 95 6.23 10.09 3.47
CA GLY A 95 5.59 8.81 3.30
C GLY A 95 5.18 8.54 1.86
N ALA A 96 5.79 7.53 1.25
CA ALA A 96 5.48 7.17 -0.12
C ALA A 96 4.64 5.91 -0.20
N PHE A 97 3.72 5.87 -1.15
CA PHE A 97 2.85 4.71 -1.33
C PHE A 97 3.37 3.80 -2.44
N VAL A 98 3.78 2.59 -2.05
CA VAL A 98 4.29 1.63 -3.02
C VAL A 98 3.49 0.33 -2.98
N LYS A 99 3.78 -0.57 -3.91
CA LYS A 99 3.10 -1.85 -3.98
C LYS A 99 3.89 -2.95 -3.30
N PRO A 100 3.21 -3.94 -2.71
CA PRO A 100 3.87 -5.06 -2.01
C PRO A 100 5.01 -5.62 -2.85
N SER A 101 4.70 -5.95 -4.10
CA SER A 101 5.70 -6.48 -5.02
C SER A 101 6.86 -5.49 -5.13
N ALA A 102 6.57 -4.22 -4.84
CA ALA A 102 7.59 -3.18 -4.88
C ALA A 102 8.26 -3.03 -3.52
N VAL A 103 7.66 -3.64 -2.49
CA VAL A 103 8.22 -3.56 -1.15
C VAL A 103 9.04 -4.80 -0.83
N THR A 104 10.34 -4.62 -0.63
CA THR A 104 11.23 -5.73 -0.32
C THR A 104 11.50 -5.81 1.18
N VAL A 105 10.95 -6.83 1.82
CA VAL A 105 11.13 -7.02 3.26
C VAL A 105 12.43 -7.76 3.55
N GLY A 106 13.20 -7.24 4.51
CA GLY A 106 14.45 -7.87 4.86
C GLY A 106 14.61 -8.05 6.37
N ASP A 107 13.50 -8.35 7.03
CA ASP A 107 13.50 -8.55 8.47
C ASP A 107 12.40 -9.54 8.89
N SER A 108 12.27 -9.74 10.19
CA SER A 108 11.25 -10.65 10.73
C SER A 108 10.33 -9.93 11.69
N GLY A 109 9.20 -10.55 12.01
CA GLY A 109 8.24 -9.95 12.92
C GLY A 109 7.09 -10.89 13.25
N PRO A 110 6.05 -10.38 13.91
CA PRO A 110 4.87 -11.19 14.28
C PRO A 110 4.04 -11.59 13.06
N SER A 111 3.06 -12.47 13.28
CA SER A 111 2.20 -12.93 12.21
C SER A 111 1.44 -11.77 11.58
N SER A 112 1.34 -11.80 10.25
CA SER A 112 0.64 -10.74 9.52
C SER A 112 -0.86 -10.77 9.81
N GLY A 113 -1.45 -9.60 10.01
CA GLY A 113 -2.87 -9.52 10.29
C GLY A 113 -3.50 -8.26 9.75
N GLY A 1 -39.59 13.45 -20.09
CA GLY A 1 -38.36 13.85 -19.35
C GLY A 1 -37.16 12.99 -19.70
N SER A 2 -36.26 12.81 -18.75
CA SER A 2 -35.06 12.00 -18.97
C SER A 2 -35.40 10.51 -18.92
N SER A 3 -34.63 9.71 -19.66
CA SER A 3 -34.84 8.28 -19.70
C SER A 3 -33.70 7.54 -19.00
N GLY A 4 -32.48 7.96 -19.28
CA GLY A 4 -31.31 7.34 -18.67
C GLY A 4 -30.82 6.14 -19.47
N SER A 5 -29.55 6.19 -19.85
CA SER A 5 -28.95 5.10 -20.63
C SER A 5 -27.52 4.84 -20.18
N SER A 6 -27.26 3.63 -19.71
CA SER A 6 -25.93 3.25 -19.25
C SER A 6 -25.49 4.13 -18.09
N GLY A 7 -24.22 4.02 -17.71
CA GLY A 7 -23.70 4.81 -16.61
C GLY A 7 -22.61 4.07 -15.83
N ASN A 8 -22.38 4.51 -14.60
CA ASN A 8 -21.37 3.90 -13.75
C ASN A 8 -22.02 3.09 -12.63
N GLU A 9 -23.19 2.52 -12.93
CA GLU A 9 -23.91 1.72 -11.94
C GLU A 9 -24.02 0.26 -12.40
N GLU A 10 -23.12 -0.15 -13.28
CA GLU A 10 -23.11 -1.52 -13.79
C GLU A 10 -21.70 -1.96 -14.15
N LEU A 11 -20.71 -1.33 -13.53
CA LEU A 11 -19.31 -1.66 -13.77
C LEU A 11 -18.57 -1.92 -12.46
N ARG A 12 -18.83 -1.07 -11.48
CA ARG A 12 -18.19 -1.19 -10.17
C ARG A 12 -18.41 -2.59 -9.59
N ALA A 13 -19.54 -3.20 -9.93
CA ALA A 13 -19.88 -4.53 -9.44
C ALA A 13 -19.23 -5.61 -10.31
N GLN A 14 -19.06 -5.29 -11.59
CA GLN A 14 -18.45 -6.24 -12.52
C GLN A 14 -16.97 -6.47 -12.18
N GLN A 15 -16.35 -5.47 -11.58
CA GLN A 15 -14.94 -5.56 -11.21
C GLN A 15 -14.79 -5.96 -9.75
N GLU A 16 -15.65 -6.86 -9.29
CA GLU A 16 -15.62 -7.33 -7.91
C GLU A 16 -15.18 -8.78 -7.84
N ALA A 17 -15.54 -9.56 -8.84
CA ALA A 17 -15.18 -10.97 -8.90
C ALA A 17 -14.20 -11.25 -10.04
N GLU A 18 -14.43 -10.60 -11.17
CA GLU A 18 -13.58 -10.78 -12.34
C GLU A 18 -12.18 -10.25 -12.06
N ALA A 19 -12.09 -9.22 -11.24
CA ALA A 19 -10.80 -8.62 -10.89
C ALA A 19 -10.29 -9.15 -9.56
N ALA A 20 -10.58 -10.43 -9.29
CA ALA A 20 -10.15 -11.06 -8.04
C ALA A 20 -9.06 -12.10 -8.31
N GLN A 21 -9.14 -12.76 -9.45
CA GLN A 21 -8.16 -13.78 -9.83
C GLN A 21 -6.90 -13.13 -10.39
N ARG A 22 -7.08 -12.12 -11.24
CA ARG A 22 -5.97 -11.42 -11.85
C ARG A 22 -5.19 -10.61 -10.81
N LEU A 23 -5.90 -10.12 -9.80
CA LEU A 23 -5.28 -9.34 -8.74
C LEU A 23 -5.00 -10.21 -7.51
N SER A 24 -4.65 -11.46 -7.75
CA SER A 24 -4.35 -12.39 -6.67
C SER A 24 -2.88 -12.32 -6.28
N GLU A 25 -2.03 -12.01 -7.24
CA GLU A 25 -0.59 -11.90 -7.01
C GLU A 25 -0.30 -10.81 -5.98
N GLU A 26 -0.94 -9.66 -6.15
CA GLU A 26 -0.74 -8.54 -5.23
C GLU A 26 -1.20 -8.89 -3.83
N LYS A 27 -2.33 -9.60 -3.74
CA LYS A 27 -2.88 -10.00 -2.45
C LYS A 27 -1.91 -10.90 -1.70
N ALA A 28 -1.20 -11.75 -2.44
CA ALA A 28 -0.25 -12.67 -1.85
C ALA A 28 0.90 -11.91 -1.18
N GLN A 29 1.27 -10.77 -1.76
CA GLN A 29 2.34 -9.95 -1.22
C GLN A 29 1.81 -8.99 -0.16
N ALA A 30 0.61 -8.47 -0.39
CA ALA A 30 -0.01 -7.54 0.55
C ALA A 30 -0.41 -8.25 1.85
N SER A 31 -0.68 -9.54 1.75
CA SER A 31 -1.08 -10.33 2.91
C SER A 31 0.12 -11.07 3.50
N ALA A 32 1.30 -10.47 3.40
CA ALA A 32 2.52 -11.06 3.93
C ALA A 32 3.34 -10.05 4.72
N ILE A 33 3.49 -8.86 4.15
CA ILE A 33 4.24 -7.79 4.81
C ILE A 33 3.50 -7.26 6.03
N SER A 34 4.09 -7.44 7.20
CA SER A 34 3.49 -6.98 8.45
C SER A 34 3.81 -5.51 8.69
N VAL A 35 2.85 -4.80 9.27
CA VAL A 35 3.02 -3.38 9.56
C VAL A 35 3.90 -3.17 10.79
N GLY A 36 4.82 -2.20 10.71
CA GLY A 36 5.71 -1.92 11.81
C GLY A 36 7.06 -2.58 11.65
N SER A 37 7.46 -2.81 10.40
CA SER A 37 8.74 -3.44 10.12
C SER A 37 9.49 -2.69 9.02
N ARG A 38 10.81 -2.70 9.10
CA ARG A 38 11.64 -2.01 8.12
C ARG A 38 11.77 -2.84 6.84
N CYS A 39 11.66 -2.17 5.69
CA CYS A 39 11.76 -2.85 4.41
C CYS A 39 12.40 -1.94 3.36
N GLU A 40 12.54 -2.44 2.14
CA GLU A 40 13.12 -1.68 1.05
C GLU A 40 12.06 -1.18 0.09
N VAL A 41 12.39 -0.15 -0.69
CA VAL A 41 11.46 0.41 -1.64
C VAL A 41 12.15 0.78 -2.94
N ARG A 42 11.57 0.36 -4.06
CA ARG A 42 12.14 0.65 -5.38
C ARG A 42 11.30 1.66 -6.13
N ALA A 43 11.86 2.86 -6.33
CA ALA A 43 11.15 3.92 -7.02
C ALA A 43 12.06 4.62 -8.03
N PRO A 44 11.52 5.03 -9.19
CA PRO A 44 12.30 5.71 -10.23
C PRO A 44 12.58 7.16 -9.90
N ASP A 45 12.04 7.63 -8.77
CA ASP A 45 12.24 9.01 -8.35
C ASP A 45 13.72 9.34 -8.21
N HIS A 46 14.50 8.35 -7.77
CA HIS A 46 15.94 8.53 -7.60
C HIS A 46 16.64 7.19 -7.44
N SER A 47 16.47 6.56 -6.28
CA SER A 47 17.08 5.27 -6.01
C SER A 47 16.35 4.55 -4.88
N LEU A 48 16.85 3.37 -4.52
CA LEU A 48 16.24 2.58 -3.46
C LEU A 48 16.36 3.28 -2.11
N ARG A 49 15.41 3.02 -1.23
CA ARG A 49 15.40 3.63 0.10
C ARG A 49 14.75 2.70 1.12
N ARG A 50 15.15 2.84 2.38
CA ARG A 50 14.61 2.01 3.44
C ARG A 50 13.56 2.79 4.25
N GLY A 51 12.46 2.10 4.58
CA GLY A 51 11.40 2.74 5.34
C GLY A 51 10.75 1.79 6.32
N THR A 52 9.44 1.94 6.50
CA THR A 52 8.68 1.10 7.42
C THR A 52 7.22 1.03 7.01
N VAL A 53 6.68 -0.18 6.98
CA VAL A 53 5.27 -0.38 6.62
C VAL A 53 4.34 0.26 7.64
N MET A 54 3.37 1.03 7.16
CA MET A 54 2.42 1.70 8.03
C MET A 54 1.00 1.25 7.73
N TYR A 55 0.70 1.10 6.44
CA TYR A 55 -0.63 0.67 6.01
C TYR A 55 -0.54 -0.27 4.82
N VAL A 56 -1.28 -1.38 4.88
CA VAL A 56 -1.29 -2.36 3.81
C VAL A 56 -2.70 -2.73 3.40
N GLY A 57 -3.02 -2.50 2.13
CA GLY A 57 -4.35 -2.82 1.63
C GLY A 57 -4.68 -2.11 0.33
N LEU A 58 -5.96 -2.05 -0.01
CA LEU A 58 -6.40 -1.39 -1.23
C LEU A 58 -6.71 0.08 -0.99
N THR A 59 -6.43 0.91 -1.98
CA THR A 59 -6.68 2.35 -1.87
C THR A 59 -7.79 2.78 -2.82
N ASP A 60 -7.99 4.09 -2.92
CA ASP A 60 -9.02 4.63 -3.80
C ASP A 60 -8.39 5.48 -4.91
N PHE A 61 -7.35 6.22 -4.56
CA PHE A 61 -6.66 7.07 -5.52
C PHE A 61 -6.12 6.25 -6.69
N LYS A 62 -5.78 5.00 -6.42
CA LYS A 62 -5.26 4.10 -7.45
C LYS A 62 -5.60 2.65 -7.14
N PRO A 63 -6.09 1.90 -8.15
CA PRO A 63 -6.46 0.49 -7.98
C PRO A 63 -5.32 -0.34 -7.40
N GLY A 64 -5.50 -1.66 -7.37
CA GLY A 64 -4.48 -2.55 -6.85
C GLY A 64 -4.15 -2.25 -5.39
N TYR A 65 -3.48 -3.19 -4.75
CA TYR A 65 -3.10 -3.03 -3.34
C TYR A 65 -2.03 -1.96 -3.19
N TRP A 66 -1.68 -1.66 -1.93
CA TRP A 66 -0.67 -0.65 -1.65
C TRP A 66 -0.05 -0.87 -0.27
N VAL A 67 1.20 -0.46 -0.12
CA VAL A 67 1.90 -0.61 1.15
C VAL A 67 2.59 0.70 1.56
N GLY A 68 1.95 1.43 2.47
CA GLY A 68 2.50 2.69 2.94
C GLY A 68 3.85 2.50 3.62
N VAL A 69 4.87 3.14 3.07
CA VAL A 69 6.22 3.05 3.64
C VAL A 69 6.81 4.43 3.87
N ARG A 70 7.22 4.70 5.11
CA ARG A 70 7.80 5.99 5.47
C ARG A 70 9.32 5.89 5.52
N TYR A 71 9.99 6.91 4.99
CA TYR A 71 11.44 6.96 4.97
C TYR A 71 11.98 7.80 6.11
N ASP A 72 13.18 7.47 6.57
CA ASP A 72 13.81 8.21 7.67
C ASP A 72 14.28 9.59 7.19
N GLU A 73 14.80 9.66 5.98
CA GLU A 73 15.28 10.90 5.41
C GLU A 73 14.16 11.64 4.68
N PRO A 74 14.25 12.97 4.60
CA PRO A 74 13.23 13.79 3.91
C PRO A 74 13.26 13.60 2.40
N LEU A 75 12.67 12.51 1.93
CA LEU A 75 12.63 12.22 0.51
C LEU A 75 11.33 11.52 0.13
N GLY A 76 10.26 11.84 0.84
CA GLY A 76 8.97 11.24 0.57
C GLY A 76 8.20 11.97 -0.50
N LYS A 77 6.91 11.66 -0.64
CA LYS A 77 6.07 12.29 -1.63
C LYS A 77 4.68 12.59 -1.07
N ASN A 78 4.09 11.59 -0.41
CA ASN A 78 2.77 11.74 0.18
C ASN A 78 2.87 12.17 1.64
N ASP A 79 1.73 12.48 2.25
CA ASP A 79 1.69 12.90 3.64
C ASP A 79 1.01 11.84 4.51
N GLY A 80 -0.05 11.24 3.97
CA GLY A 80 -0.77 10.22 4.71
C GLY A 80 -2.23 10.13 4.31
N SER A 81 -2.83 11.28 4.03
CA SER A 81 -4.24 11.34 3.64
C SER A 81 -4.37 11.66 2.16
N VAL A 82 -4.98 10.74 1.42
CA VAL A 82 -5.17 10.92 -0.02
C VAL A 82 -6.62 10.65 -0.41
N ASN A 83 -7.20 11.58 -1.17
CA ASN A 83 -8.58 11.44 -1.62
C ASN A 83 -9.53 11.38 -0.43
N GLY A 84 -9.19 12.11 0.64
CA GLY A 84 -10.03 12.12 1.83
C GLY A 84 -9.98 10.80 2.57
N LYS A 85 -8.86 10.10 2.48
CA LYS A 85 -8.70 8.82 3.15
C LYS A 85 -7.34 8.72 3.82
N ARG A 86 -7.33 8.77 5.15
CA ARG A 86 -6.09 8.69 5.91
C ARG A 86 -5.63 7.24 6.05
N TYR A 87 -4.32 7.03 5.96
CA TYR A 87 -3.74 5.69 6.08
C TYR A 87 -2.84 5.59 7.31
N PHE A 88 -1.98 6.58 7.48
CA PHE A 88 -1.06 6.60 8.62
C PHE A 88 -0.94 8.02 9.19
N GLU A 89 -0.23 8.13 10.31
CA GLU A 89 -0.03 9.42 10.95
C GLU A 89 1.43 9.87 10.85
N CYS A 90 1.75 10.57 9.77
CA CYS A 90 3.11 11.05 9.55
C CYS A 90 3.10 12.40 8.84
N GLN A 91 4.28 13.02 8.74
CA GLN A 91 4.41 14.31 8.09
C GLN A 91 4.58 14.15 6.59
N ALA A 92 4.60 15.26 5.87
CA ALA A 92 4.75 15.24 4.42
C ALA A 92 6.21 15.06 4.02
N LYS A 93 6.44 14.67 2.77
CA LYS A 93 7.80 14.46 2.28
C LYS A 93 8.50 13.37 3.08
N TYR A 94 7.73 12.41 3.58
CA TYR A 94 8.28 11.31 4.37
C TYR A 94 7.59 10.00 4.03
N GLY A 95 6.26 10.00 4.12
CA GLY A 95 5.50 8.79 3.82
C GLY A 95 5.20 8.65 2.35
N ALA A 96 5.55 7.50 1.78
CA ALA A 96 5.32 7.23 0.37
C ALA A 96 4.47 5.98 0.18
N PHE A 97 3.76 5.92 -0.96
CA PHE A 97 2.90 4.78 -1.26
C PHE A 97 3.50 3.95 -2.38
N VAL A 98 3.90 2.72 -2.06
CA VAL A 98 4.47 1.82 -3.05
C VAL A 98 3.69 0.51 -3.12
N LYS A 99 4.13 -0.39 -4.00
CA LYS A 99 3.47 -1.68 -4.17
C LYS A 99 4.26 -2.79 -3.50
N PRO A 100 3.56 -3.84 -3.01
CA PRO A 100 4.20 -4.97 -2.33
C PRO A 100 5.41 -5.46 -3.12
N SER A 101 5.19 -5.75 -4.39
CA SER A 101 6.26 -6.20 -5.26
C SER A 101 7.40 -5.17 -5.26
N ALA A 102 7.05 -3.93 -4.93
CA ALA A 102 8.04 -2.87 -4.87
C ALA A 102 8.60 -2.73 -3.46
N VAL A 103 7.95 -3.39 -2.49
CA VAL A 103 8.39 -3.33 -1.11
C VAL A 103 9.04 -4.66 -0.70
N THR A 104 10.37 -4.66 -0.62
CA THR A 104 11.11 -5.85 -0.24
C THR A 104 11.36 -5.87 1.28
N VAL A 105 10.76 -6.85 1.95
CA VAL A 105 10.92 -6.99 3.39
C VAL A 105 12.34 -7.42 3.75
N GLY A 106 12.87 -6.84 4.81
CA GLY A 106 14.22 -7.19 5.24
C GLY A 106 14.23 -8.06 6.47
N ASP A 107 13.34 -7.77 7.42
CA ASP A 107 13.24 -8.55 8.65
C ASP A 107 11.83 -9.07 8.86
N SER A 108 11.67 -10.39 8.76
CA SER A 108 10.36 -11.01 8.93
C SER A 108 9.87 -10.83 10.37
N GLY A 109 8.55 -10.75 10.52
CA GLY A 109 7.96 -10.58 11.84
C GLY A 109 8.16 -11.79 12.72
N PRO A 110 7.29 -12.81 12.60
CA PRO A 110 7.39 -14.03 13.41
C PRO A 110 8.78 -14.65 13.34
N SER A 111 9.44 -14.74 14.50
CA SER A 111 10.77 -15.31 14.57
C SER A 111 10.91 -16.18 15.82
N SER A 112 12.12 -16.72 16.02
CA SER A 112 12.38 -17.57 17.17
C SER A 112 13.84 -17.45 17.61
N GLY A 113 14.08 -16.64 18.63
CA GLY A 113 15.45 -16.45 19.12
C GLY A 113 15.75 -15.01 19.45
N GLY A 1 -27.91 -11.81 8.22
CA GLY A 1 -27.27 -13.04 8.75
C GLY A 1 -25.75 -12.99 8.68
N SER A 2 -25.15 -12.07 9.44
CA SER A 2 -23.71 -11.92 9.45
C SER A 2 -23.08 -12.83 10.51
N SER A 3 -22.21 -13.73 10.06
CA SER A 3 -21.54 -14.65 10.97
C SER A 3 -20.33 -15.28 10.28
N GLY A 4 -19.31 -14.47 10.04
CA GLY A 4 -18.10 -14.97 9.39
C GLY A 4 -16.84 -14.33 9.94
N SER A 5 -16.70 -13.02 9.72
CA SER A 5 -15.53 -12.29 10.19
C SER A 5 -15.80 -10.79 10.22
N SER A 6 -16.19 -10.24 9.06
CA SER A 6 -16.47 -8.81 8.95
C SER A 6 -17.97 -8.58 8.80
N GLY A 7 -18.53 -9.08 7.69
CA GLY A 7 -19.95 -8.91 7.45
C GLY A 7 -20.23 -7.96 6.30
N ASN A 8 -19.40 -8.03 5.26
CA ASN A 8 -19.56 -7.17 4.09
C ASN A 8 -20.03 -7.97 2.89
N GLU A 9 -21.34 -8.23 2.83
CA GLU A 9 -21.92 -8.98 1.73
C GLU A 9 -21.83 -8.21 0.42
N GLU A 10 -21.89 -6.88 0.51
CA GLU A 10 -21.81 -6.02 -0.66
C GLU A 10 -20.42 -6.09 -1.29
N LEU A 11 -19.41 -6.33 -0.46
CA LEU A 11 -18.04 -6.42 -0.92
C LEU A 11 -17.61 -7.87 -1.12
N ARG A 12 -18.57 -8.71 -1.48
CA ARG A 12 -18.29 -10.13 -1.69
C ARG A 12 -18.33 -10.47 -3.18
N ALA A 13 -19.16 -9.76 -3.92
CA ALA A 13 -19.30 -9.99 -5.36
C ALA A 13 -18.08 -9.45 -6.11
N GLN A 14 -17.53 -8.35 -5.61
CA GLN A 14 -16.36 -7.73 -6.23
C GLN A 14 -15.09 -8.48 -5.87
N GLN A 15 -15.05 -9.02 -4.66
CA GLN A 15 -13.89 -9.76 -4.19
C GLN A 15 -14.11 -11.27 -4.34
N GLU A 16 -14.89 -11.65 -5.34
CA GLU A 16 -15.19 -13.06 -5.59
C GLU A 16 -14.17 -13.66 -6.54
N ALA A 17 -14.22 -13.25 -7.81
CA ALA A 17 -13.31 -13.75 -8.83
C ALA A 17 -12.37 -12.66 -9.30
N GLU A 18 -12.87 -11.44 -9.35
CA GLU A 18 -12.07 -10.29 -9.79
C GLU A 18 -10.91 -10.05 -8.84
N ALA A 19 -11.21 -9.95 -7.54
CA ALA A 19 -10.19 -9.72 -6.53
C ALA A 19 -9.76 -11.02 -5.88
N ALA A 20 -9.65 -12.07 -6.69
CA ALA A 20 -9.23 -13.38 -6.19
C ALA A 20 -8.23 -14.04 -7.12
N GLN A 21 -8.66 -14.30 -8.35
CA GLN A 21 -7.78 -14.93 -9.34
C GLN A 21 -6.83 -13.91 -9.94
N ARG A 22 -7.34 -12.72 -10.23
CA ARG A 22 -6.54 -11.65 -10.80
C ARG A 22 -5.66 -10.99 -9.75
N LEU A 23 -6.19 -10.88 -8.53
CA LEU A 23 -5.47 -10.28 -7.43
C LEU A 23 -4.81 -11.33 -6.55
N SER A 24 -4.35 -12.42 -7.18
CA SER A 24 -3.72 -13.50 -6.45
C SER A 24 -2.23 -13.20 -6.25
N GLU A 25 -1.62 -12.55 -7.23
CA GLU A 25 -0.20 -12.21 -7.14
C GLU A 25 0.03 -11.07 -6.16
N GLU A 26 -0.88 -10.09 -6.16
CA GLU A 26 -0.77 -8.95 -5.26
C GLU A 26 -1.16 -9.34 -3.84
N LYS A 27 -2.08 -10.29 -3.71
CA LYS A 27 -2.54 -10.75 -2.41
C LYS A 27 -1.42 -11.48 -1.67
N ALA A 28 -0.66 -12.29 -2.40
CA ALA A 28 0.44 -13.04 -1.82
C ALA A 28 1.48 -12.11 -1.20
N GLN A 29 1.61 -10.92 -1.79
CA GLN A 29 2.57 -9.94 -1.29
C GLN A 29 1.94 -9.07 -0.20
N ALA A 30 0.65 -8.77 -0.37
CA ALA A 30 -0.06 -7.95 0.60
C ALA A 30 -0.36 -8.73 1.88
N SER A 31 -0.49 -10.05 1.74
CA SER A 31 -0.78 -10.91 2.88
C SER A 31 0.50 -11.55 3.42
N ALA A 32 1.62 -10.82 3.29
CA ALA A 32 2.90 -11.32 3.77
C ALA A 32 3.66 -10.23 4.51
N ILE A 33 3.69 -9.03 3.94
CA ILE A 33 4.38 -7.91 4.56
C ILE A 33 3.59 -7.35 5.74
N SER A 34 4.14 -7.50 6.94
CA SER A 34 3.48 -7.03 8.15
C SER A 34 3.70 -5.52 8.33
N VAL A 35 3.11 -4.96 9.37
CA VAL A 35 3.24 -3.53 9.65
C VAL A 35 4.33 -3.28 10.68
N GLY A 36 5.03 -2.16 10.52
CA GLY A 36 6.10 -1.81 11.45
C GLY A 36 7.34 -2.66 11.25
N SER A 37 7.71 -2.87 9.99
CA SER A 37 8.89 -3.67 9.65
C SER A 37 9.74 -2.97 8.61
N ARG A 38 11.03 -2.79 8.91
CA ARG A 38 11.95 -2.14 7.99
C ARG A 38 12.08 -2.93 6.69
N CYS A 39 11.63 -2.34 5.59
CA CYS A 39 11.69 -2.98 4.29
C CYS A 39 12.23 -2.02 3.23
N GLU A 40 12.84 -2.57 2.19
CA GLU A 40 13.39 -1.76 1.11
C GLU A 40 12.31 -1.42 0.09
N VAL A 41 12.53 -0.34 -0.65
CA VAL A 41 11.58 0.08 -1.67
C VAL A 41 12.30 0.58 -2.92
N ARG A 42 11.80 0.15 -4.09
CA ARG A 42 12.39 0.55 -5.36
C ARG A 42 11.45 1.47 -6.14
N ALA A 43 11.79 2.74 -6.19
CA ALA A 43 10.98 3.73 -6.90
C ALA A 43 11.80 4.46 -7.96
N PRO A 44 11.21 4.70 -9.15
CA PRO A 44 11.90 5.40 -10.24
C PRO A 44 11.98 6.91 -10.00
N ASP A 45 12.62 7.29 -8.90
CA ASP A 45 12.78 8.70 -8.56
C ASP A 45 14.24 9.05 -8.29
N HIS A 46 14.91 8.20 -7.51
CA HIS A 46 16.31 8.42 -7.18
C HIS A 46 17.04 7.09 -7.04
N SER A 47 16.61 6.29 -6.07
CA SER A 47 17.23 4.98 -5.83
C SER A 47 16.49 4.22 -4.73
N LEU A 48 17.08 3.13 -4.28
CA LEU A 48 16.48 2.31 -3.23
C LEU A 48 16.48 3.05 -1.89
N ARG A 49 15.33 3.07 -1.23
CA ARG A 49 15.20 3.74 0.06
C ARG A 49 14.76 2.77 1.14
N ARG A 50 14.90 3.18 2.40
CA ARG A 50 14.53 2.34 3.52
C ARG A 50 13.40 2.98 4.32
N GLY A 51 12.40 2.17 4.68
CA GLY A 51 11.28 2.68 5.45
C GLY A 51 10.59 1.59 6.26
N THR A 52 9.50 1.95 6.92
CA THR A 52 8.75 0.99 7.73
C THR A 52 7.28 0.95 7.30
N VAL A 53 6.75 -0.26 7.17
CA VAL A 53 5.36 -0.44 6.76
C VAL A 53 4.41 0.18 7.78
N MET A 54 3.50 1.00 7.28
CA MET A 54 2.52 1.66 8.14
C MET A 54 1.10 1.18 7.83
N TYR A 55 0.80 1.02 6.55
CA TYR A 55 -0.52 0.57 6.13
C TYR A 55 -0.41 -0.39 4.94
N VAL A 56 -1.23 -1.44 4.95
CA VAL A 56 -1.23 -2.42 3.88
C VAL A 56 -2.65 -2.84 3.51
N GLY A 57 -3.10 -2.40 2.34
CA GLY A 57 -4.44 -2.73 1.89
C GLY A 57 -4.76 -2.14 0.54
N LEU A 58 -6.00 -1.68 0.37
CA LEU A 58 -6.43 -1.08 -0.88
C LEU A 58 -6.71 0.41 -0.71
N THR A 59 -6.70 1.14 -1.82
CA THR A 59 -6.96 2.58 -1.79
C THR A 59 -8.08 2.96 -2.76
N ASP A 60 -8.39 4.24 -2.81
CA ASP A 60 -9.45 4.74 -3.69
C ASP A 60 -8.86 5.54 -4.84
N PHE A 61 -7.71 6.16 -4.61
CA PHE A 61 -7.06 6.97 -5.64
C PHE A 61 -6.36 6.07 -6.65
N LYS A 62 -5.90 4.91 -6.19
CA LYS A 62 -5.21 3.96 -7.07
C LYS A 62 -5.69 2.54 -6.82
N PRO A 63 -5.80 1.72 -7.90
CA PRO A 63 -6.26 0.34 -7.78
C PRO A 63 -5.16 -0.59 -7.26
N GLY A 64 -5.55 -1.82 -6.94
CA GLY A 64 -4.59 -2.79 -6.44
C GLY A 64 -4.17 -2.50 -5.01
N TYR A 65 -3.47 -3.45 -4.40
CA TYR A 65 -3.01 -3.29 -3.02
C TYR A 65 -1.87 -2.28 -2.95
N TRP A 66 -1.91 -1.42 -1.93
CA TRP A 66 -0.89 -0.41 -1.75
C TRP A 66 -0.30 -0.47 -0.33
N VAL A 67 0.98 -0.11 -0.21
CA VAL A 67 1.65 -0.12 1.08
C VAL A 67 2.26 1.24 1.39
N GLY A 68 1.98 1.74 2.59
CA GLY A 68 2.50 3.04 2.99
C GLY A 68 3.84 2.91 3.70
N VAL A 69 4.90 3.38 3.05
CA VAL A 69 6.24 3.32 3.63
C VAL A 69 6.78 4.71 3.89
N ARG A 70 7.21 4.96 5.12
CA ARG A 70 7.75 6.25 5.51
C ARG A 70 9.28 6.19 5.59
N TYR A 71 9.93 7.27 5.15
CA TYR A 71 11.39 7.34 5.18
C TYR A 71 11.87 8.24 6.32
N ASP A 72 13.08 7.99 6.79
CA ASP A 72 13.65 8.77 7.88
C ASP A 72 13.88 10.22 7.44
N GLU A 73 14.39 10.39 6.23
CA GLU A 73 14.66 11.72 5.69
C GLU A 73 13.67 12.06 4.57
N PRO A 74 13.53 13.36 4.24
CA PRO A 74 12.62 13.81 3.19
C PRO A 74 12.87 13.11 1.86
N LEU A 75 12.23 11.96 1.67
CA LEU A 75 12.38 11.18 0.45
C LEU A 75 11.05 10.60 0.01
N GLY A 76 9.96 11.33 0.28
CA GLY A 76 8.65 10.86 -0.10
C GLY A 76 7.93 11.83 -1.02
N LYS A 77 6.67 11.52 -1.33
CA LYS A 77 5.88 12.38 -2.21
C LYS A 77 4.64 12.89 -1.49
N ASN A 78 3.86 11.97 -0.93
CA ASN A 78 2.65 12.33 -0.20
C ASN A 78 2.93 12.51 1.28
N ASP A 79 1.90 12.90 2.03
CA ASP A 79 2.04 13.11 3.47
C ASP A 79 1.41 11.96 4.24
N GLY A 80 0.28 11.46 3.74
CA GLY A 80 -0.41 10.36 4.39
C GLY A 80 -1.84 10.22 3.94
N SER A 81 -2.61 11.29 4.06
CA SER A 81 -4.01 11.29 3.66
C SER A 81 -4.15 11.65 2.18
N VAL A 82 -5.07 10.96 1.49
CA VAL A 82 -5.30 11.21 0.07
C VAL A 82 -6.78 11.06 -0.27
N ASN A 83 -7.35 12.11 -0.83
CA ASN A 83 -8.76 12.11 -1.22
C ASN A 83 -9.65 11.87 0.00
N GLY A 84 -9.16 12.24 1.17
CA GLY A 84 -9.93 12.05 2.38
C GLY A 84 -9.59 10.76 3.11
N LYS A 85 -9.18 9.75 2.34
CA LYS A 85 -8.81 8.46 2.91
C LYS A 85 -7.40 8.51 3.51
N ARG A 86 -7.33 8.39 4.84
CA ARG A 86 -6.05 8.42 5.53
C ARG A 86 -5.58 7.00 5.87
N TYR A 87 -4.28 6.79 5.80
CA TYR A 87 -3.70 5.47 6.10
C TYR A 87 -2.73 5.57 7.27
N PHE A 88 -1.86 6.57 7.23
CA PHE A 88 -0.87 6.77 8.28
C PHE A 88 -0.71 8.24 8.61
N GLU A 89 -0.05 8.53 9.74
CA GLU A 89 0.17 9.91 10.16
C GLU A 89 1.64 10.28 10.02
N CYS A 90 1.92 11.32 9.24
CA CYS A 90 3.28 11.79 9.02
C CYS A 90 3.28 13.10 8.24
N GLN A 91 4.47 13.70 8.11
CA GLN A 91 4.62 14.95 7.38
C GLN A 91 4.68 14.71 5.88
N ALA A 92 4.93 15.77 5.12
CA ALA A 92 5.01 15.68 3.68
C ALA A 92 6.42 15.27 3.24
N LYS A 93 6.51 14.69 2.04
CA LYS A 93 7.79 14.24 1.51
C LYS A 93 8.44 13.22 2.43
N TYR A 94 7.62 12.46 3.15
CA TYR A 94 8.12 11.45 4.07
C TYR A 94 7.43 10.11 3.82
N GLY A 95 6.10 10.11 3.94
CA GLY A 95 5.36 8.88 3.72
C GLY A 95 4.92 8.71 2.28
N ALA A 96 5.44 7.68 1.62
CA ALA A 96 5.11 7.40 0.24
C ALA A 96 4.15 6.22 0.13
N PHE A 97 3.68 5.95 -1.09
CA PHE A 97 2.77 4.84 -1.32
C PHE A 97 3.26 3.97 -2.46
N VAL A 98 3.77 2.79 -2.12
CA VAL A 98 4.27 1.85 -3.11
C VAL A 98 3.49 0.54 -3.09
N LYS A 99 3.86 -0.39 -3.96
CA LYS A 99 3.18 -1.68 -4.04
C LYS A 99 3.98 -2.76 -3.32
N PRO A 100 3.29 -3.76 -2.76
CA PRO A 100 3.94 -4.86 -2.03
C PRO A 100 5.12 -5.41 -2.81
N SER A 101 4.88 -5.73 -4.08
CA SER A 101 5.93 -6.24 -4.94
C SER A 101 7.08 -5.25 -4.99
N ALA A 102 6.77 -3.98 -4.71
CA ALA A 102 7.78 -2.93 -4.68
C ALA A 102 8.40 -2.82 -3.30
N VAL A 103 7.76 -3.44 -2.30
CA VAL A 103 8.27 -3.39 -0.93
C VAL A 103 9.00 -4.69 -0.59
N THR A 104 10.32 -4.63 -0.55
CA THR A 104 11.12 -5.80 -0.23
C THR A 104 11.40 -5.88 1.27
N VAL A 105 10.85 -6.91 1.91
CA VAL A 105 11.04 -7.10 3.35
C VAL A 105 12.42 -7.69 3.65
N GLY A 106 13.01 -7.25 4.76
CA GLY A 106 14.31 -7.75 5.15
C GLY A 106 14.67 -7.40 6.58
N ASP A 107 13.86 -7.88 7.52
CA ASP A 107 14.10 -7.61 8.93
C ASP A 107 13.22 -8.51 9.80
N SER A 108 11.92 -8.50 9.52
CA SER A 108 10.97 -9.31 10.29
C SER A 108 10.15 -10.20 9.36
N GLY A 109 9.43 -11.13 9.95
CA GLY A 109 8.60 -12.04 9.16
C GLY A 109 7.98 -13.15 10.00
N PRO A 110 7.37 -14.15 9.35
CA PRO A 110 6.73 -15.27 10.06
C PRO A 110 7.76 -16.16 10.77
N SER A 111 8.82 -16.52 10.05
CA SER A 111 9.86 -17.37 10.60
C SER A 111 11.24 -16.75 10.38
N SER A 112 11.29 -15.42 10.36
CA SER A 112 12.54 -14.71 10.15
C SER A 112 12.57 -13.42 10.97
N GLY A 113 11.91 -13.43 12.11
CA GLY A 113 11.87 -12.25 12.97
C GLY A 113 13.21 -11.98 13.63
N GLY A 1 -24.04 -4.37 6.16
CA GLY A 1 -24.42 -5.80 6.38
C GLY A 1 -25.35 -5.98 7.57
N SER A 2 -26.20 -4.99 7.81
CA SER A 2 -27.13 -5.04 8.92
C SER A 2 -28.18 -3.94 8.81
N SER A 3 -27.72 -2.72 8.51
CA SER A 3 -28.62 -1.59 8.38
C SER A 3 -28.75 -1.17 6.92
N GLY A 4 -29.98 -0.98 6.47
CA GLY A 4 -30.22 -0.58 5.10
C GLY A 4 -30.05 -1.73 4.11
N SER A 5 -30.16 -1.42 2.82
CA SER A 5 -30.01 -2.44 1.79
C SER A 5 -28.80 -2.15 0.91
N SER A 6 -27.63 -2.53 1.38
CA SER A 6 -26.39 -2.32 0.64
C SER A 6 -26.07 -3.51 -0.25
N GLY A 7 -24.96 -3.43 -0.96
CA GLY A 7 -24.57 -4.52 -1.85
C GLY A 7 -24.18 -4.03 -3.23
N ASN A 8 -23.90 -4.97 -4.13
CA ASN A 8 -23.51 -4.63 -5.50
C ASN A 8 -23.89 -5.75 -6.46
N GLU A 9 -24.86 -5.47 -7.33
CA GLU A 9 -25.31 -6.45 -8.31
C GLU A 9 -24.38 -6.50 -9.51
N GLU A 10 -23.78 -5.35 -9.83
CA GLU A 10 -22.86 -5.26 -10.96
C GLU A 10 -21.49 -5.84 -10.59
N LEU A 11 -21.09 -5.64 -9.35
CA LEU A 11 -19.80 -6.13 -8.87
C LEU A 11 -19.97 -7.46 -8.13
N ARG A 12 -20.85 -8.31 -8.64
CA ARG A 12 -21.09 -9.61 -8.03
C ARG A 12 -20.29 -10.70 -8.73
N ALA A 13 -20.06 -10.53 -10.03
CA ALA A 13 -19.31 -11.50 -10.80
C ALA A 13 -17.90 -11.00 -11.12
N GLN A 14 -17.68 -9.70 -10.93
CA GLN A 14 -16.39 -9.10 -11.19
C GLN A 14 -15.35 -9.55 -10.16
N GLN A 15 -15.81 -9.76 -8.93
CA GLN A 15 -14.92 -10.19 -7.86
C GLN A 15 -14.96 -11.70 -7.66
N GLU A 16 -15.18 -12.43 -8.76
CA GLU A 16 -15.24 -13.88 -8.71
C GLU A 16 -14.13 -14.50 -9.55
N ALA A 17 -13.87 -13.90 -10.71
CA ALA A 17 -12.82 -14.40 -11.60
C ALA A 17 -11.85 -13.28 -11.99
N GLU A 18 -12.40 -12.14 -12.38
CA GLU A 18 -11.58 -10.99 -12.77
C GLU A 18 -10.73 -10.51 -11.60
N ALA A 19 -11.37 -10.32 -10.45
CA ALA A 19 -10.68 -9.86 -9.25
C ALA A 19 -10.33 -11.01 -8.33
N ALA A 20 -10.04 -12.17 -8.92
CA ALA A 20 -9.68 -13.35 -8.15
C ALA A 20 -8.73 -14.25 -8.93
N GLN A 21 -7.94 -13.65 -9.82
CA GLN A 21 -6.98 -14.39 -10.63
C GLN A 21 -5.78 -13.53 -10.98
N ARG A 22 -6.04 -12.33 -11.49
CA ARG A 22 -4.98 -11.42 -11.87
C ARG A 22 -4.52 -10.60 -10.67
N LEU A 23 -5.44 -10.33 -9.75
CA LEU A 23 -5.13 -9.55 -8.56
C LEU A 23 -4.70 -10.46 -7.41
N SER A 24 -5.00 -11.75 -7.53
CA SER A 24 -4.64 -12.72 -6.49
C SER A 24 -3.16 -12.65 -6.17
N GLU A 25 -2.35 -12.32 -7.17
CA GLU A 25 -0.90 -12.22 -6.99
C GLU A 25 -0.55 -11.02 -6.12
N GLU A 26 -1.24 -9.90 -6.34
CA GLU A 26 -1.00 -8.68 -5.57
C GLU A 26 -1.43 -8.86 -4.12
N LYS A 27 -2.45 -9.68 -3.91
CA LYS A 27 -2.96 -9.94 -2.57
C LYS A 27 -1.92 -10.69 -1.73
N ALA A 28 -1.26 -11.65 -2.35
CA ALA A 28 -0.23 -12.44 -1.67
C ALA A 28 0.89 -11.55 -1.14
N GLN A 29 1.18 -10.48 -1.88
CA GLN A 29 2.24 -9.56 -1.48
C GLN A 29 1.75 -8.63 -0.36
N ALA A 30 0.52 -8.16 -0.49
CA ALA A 30 -0.06 -7.27 0.51
C ALA A 30 -0.42 -8.03 1.79
N SER A 31 -0.73 -9.32 1.63
CA SER A 31 -1.09 -10.15 2.77
C SER A 31 0.12 -10.92 3.28
N ALA A 32 1.25 -10.23 3.39
CA ALA A 32 2.49 -10.83 3.87
C ALA A 32 3.34 -9.82 4.62
N ILE A 33 3.52 -8.65 4.02
CA ILE A 33 4.32 -7.59 4.62
C ILE A 33 3.64 -7.02 5.86
N SER A 34 4.10 -7.48 7.03
CA SER A 34 3.53 -7.02 8.30
C SER A 34 3.68 -5.51 8.45
N VAL A 35 3.06 -4.95 9.48
CA VAL A 35 3.13 -3.51 9.74
C VAL A 35 4.17 -3.20 10.81
N GLY A 36 4.87 -2.09 10.63
CA GLY A 36 5.89 -1.69 11.60
C GLY A 36 7.14 -2.52 11.48
N SER A 37 7.57 -2.79 10.26
CA SER A 37 8.77 -3.59 10.02
C SER A 37 9.68 -2.91 8.99
N ARG A 38 10.98 -2.92 9.26
CA ARG A 38 11.95 -2.32 8.35
C ARG A 38 11.97 -3.04 7.01
N CYS A 39 11.62 -2.31 5.95
CA CYS A 39 11.60 -2.88 4.62
C CYS A 39 12.07 -1.86 3.58
N GLU A 40 12.66 -2.35 2.50
CA GLU A 40 13.15 -1.48 1.43
C GLU A 40 12.05 -1.17 0.43
N VAL A 41 12.29 -0.18 -0.42
CA VAL A 41 11.30 0.22 -1.43
C VAL A 41 12.01 0.65 -2.72
N ARG A 42 11.35 0.41 -3.84
CA ARG A 42 11.89 0.77 -5.15
C ARG A 42 10.82 1.39 -6.03
N ALA A 43 10.88 2.71 -6.19
CA ALA A 43 9.91 3.43 -7.01
C ALA A 43 10.60 4.45 -7.90
N PRO A 44 9.94 4.85 -9.01
CA PRO A 44 10.50 5.83 -9.95
C PRO A 44 10.51 7.24 -9.37
N ASP A 45 11.26 7.43 -8.29
CA ASP A 45 11.36 8.73 -7.63
C ASP A 45 12.82 9.11 -7.40
N HIS A 46 13.60 8.17 -6.89
CA HIS A 46 15.01 8.41 -6.62
C HIS A 46 15.81 7.11 -6.70
N SER A 47 15.65 6.26 -5.70
CA SER A 47 16.36 4.98 -5.65
C SER A 47 15.93 4.16 -4.43
N LEU A 48 16.65 3.08 -4.17
CA LEU A 48 16.35 2.22 -3.04
C LEU A 48 16.42 2.98 -1.73
N ARG A 49 15.34 2.90 -0.94
CA ARG A 49 15.28 3.60 0.34
C ARG A 49 14.82 2.65 1.44
N ARG A 50 15.34 2.85 2.64
CA ARG A 50 14.98 2.01 3.78
C ARG A 50 13.89 2.68 4.62
N GLY A 51 12.71 2.07 4.63
CA GLY A 51 11.59 2.61 5.39
C GLY A 51 10.90 1.56 6.24
N THR A 52 9.69 1.88 6.70
CA THR A 52 8.92 0.96 7.53
C THR A 52 7.47 0.88 7.04
N VAL A 53 6.89 -0.31 7.14
CA VAL A 53 5.51 -0.51 6.73
C VAL A 53 4.54 0.22 7.65
N MET A 54 3.61 0.96 7.07
CA MET A 54 2.62 1.70 7.84
C MET A 54 1.21 1.22 7.53
N TYR A 55 0.92 1.05 6.25
CA TYR A 55 -0.41 0.59 5.82
C TYR A 55 -0.30 -0.28 4.58
N VAL A 56 -0.90 -1.47 4.65
CA VAL A 56 -0.87 -2.40 3.53
C VAL A 56 -2.27 -2.87 3.16
N GLY A 57 -2.85 -2.26 2.12
CA GLY A 57 -4.19 -2.63 1.71
C GLY A 57 -4.64 -1.86 0.48
N LEU A 58 -5.90 -2.03 0.10
CA LEU A 58 -6.46 -1.34 -1.06
C LEU A 58 -6.44 0.17 -0.85
N THR A 59 -6.76 0.91 -1.91
CA THR A 59 -6.79 2.36 -1.85
C THR A 59 -8.05 2.91 -2.51
N ASP A 60 -8.22 4.23 -2.46
CA ASP A 60 -9.38 4.87 -3.06
C ASP A 60 -8.98 5.68 -4.29
N PHE A 61 -7.76 6.21 -4.27
CA PHE A 61 -7.26 7.01 -5.39
C PHE A 61 -6.91 6.12 -6.58
N LYS A 62 -6.36 4.95 -6.30
CA LYS A 62 -5.99 4.01 -7.34
C LYS A 62 -6.41 2.58 -6.98
N PRO A 63 -6.58 1.72 -8.00
CA PRO A 63 -6.98 0.33 -7.78
C PRO A 63 -5.85 -0.52 -7.18
N GLY A 64 -6.10 -1.82 -7.05
CA GLY A 64 -5.10 -2.71 -6.49
C GLY A 64 -4.69 -2.32 -5.08
N TYR A 65 -3.80 -3.10 -4.49
CA TYR A 65 -3.33 -2.84 -3.14
C TYR A 65 -2.21 -1.81 -3.14
N TRP A 66 -1.86 -1.29 -1.97
CA TRP A 66 -0.81 -0.31 -1.84
C TRP A 66 -0.15 -0.38 -0.46
N VAL A 67 1.17 -0.22 -0.43
CA VAL A 67 1.91 -0.27 0.82
C VAL A 67 2.49 1.10 1.17
N GLY A 68 2.27 1.54 2.40
CA GLY A 68 2.78 2.83 2.83
C GLY A 68 4.09 2.70 3.58
N VAL A 69 5.15 3.27 3.03
CA VAL A 69 6.46 3.22 3.65
C VAL A 69 7.00 4.63 3.92
N ARG A 70 7.47 4.85 5.14
CA ARG A 70 8.01 6.16 5.53
C ARG A 70 9.53 6.13 5.53
N TYR A 71 10.13 7.22 5.08
CA TYR A 71 11.59 7.33 5.03
C TYR A 71 12.11 8.25 6.12
N ASP A 72 13.38 8.11 6.45
CA ASP A 72 14.00 8.93 7.49
C ASP A 72 14.05 10.40 7.06
N GLU A 73 14.42 10.64 5.81
CA GLU A 73 14.51 11.98 5.28
C GLU A 73 13.27 12.33 4.45
N PRO A 74 12.99 13.62 4.25
CA PRO A 74 11.84 14.07 3.47
C PRO A 74 11.97 13.75 1.99
N LEU A 75 11.65 12.51 1.63
CA LEU A 75 11.74 12.07 0.24
C LEU A 75 10.44 11.39 -0.20
N GLY A 76 9.32 11.83 0.37
CA GLY A 76 8.05 11.25 0.03
C GLY A 76 7.28 12.10 -0.97
N LYS A 77 6.11 11.60 -1.39
CA LYS A 77 5.28 12.31 -2.35
C LYS A 77 3.97 12.76 -1.71
N ASN A 78 3.42 11.89 -0.86
CA ASN A 78 2.16 12.19 -0.18
C ASN A 78 2.39 12.39 1.32
N ASP A 79 1.34 12.79 2.03
CA ASP A 79 1.42 13.01 3.47
C ASP A 79 0.77 11.87 4.24
N GLY A 80 -0.24 11.26 3.63
CA GLY A 80 -0.94 10.15 4.27
C GLY A 80 -2.43 10.19 4.02
N SER A 81 -2.97 11.39 3.81
CA SER A 81 -4.40 11.55 3.55
C SER A 81 -4.66 11.75 2.07
N VAL A 82 -5.31 10.76 1.45
CA VAL A 82 -5.63 10.83 0.03
C VAL A 82 -7.13 10.84 -0.20
N ASN A 83 -7.64 11.99 -0.65
CA ASN A 83 -9.08 12.13 -0.90
C ASN A 83 -9.89 11.90 0.37
N GLY A 84 -9.27 12.21 1.51
CA GLY A 84 -9.94 12.04 2.78
C GLY A 84 -9.55 10.74 3.47
N LYS A 85 -9.20 9.74 2.68
CA LYS A 85 -8.80 8.45 3.22
C LYS A 85 -7.36 8.48 3.71
N ARG A 86 -7.18 8.28 5.02
CA ARG A 86 -5.84 8.29 5.61
C ARG A 86 -5.35 6.87 5.85
N TYR A 87 -4.06 6.65 5.60
CA TYR A 87 -3.45 5.33 5.78
C TYR A 87 -2.46 5.35 6.93
N PHE A 88 -1.75 6.46 7.09
CA PHE A 88 -0.76 6.60 8.15
C PHE A 88 -0.74 8.03 8.69
N GLU A 89 0.04 8.26 9.73
CA GLU A 89 0.16 9.58 10.34
C GLU A 89 1.59 10.07 10.31
N CYS A 90 1.93 10.84 9.28
CA CYS A 90 3.27 11.38 9.13
C CYS A 90 3.26 12.69 8.37
N GLN A 91 4.32 13.48 8.51
CA GLN A 91 4.43 14.76 7.84
C GLN A 91 4.35 14.60 6.33
N ALA A 92 4.09 15.69 5.63
CA ALA A 92 3.99 15.67 4.17
C ALA A 92 5.36 15.45 3.53
N LYS A 93 5.37 14.82 2.36
CA LYS A 93 6.61 14.56 1.65
C LYS A 93 7.55 13.69 2.49
N TYR A 94 7.04 12.53 2.91
CA TYR A 94 7.83 11.60 3.72
C TYR A 94 7.43 10.16 3.43
N GLY A 95 6.15 9.86 3.63
CA GLY A 95 5.66 8.51 3.39
C GLY A 95 5.10 8.34 1.99
N ALA A 96 5.91 7.80 1.09
CA ALA A 96 5.48 7.58 -0.29
C ALA A 96 4.71 6.28 -0.42
N PHE A 97 3.70 6.28 -1.30
CA PHE A 97 2.87 5.10 -1.51
C PHE A 97 3.45 4.23 -2.63
N VAL A 98 3.84 3.01 -2.28
CA VAL A 98 4.40 2.08 -3.26
C VAL A 98 3.58 0.80 -3.34
N LYS A 99 3.98 -0.09 -4.24
CA LYS A 99 3.28 -1.36 -4.42
C LYS A 99 4.02 -2.51 -3.72
N PRO A 100 3.28 -3.51 -3.22
CA PRO A 100 3.87 -4.66 -2.54
C PRO A 100 5.04 -5.22 -3.32
N SER A 101 4.81 -5.48 -4.61
CA SER A 101 5.86 -5.98 -5.49
C SER A 101 7.05 -5.03 -5.47
N ALA A 102 6.78 -3.77 -5.13
CA ALA A 102 7.81 -2.76 -5.06
C ALA A 102 8.43 -2.72 -3.66
N VAL A 103 7.75 -3.36 -2.70
CA VAL A 103 8.23 -3.39 -1.33
C VAL A 103 9.07 -4.64 -1.07
N THR A 104 10.16 -4.48 -0.34
CA THR A 104 11.05 -5.60 -0.02
C THR A 104 11.23 -5.74 1.48
N VAL A 105 10.68 -6.80 2.05
CA VAL A 105 10.78 -7.06 3.48
C VAL A 105 12.10 -7.74 3.82
N GLY A 106 12.78 -7.23 4.84
CA GLY A 106 14.05 -7.81 5.26
C GLY A 106 13.89 -9.08 6.07
N ASP A 107 12.91 -9.07 6.97
CA ASP A 107 12.65 -10.23 7.82
C ASP A 107 11.15 -10.45 7.98
N SER A 108 10.76 -11.71 8.16
CA SER A 108 9.35 -12.06 8.32
C SER A 108 9.01 -12.25 9.81
N GLY A 109 7.75 -12.02 10.14
CA GLY A 109 7.31 -12.18 11.52
C GLY A 109 5.84 -12.54 11.62
N PRO A 110 5.51 -13.84 11.72
CA PRO A 110 4.12 -14.29 11.83
C PRO A 110 3.43 -13.77 13.08
N SER A 111 3.99 -14.09 14.24
CA SER A 111 3.42 -13.65 15.51
C SER A 111 4.28 -14.12 16.68
N SER A 112 4.67 -15.39 16.65
CA SER A 112 5.50 -15.97 17.71
C SER A 112 6.98 -15.88 17.35
N GLY A 113 7.39 -14.70 16.90
CA GLY A 113 8.79 -14.50 16.53
C GLY A 113 9.04 -13.12 15.96
N GLY A 1 -2.91 10.89 -14.56
CA GLY A 1 -4.16 11.65 -14.84
C GLY A 1 -5.40 10.88 -14.50
N SER A 2 -5.54 10.48 -13.24
CA SER A 2 -6.70 9.72 -12.79
C SER A 2 -7.17 10.21 -11.43
N SER A 3 -8.36 10.80 -11.41
CA SER A 3 -8.94 11.32 -10.16
C SER A 3 -10.40 11.72 -10.37
N GLY A 4 -11.27 11.25 -9.48
CA GLY A 4 -12.68 11.57 -9.58
C GLY A 4 -13.50 10.42 -10.11
N SER A 5 -14.44 9.94 -9.30
CA SER A 5 -15.30 8.83 -9.69
C SER A 5 -16.58 8.82 -8.87
N SER A 6 -17.70 9.13 -9.52
CA SER A 6 -18.98 9.17 -8.84
C SER A 6 -20.12 8.94 -9.83
N GLY A 7 -20.80 7.81 -9.71
CA GLY A 7 -21.90 7.49 -10.60
C GLY A 7 -21.46 6.68 -11.80
N ASN A 8 -20.40 5.89 -11.63
CA ASN A 8 -19.89 5.06 -12.70
C ASN A 8 -20.45 3.64 -12.61
N GLU A 9 -21.32 3.30 -13.57
CA GLU A 9 -21.93 1.97 -13.59
C GLU A 9 -21.27 1.08 -14.64
N GLU A 10 -20.35 1.65 -15.41
CA GLU A 10 -19.65 0.89 -16.45
C GLU A 10 -18.31 0.36 -15.94
N LEU A 11 -18.19 0.23 -14.61
CA LEU A 11 -16.97 -0.27 -14.00
C LEU A 11 -17.29 -1.14 -12.79
N ARG A 12 -18.50 -1.67 -12.74
CA ARG A 12 -18.93 -2.53 -11.64
C ARG A 12 -18.88 -4.00 -12.04
N ALA A 13 -19.16 -4.27 -13.30
CA ALA A 13 -19.16 -5.63 -13.81
C ALA A 13 -17.77 -6.03 -14.32
N GLN A 14 -17.01 -5.03 -14.79
CA GLN A 14 -15.67 -5.27 -15.30
C GLN A 14 -14.73 -5.70 -14.18
N GLN A 15 -15.00 -5.21 -12.96
CA GLN A 15 -14.18 -5.54 -11.82
C GLN A 15 -14.81 -6.66 -10.99
N GLU A 16 -15.51 -7.56 -11.68
CA GLU A 16 -16.17 -8.68 -11.01
C GLU A 16 -15.47 -10.01 -11.36
N ALA A 17 -14.92 -10.08 -12.55
CA ALA A 17 -14.22 -11.27 -13.00
C ALA A 17 -12.85 -10.94 -13.58
N GLU A 18 -12.80 -9.91 -14.41
CA GLU A 18 -11.55 -9.48 -15.02
C GLU A 18 -10.57 -8.98 -13.97
N ALA A 19 -11.02 -8.02 -13.18
CA ALA A 19 -10.17 -7.45 -12.12
C ALA A 19 -10.48 -8.08 -10.77
N ALA A 20 -10.82 -9.38 -10.80
CA ALA A 20 -11.12 -10.10 -9.57
C ALA A 20 -10.12 -11.22 -9.33
N GLN A 21 -9.71 -11.90 -10.40
CA GLN A 21 -8.76 -12.99 -10.30
C GLN A 21 -7.40 -12.57 -10.85
N ARG A 22 -7.41 -11.73 -11.88
CA ARG A 22 -6.19 -11.25 -12.50
C ARG A 22 -5.31 -10.52 -11.49
N LEU A 23 -5.95 -9.91 -10.50
CA LEU A 23 -5.23 -9.17 -9.46
C LEU A 23 -5.02 -10.03 -8.22
N SER A 24 -4.72 -11.31 -8.45
CA SER A 24 -4.49 -12.24 -7.35
C SER A 24 -3.02 -12.28 -6.96
N GLU A 25 -2.14 -12.04 -7.94
CA GLU A 25 -0.71 -12.05 -7.70
C GLU A 25 -0.32 -10.97 -6.70
N GLU A 26 -0.82 -9.75 -6.91
CA GLU A 26 -0.52 -8.63 -6.03
C GLU A 26 -1.08 -8.90 -4.63
N LYS A 27 -2.22 -9.56 -4.56
CA LYS A 27 -2.85 -9.87 -3.28
C LYS A 27 -1.92 -10.72 -2.42
N ALA A 28 -1.11 -11.55 -3.06
CA ALA A 28 -0.18 -12.42 -2.36
C ALA A 28 0.87 -11.60 -1.61
N GLN A 29 1.46 -10.63 -2.29
CA GLN A 29 2.48 -9.78 -1.71
C GLN A 29 1.87 -8.83 -0.68
N ALA A 30 0.78 -8.18 -1.06
CA ALA A 30 0.10 -7.25 -0.17
C ALA A 30 -0.37 -7.93 1.11
N SER A 31 -0.69 -9.22 0.99
CA SER A 31 -1.15 -9.99 2.14
C SER A 31 -0.02 -10.85 2.71
N ALA A 32 1.17 -10.27 2.75
CA ALA A 32 2.35 -10.97 3.27
C ALA A 32 3.38 -10.00 3.80
N ILE A 33 2.91 -8.86 4.30
CA ILE A 33 3.81 -7.85 4.85
C ILE A 33 3.27 -7.28 6.16
N SER A 34 3.85 -7.73 7.28
CA SER A 34 3.43 -7.26 8.59
C SER A 34 3.66 -5.76 8.75
N VAL A 35 2.73 -5.09 9.41
CA VAL A 35 2.82 -3.65 9.63
C VAL A 35 3.72 -3.33 10.81
N GLY A 36 4.71 -2.48 10.59
CA GLY A 36 5.63 -2.11 11.66
C GLY A 36 7.01 -2.70 11.46
N SER A 37 7.38 -2.95 10.21
CA SER A 37 8.69 -3.52 9.91
C SER A 37 9.42 -2.67 8.87
N ARG A 38 10.75 -2.72 8.91
CA ARG A 38 11.58 -1.95 7.98
C ARG A 38 11.72 -2.69 6.64
N CYS A 39 11.23 -2.07 5.57
CA CYS A 39 11.30 -2.66 4.25
C CYS A 39 11.83 -1.66 3.23
N GLU A 40 12.57 -2.15 2.24
CA GLU A 40 13.13 -1.30 1.20
C GLU A 40 12.06 -0.90 0.18
N VAL A 41 12.40 0.06 -0.67
CA VAL A 41 11.46 0.53 -1.69
C VAL A 41 12.18 0.75 -3.02
N ARG A 42 11.65 0.13 -4.09
CA ARG A 42 12.24 0.26 -5.40
C ARG A 42 11.20 0.70 -6.43
N ALA A 43 11.38 1.90 -6.97
CA ALA A 43 10.45 2.44 -7.96
C ALA A 43 11.11 3.52 -8.81
N PRO A 44 10.57 3.79 -10.01
CA PRO A 44 11.12 4.80 -10.91
C PRO A 44 10.88 6.22 -10.41
N ASP A 45 11.46 6.53 -9.25
CA ASP A 45 11.32 7.86 -8.65
C ASP A 45 12.67 8.43 -8.29
N HIS A 46 13.48 7.65 -7.59
CA HIS A 46 14.82 8.09 -7.18
C HIS A 46 15.77 6.91 -7.07
N SER A 47 15.60 6.10 -6.02
CA SER A 47 16.46 4.94 -5.81
C SER A 47 15.93 4.09 -4.65
N LEU A 48 16.75 3.13 -4.22
CA LEU A 48 16.37 2.25 -3.11
C LEU A 48 16.41 3.01 -1.78
N ARG A 49 15.26 3.04 -1.11
CA ARG A 49 15.16 3.72 0.18
C ARG A 49 14.68 2.76 1.27
N ARG A 50 14.96 3.11 2.52
CA ARG A 50 14.55 2.28 3.65
C ARG A 50 13.56 3.02 4.55
N GLY A 51 12.43 2.38 4.82
CA GLY A 51 11.41 2.99 5.67
C GLY A 51 10.74 1.99 6.58
N THR A 52 9.42 2.11 6.72
CA THR A 52 8.65 1.21 7.56
C THR A 52 7.22 1.08 7.06
N VAL A 53 6.64 -0.11 7.22
CA VAL A 53 5.27 -0.35 6.79
C VAL A 53 4.26 0.20 7.79
N MET A 54 3.29 0.96 7.27
CA MET A 54 2.26 1.55 8.12
C MET A 54 0.88 1.06 7.72
N TYR A 55 0.63 1.02 6.41
CA TYR A 55 -0.65 0.57 5.89
C TYR A 55 -0.47 -0.31 4.66
N VAL A 56 -1.34 -1.30 4.51
CA VAL A 56 -1.28 -2.22 3.37
C VAL A 56 -2.66 -2.76 3.03
N GLY A 57 -3.04 -2.58 1.76
CA GLY A 57 -4.35 -3.06 1.32
C GLY A 57 -4.85 -2.31 0.10
N LEU A 58 -6.17 -2.19 -0.01
CA LEU A 58 -6.78 -1.50 -1.13
C LEU A 58 -6.85 -0.01 -0.89
N THR A 59 -6.87 0.78 -1.96
CA THR A 59 -6.94 2.23 -1.85
C THR A 59 -8.04 2.79 -2.75
N ASP A 60 -8.14 4.11 -2.79
CA ASP A 60 -9.15 4.78 -3.61
C ASP A 60 -8.50 5.62 -4.70
N PHE A 61 -7.40 6.30 -4.34
CA PHE A 61 -6.69 7.14 -5.29
C PHE A 61 -6.21 6.33 -6.49
N LYS A 62 -5.95 5.05 -6.28
CA LYS A 62 -5.48 4.17 -7.34
C LYS A 62 -5.87 2.72 -7.06
N PRO A 63 -6.13 1.94 -8.12
CA PRO A 63 -6.52 0.53 -7.99
C PRO A 63 -5.36 -0.35 -7.53
N GLY A 64 -5.66 -1.62 -7.25
CA GLY A 64 -4.63 -2.54 -6.81
C GLY A 64 -4.24 -2.32 -5.36
N TYR A 65 -3.37 -3.18 -4.85
CA TYR A 65 -2.90 -3.08 -3.47
C TYR A 65 -1.79 -2.04 -3.35
N TRP A 66 -1.53 -1.60 -2.11
CA TRP A 66 -0.49 -0.61 -1.86
C TRP A 66 0.20 -0.87 -0.52
N VAL A 67 1.36 -0.27 -0.33
CA VAL A 67 2.11 -0.44 0.91
C VAL A 67 2.77 0.87 1.33
N GLY A 68 2.27 1.47 2.40
CA GLY A 68 2.82 2.71 2.89
C GLY A 68 4.19 2.54 3.51
N VAL A 69 5.15 3.32 3.05
CA VAL A 69 6.52 3.25 3.57
C VAL A 69 6.96 4.60 4.14
N ARG A 70 7.17 4.64 5.45
CA ARG A 70 7.60 5.85 6.12
C ARG A 70 9.12 5.93 6.19
N TYR A 71 9.70 6.82 5.39
CA TYR A 71 11.14 7.00 5.35
C TYR A 71 11.61 7.88 6.50
N ASP A 72 12.90 7.80 6.81
CA ASP A 72 13.48 8.59 7.90
C ASP A 72 13.87 9.98 7.40
N GLU A 73 14.27 10.06 6.13
CA GLU A 73 14.68 11.33 5.54
C GLU A 73 13.58 11.90 4.66
N PRO A 74 13.65 13.19 4.32
CA PRO A 74 12.65 13.86 3.47
C PRO A 74 12.71 13.37 2.02
N LEU A 75 12.16 12.19 1.78
CA LEU A 75 12.14 11.62 0.43
C LEU A 75 10.83 10.88 0.18
N GLY A 76 9.74 11.42 0.70
CA GLY A 76 8.43 10.80 0.52
C GLY A 76 7.61 11.52 -0.52
N LYS A 77 6.30 11.24 -0.53
CA LYS A 77 5.39 11.86 -1.48
C LYS A 77 4.11 12.33 -0.79
N ASN A 78 3.33 11.36 -0.31
CA ASN A 78 2.07 11.67 0.37
C ASN A 78 2.34 12.21 1.77
N ASP A 79 1.27 12.42 2.53
CA ASP A 79 1.39 12.93 3.90
C ASP A 79 0.50 12.15 4.85
N GLY A 80 0.21 10.89 4.50
CA GLY A 80 -0.63 10.06 5.35
C GLY A 80 -2.08 10.08 4.92
N SER A 81 -2.53 11.22 4.41
CA SER A 81 -3.92 11.36 3.97
C SER A 81 -3.97 11.66 2.47
N VAL A 82 -4.84 10.93 1.76
CA VAL A 82 -5.00 11.12 0.33
C VAL A 82 -6.47 11.05 -0.08
N ASN A 83 -7.00 12.15 -0.59
CA ASN A 83 -8.39 12.21 -1.02
C ASN A 83 -9.33 11.96 0.16
N GLY A 84 -8.87 12.30 1.36
CA GLY A 84 -9.69 12.11 2.55
C GLY A 84 -9.37 10.80 3.25
N LYS A 85 -8.94 9.80 2.49
CA LYS A 85 -8.61 8.49 3.05
C LYS A 85 -7.31 8.56 3.83
N ARG A 86 -7.37 8.17 5.10
CA ARG A 86 -6.19 8.17 5.96
C ARG A 86 -5.60 6.77 6.08
N TYR A 87 -4.30 6.69 6.33
CA TYR A 87 -3.61 5.41 6.48
C TYR A 87 -2.68 5.42 7.69
N PHE A 88 -1.87 6.47 7.79
CA PHE A 88 -0.93 6.60 8.90
C PHE A 88 -0.85 8.05 9.38
N GLU A 89 0.04 8.29 10.35
CA GLU A 89 0.21 9.63 10.89
C GLU A 89 1.68 10.04 10.86
N CYS A 90 2.07 10.76 9.82
CA CYS A 90 3.45 11.21 9.66
C CYS A 90 3.51 12.48 8.81
N GLN A 91 4.65 13.16 8.88
CA GLN A 91 4.84 14.40 8.11
C GLN A 91 4.68 14.14 6.63
N ALA A 92 4.57 15.22 5.85
CA ALA A 92 4.41 15.11 4.40
C ALA A 92 5.75 14.94 3.72
N LYS A 93 5.74 14.40 2.52
CA LYS A 93 6.95 14.17 1.75
C LYS A 93 7.91 13.25 2.49
N TYR A 94 7.34 12.31 3.24
CA TYR A 94 8.13 11.35 4.00
C TYR A 94 7.63 9.93 3.78
N GLY A 95 6.33 9.73 3.97
CA GLY A 95 5.74 8.42 3.79
C GLY A 95 5.18 8.23 2.39
N ALA A 96 5.95 7.55 1.53
CA ALA A 96 5.53 7.30 0.17
C ALA A 96 4.65 6.05 0.08
N PHE A 97 3.83 5.97 -0.97
CA PHE A 97 2.94 4.83 -1.16
C PHE A 97 3.40 3.99 -2.35
N VAL A 98 4.05 2.87 -2.06
CA VAL A 98 4.54 1.98 -3.11
C VAL A 98 3.74 0.69 -3.14
N LYS A 99 4.09 -0.21 -4.07
CA LYS A 99 3.40 -1.48 -4.19
C LYS A 99 4.22 -2.61 -3.59
N PRO A 100 3.55 -3.69 -3.13
CA PRO A 100 4.23 -4.84 -2.53
C PRO A 100 5.43 -5.27 -3.36
N SER A 101 5.18 -5.51 -4.64
CA SER A 101 6.24 -5.91 -5.56
C SER A 101 7.34 -4.86 -5.55
N ALA A 102 6.99 -3.63 -5.16
CA ALA A 102 7.95 -2.55 -5.08
C ALA A 102 8.54 -2.45 -3.68
N VAL A 103 7.93 -3.16 -2.72
CA VAL A 103 8.41 -3.16 -1.35
C VAL A 103 9.18 -4.43 -1.03
N THR A 104 10.37 -4.27 -0.46
CA THR A 104 11.21 -5.41 -0.10
C THR A 104 11.35 -5.53 1.41
N VAL A 105 10.83 -6.63 1.96
CA VAL A 105 10.89 -6.86 3.40
C VAL A 105 12.27 -7.36 3.81
N GLY A 106 12.92 -6.63 4.70
CA GLY A 106 14.24 -7.01 5.16
C GLY A 106 14.18 -7.93 6.37
N ASP A 107 13.38 -7.55 7.36
CA ASP A 107 13.24 -8.35 8.58
C ASP A 107 11.77 -8.48 8.98
N SER A 108 11.38 -9.68 9.37
CA SER A 108 10.00 -9.93 9.79
C SER A 108 9.92 -11.17 10.68
N GLY A 109 8.85 -11.25 11.46
CA GLY A 109 8.67 -12.38 12.35
C GLY A 109 9.15 -12.10 13.76
N PRO A 110 8.53 -12.70 14.78
CA PRO A 110 8.92 -12.51 16.18
C PRO A 110 10.40 -12.74 16.41
N SER A 111 11.09 -11.73 16.94
CA SER A 111 12.52 -11.84 17.20
C SER A 111 12.95 -10.82 18.26
N SER A 112 14.23 -10.86 18.63
CA SER A 112 14.76 -9.95 19.63
C SER A 112 16.23 -9.64 19.35
N GLY A 113 17.08 -10.65 19.49
CA GLY A 113 18.50 -10.47 19.25
C GLY A 113 19.01 -11.34 18.12
N GLY A 1 -27.31 -3.28 -5.65
CA GLY A 1 -26.81 -1.96 -6.13
C GLY A 1 -26.63 -0.96 -5.00
N SER A 2 -26.04 0.19 -5.32
CA SER A 2 -25.82 1.23 -4.33
C SER A 2 -27.09 2.04 -4.10
N SER A 3 -27.02 3.02 -3.20
CA SER A 3 -28.16 3.87 -2.89
C SER A 3 -28.08 5.18 -3.66
N GLY A 4 -26.87 5.72 -3.78
CA GLY A 4 -26.69 6.98 -4.50
C GLY A 4 -25.63 7.85 -3.86
N SER A 5 -24.49 7.25 -3.52
CA SER A 5 -23.40 7.99 -2.90
C SER A 5 -22.05 7.39 -3.29
N SER A 6 -21.79 6.18 -2.82
CA SER A 6 -20.53 5.49 -3.12
C SER A 6 -20.77 4.28 -4.02
N GLY A 7 -20.87 4.53 -5.32
CA GLY A 7 -21.08 3.45 -6.27
C GLY A 7 -20.32 3.65 -7.56
N ASN A 8 -19.25 2.90 -7.73
CA ASN A 8 -18.42 2.99 -8.93
C ASN A 8 -19.16 2.41 -10.13
N GLU A 9 -19.32 3.23 -11.16
CA GLU A 9 -20.01 2.80 -12.38
C GLU A 9 -19.06 2.04 -13.30
N GLU A 10 -17.79 2.40 -13.25
CA GLU A 10 -16.77 1.75 -14.09
C GLU A 10 -15.78 0.96 -13.24
N LEU A 11 -16.15 0.67 -12.00
CA LEU A 11 -15.28 -0.08 -11.10
C LEU A 11 -16.10 -0.92 -10.12
N ARG A 12 -17.28 -1.35 -10.55
CA ARG A 12 -18.15 -2.15 -9.71
C ARG A 12 -17.95 -3.64 -9.99
N ALA A 13 -17.62 -3.96 -11.23
CA ALA A 13 -17.41 -5.35 -11.63
C ALA A 13 -15.93 -5.62 -11.91
N GLN A 14 -15.21 -4.57 -12.29
CA GLN A 14 -13.78 -4.70 -12.59
C GLN A 14 -13.02 -5.22 -11.37
N GLN A 15 -13.53 -4.92 -10.18
CA GLN A 15 -12.88 -5.36 -8.95
C GLN A 15 -13.63 -6.54 -8.34
N GLU A 16 -14.23 -7.37 -9.19
CA GLU A 16 -14.97 -8.53 -8.74
C GLU A 16 -14.29 -9.83 -9.19
N ALA A 17 -13.73 -9.80 -10.39
CA ALA A 17 -13.05 -10.97 -10.95
C ALA A 17 -11.55 -10.73 -11.03
N GLU A 18 -11.17 -9.52 -11.45
CA GLU A 18 -9.76 -9.17 -11.58
C GLU A 18 -9.09 -9.07 -10.21
N ALA A 19 -9.89 -8.82 -9.17
CA ALA A 19 -9.37 -8.70 -7.83
C ALA A 19 -9.47 -10.03 -7.07
N ALA A 20 -9.18 -11.12 -7.78
CA ALA A 20 -9.23 -12.45 -7.18
C ALA A 20 -8.22 -13.39 -7.83
N GLN A 21 -8.17 -13.37 -9.15
CA GLN A 21 -7.23 -14.21 -9.89
C GLN A 21 -6.10 -13.39 -10.48
N ARG A 22 -6.46 -12.39 -11.28
CA ARG A 22 -5.48 -11.51 -11.91
C ARG A 22 -4.69 -10.73 -10.86
N LEU A 23 -5.38 -10.35 -9.79
CA LEU A 23 -4.75 -9.59 -8.71
C LEU A 23 -4.36 -10.51 -7.56
N SER A 24 -4.03 -11.76 -7.89
CA SER A 24 -3.63 -12.73 -6.88
C SER A 24 -2.22 -12.46 -6.38
N GLU A 25 -1.37 -11.96 -7.27
CA GLU A 25 0.01 -11.66 -6.92
C GLU A 25 0.09 -10.44 -5.98
N GLU A 26 -0.73 -9.44 -6.27
CA GLU A 26 -0.77 -8.23 -5.46
C GLU A 26 -1.40 -8.50 -4.10
N LYS A 27 -2.35 -9.42 -4.07
CA LYS A 27 -3.04 -9.78 -2.84
C LYS A 27 -2.12 -10.58 -1.91
N ALA A 28 -1.28 -11.41 -2.51
CA ALA A 28 -0.35 -12.23 -1.75
C ALA A 28 0.72 -11.37 -1.09
N GLN A 29 1.33 -10.48 -1.86
CA GLN A 29 2.36 -9.60 -1.36
C GLN A 29 1.82 -8.68 -0.27
N ALA A 30 0.54 -8.33 -0.37
CA ALA A 30 -0.10 -7.46 0.60
C ALA A 30 -0.35 -8.20 1.92
N SER A 31 -0.56 -9.52 1.82
CA SER A 31 -0.80 -10.34 2.99
C SER A 31 0.48 -11.04 3.44
N ALA A 32 1.61 -10.39 3.22
CA ALA A 32 2.91 -10.94 3.60
C ALA A 32 3.71 -9.93 4.41
N ILE A 33 3.75 -8.68 3.95
CA ILE A 33 4.48 -7.63 4.63
C ILE A 33 3.77 -7.21 5.91
N SER A 34 4.46 -7.37 7.04
CA SER A 34 3.88 -7.00 8.34
C SER A 34 4.02 -5.49 8.57
N VAL A 35 3.30 -5.00 9.58
CA VAL A 35 3.33 -3.58 9.91
C VAL A 35 4.40 -3.29 10.97
N GLY A 36 5.18 -2.24 10.74
CA GLY A 36 6.21 -1.87 11.67
C GLY A 36 7.50 -2.64 11.44
N SER A 37 7.75 -2.99 10.19
CA SER A 37 8.95 -3.73 9.81
C SER A 37 9.71 -3.03 8.69
N ARG A 38 11.00 -2.83 8.89
CA ARG A 38 11.83 -2.17 7.89
C ARG A 38 11.83 -2.95 6.58
N CYS A 39 11.55 -2.24 5.49
CA CYS A 39 11.50 -2.86 4.17
C CYS A 39 12.03 -1.91 3.09
N GLU A 40 12.85 -2.42 2.19
CA GLU A 40 13.42 -1.62 1.12
C GLU A 40 12.36 -1.31 0.06
N VAL A 41 12.61 -0.27 -0.72
CA VAL A 41 11.67 0.13 -1.78
C VAL A 41 12.42 0.40 -3.08
N ARG A 42 11.87 -0.11 -4.18
CA ARG A 42 12.47 0.08 -5.49
C ARG A 42 11.50 0.75 -6.45
N ALA A 43 11.80 2.00 -6.81
CA ALA A 43 10.95 2.76 -7.72
C ALA A 43 11.77 3.73 -8.56
N PRO A 44 11.25 4.10 -9.74
CA PRO A 44 11.95 5.03 -10.64
C PRO A 44 11.79 6.48 -10.22
N ASP A 45 12.19 6.79 -8.99
CA ASP A 45 12.09 8.15 -8.47
C ASP A 45 13.47 8.66 -8.06
N HIS A 46 14.24 7.82 -7.40
CA HIS A 46 15.58 8.19 -6.95
C HIS A 46 16.47 6.97 -6.83
N SER A 47 16.15 6.09 -5.87
CA SER A 47 16.93 4.88 -5.65
C SER A 47 16.36 4.08 -4.48
N LEU A 48 17.03 3.00 -4.13
CA LEU A 48 16.58 2.15 -3.03
C LEU A 48 16.60 2.91 -1.70
N ARG A 49 15.47 2.92 -1.02
CA ARG A 49 15.35 3.61 0.26
C ARG A 49 14.97 2.64 1.38
N ARG A 50 15.08 3.10 2.62
CA ARG A 50 14.74 2.28 3.77
C ARG A 50 13.65 2.93 4.61
N GLY A 51 12.48 2.28 4.64
CA GLY A 51 11.37 2.82 5.40
C GLY A 51 10.71 1.77 6.28
N THR A 52 9.51 2.07 6.75
CA THR A 52 8.77 1.15 7.61
C THR A 52 7.33 1.00 7.13
N VAL A 53 6.77 -0.19 7.31
CA VAL A 53 5.40 -0.47 6.90
C VAL A 53 4.40 0.13 7.88
N MET A 54 3.45 0.89 7.38
CA MET A 54 2.43 1.52 8.21
C MET A 54 1.03 1.05 7.82
N TYR A 55 0.74 1.09 6.52
CA TYR A 55 -0.56 0.67 6.02
C TYR A 55 -0.41 -0.22 4.79
N VAL A 56 -1.28 -1.22 4.68
CA VAL A 56 -1.24 -2.14 3.55
C VAL A 56 -2.64 -2.60 3.17
N GLY A 57 -3.19 -1.99 2.12
CA GLY A 57 -4.52 -2.34 1.67
C GLY A 57 -4.92 -1.61 0.40
N LEU A 58 -6.22 -1.55 0.15
CA LEU A 58 -6.72 -0.88 -1.04
C LEU A 58 -6.81 0.63 -0.82
N THR A 59 -6.60 1.39 -1.89
CA THR A 59 -6.65 2.85 -1.81
C THR A 59 -7.94 3.38 -2.44
N ASP A 60 -8.12 4.69 -2.37
CA ASP A 60 -9.32 5.33 -2.93
C ASP A 60 -8.96 6.18 -4.14
N PHE A 61 -7.75 6.74 -4.14
CA PHE A 61 -7.30 7.57 -5.24
C PHE A 61 -6.73 6.72 -6.37
N LYS A 62 -6.17 5.57 -6.02
CA LYS A 62 -5.58 4.67 -7.01
C LYS A 62 -6.10 3.24 -6.81
N PRO A 63 -6.22 2.49 -7.91
CA PRO A 63 -6.71 1.11 -7.87
C PRO A 63 -5.67 0.13 -7.32
N GLY A 64 -6.06 -1.12 -7.15
CA GLY A 64 -5.15 -2.12 -6.64
C GLY A 64 -4.71 -1.84 -5.22
N TYR A 65 -3.90 -2.74 -4.66
CA TYR A 65 -3.41 -2.58 -3.30
C TYR A 65 -2.23 -1.59 -3.25
N TRP A 66 -1.85 -1.20 -2.05
CA TRP A 66 -0.75 -0.26 -1.86
C TRP A 66 -0.10 -0.44 -0.50
N VAL A 67 1.02 0.24 -0.28
CA VAL A 67 1.75 0.16 0.98
C VAL A 67 2.34 1.50 1.37
N GLY A 68 1.91 2.02 2.52
CA GLY A 68 2.41 3.30 2.97
C GLY A 68 3.69 3.17 3.77
N VAL A 69 4.80 3.58 3.17
CA VAL A 69 6.10 3.50 3.83
C VAL A 69 6.62 4.89 4.18
N ARG A 70 7.07 5.06 5.43
CA ARG A 70 7.59 6.33 5.89
C ARG A 70 9.11 6.30 5.95
N TYR A 71 9.76 7.07 5.08
CA TYR A 71 11.21 7.13 5.03
C TYR A 71 11.76 7.97 6.19
N ASP A 72 13.07 7.91 6.38
CA ASP A 72 13.71 8.66 7.45
C ASP A 72 14.15 10.03 6.96
N GLU A 73 14.51 10.12 5.68
CA GLU A 73 14.95 11.38 5.10
C GLU A 73 13.92 11.91 4.11
N PRO A 74 13.85 13.24 3.95
CA PRO A 74 12.90 13.88 3.03
C PRO A 74 12.98 13.30 1.62
N LEU A 75 12.16 12.29 1.36
CA LEU A 75 12.14 11.65 0.05
C LEU A 75 10.78 11.03 -0.24
N GLY A 76 9.72 11.70 0.21
CA GLY A 76 8.38 11.21 0.01
C GLY A 76 7.61 12.02 -1.02
N LYS A 77 6.28 11.90 -1.00
CA LYS A 77 5.44 12.62 -1.94
C LYS A 77 4.07 12.90 -1.33
N ASN A 78 3.48 11.87 -0.73
CA ASN A 78 2.16 12.00 -0.11
C ASN A 78 2.28 12.54 1.32
N ASP A 79 1.14 12.73 1.97
CA ASP A 79 1.12 13.23 3.34
C ASP A 79 0.57 12.18 4.30
N GLY A 80 -0.44 11.44 3.85
CA GLY A 80 -1.04 10.42 4.68
C GLY A 80 -2.54 10.26 4.44
N SER A 81 -3.18 11.36 4.05
CA SER A 81 -4.61 11.35 3.79
C SER A 81 -4.92 11.80 2.36
N VAL A 82 -5.27 10.84 1.51
CA VAL A 82 -5.57 11.14 0.11
C VAL A 82 -6.97 10.67 -0.25
N ASN A 83 -7.73 11.53 -0.92
CA ASN A 83 -9.09 11.20 -1.34
C ASN A 83 -9.96 10.89 -0.13
N GLY A 84 -9.72 11.61 0.98
CA GLY A 84 -10.50 11.40 2.18
C GLY A 84 -10.22 10.04 2.81
N LYS A 85 -9.03 9.52 2.60
CA LYS A 85 -8.65 8.22 3.14
C LYS A 85 -7.32 8.31 3.89
N ARG A 86 -7.35 8.03 5.20
CA ARG A 86 -6.15 8.08 6.02
C ARG A 86 -5.50 6.71 6.11
N TYR A 87 -4.19 6.67 5.91
CA TYR A 87 -3.45 5.41 5.97
C TYR A 87 -2.47 5.42 7.13
N PHE A 88 -1.77 6.54 7.31
CA PHE A 88 -0.80 6.68 8.39
C PHE A 88 -0.82 8.09 8.96
N GLU A 89 0.05 8.34 9.94
CA GLU A 89 0.14 9.65 10.56
C GLU A 89 1.55 10.21 10.45
N CYS A 90 1.77 11.07 9.46
CA CYS A 90 3.07 11.68 9.24
C CYS A 90 2.94 12.97 8.42
N GLN A 91 4.07 13.59 8.12
CA GLN A 91 4.10 14.82 7.35
C GLN A 91 4.18 14.52 5.85
N ALA A 92 4.27 15.57 5.05
CA ALA A 92 4.34 15.42 3.60
C ALA A 92 5.79 15.24 3.16
N LYS A 93 5.97 14.69 1.96
CA LYS A 93 7.30 14.45 1.41
C LYS A 93 8.10 13.51 2.32
N TYR A 94 7.40 12.57 2.94
CA TYR A 94 8.04 11.61 3.82
C TYR A 94 7.43 10.22 3.66
N GLY A 95 6.10 10.14 3.81
CA GLY A 95 5.42 8.87 3.67
C GLY A 95 4.87 8.65 2.28
N ALA A 96 5.65 7.99 1.44
CA ALA A 96 5.24 7.71 0.06
C ALA A 96 4.37 6.45 -0.01
N PHE A 97 3.75 6.24 -1.17
CA PHE A 97 2.91 5.07 -1.36
C PHE A 97 3.45 4.18 -2.48
N VAL A 98 3.92 3.00 -2.10
CA VAL A 98 4.47 2.06 -3.07
C VAL A 98 3.68 0.76 -3.08
N LYS A 99 4.00 -0.12 -4.03
CA LYS A 99 3.30 -1.39 -4.17
C LYS A 99 4.08 -2.51 -3.47
N PRO A 100 3.36 -3.49 -2.89
CA PRO A 100 3.99 -4.62 -2.20
C PRO A 100 5.11 -5.21 -3.02
N SER A 101 4.81 -5.53 -4.27
CA SER A 101 5.81 -6.07 -5.18
C SER A 101 7.00 -5.12 -5.26
N ALA A 102 6.74 -3.84 -4.97
CA ALA A 102 7.78 -2.83 -5.00
C ALA A 102 8.47 -2.74 -3.64
N VAL A 103 7.86 -3.34 -2.62
CA VAL A 103 8.41 -3.32 -1.27
C VAL A 103 9.11 -4.65 -0.96
N THR A 104 10.34 -4.57 -0.47
CA THR A 104 11.11 -5.76 -0.12
C THR A 104 11.33 -5.85 1.38
N VAL A 105 10.90 -6.97 1.97
CA VAL A 105 11.06 -7.19 3.40
C VAL A 105 12.32 -7.97 3.70
N GLY A 106 13.09 -7.50 4.67
CA GLY A 106 14.33 -8.17 5.04
C GLY A 106 14.38 -8.51 6.52
N ASP A 107 13.92 -7.60 7.36
CA ASP A 107 13.91 -7.80 8.80
C ASP A 107 12.86 -8.83 9.20
N SER A 108 11.68 -8.73 8.60
CA SER A 108 10.59 -9.66 8.89
C SER A 108 10.77 -10.98 8.13
N GLY A 109 10.18 -12.05 8.65
CA GLY A 109 10.29 -13.34 8.01
C GLY A 109 10.78 -14.42 8.96
N PRO A 110 10.27 -15.66 8.84
CA PRO A 110 10.67 -16.77 9.70
C PRO A 110 12.07 -17.29 9.37
N SER A 111 12.75 -17.83 10.36
CA SER A 111 14.09 -18.37 10.18
C SER A 111 14.21 -19.77 10.79
N SER A 112 14.09 -19.84 12.11
CA SER A 112 14.18 -21.12 12.81
C SER A 112 13.03 -21.28 13.80
N GLY A 113 12.16 -22.24 13.53
CA GLY A 113 11.02 -22.49 14.39
C GLY A 113 11.16 -23.78 15.17
N GLY A 1 -28.80 16.90 -4.55
CA GLY A 1 -28.67 15.47 -4.97
C GLY A 1 -27.22 15.02 -5.03
N SER A 2 -27.01 13.76 -5.42
CA SER A 2 -25.67 13.21 -5.51
C SER A 2 -24.99 13.22 -4.14
N SER A 3 -25.27 12.20 -3.34
CA SER A 3 -24.69 12.09 -2.01
C SER A 3 -23.94 10.77 -1.85
N GLY A 4 -23.40 10.26 -2.96
CA GLY A 4 -22.67 9.02 -2.92
C GLY A 4 -21.32 9.11 -3.62
N SER A 5 -20.73 10.29 -3.59
CA SER A 5 -19.44 10.51 -4.22
C SER A 5 -19.52 10.27 -5.72
N SER A 6 -19.81 11.32 -6.48
CA SER A 6 -19.91 11.22 -7.93
C SER A 6 -18.60 10.78 -8.54
N GLY A 7 -18.50 9.49 -8.86
CA GLY A 7 -17.29 8.95 -9.45
C GLY A 7 -16.88 7.63 -8.84
N ASN A 8 -17.85 6.74 -8.65
CA ASN A 8 -17.59 5.43 -8.08
C ASN A 8 -18.51 4.36 -8.68
N GLU A 9 -18.88 4.56 -9.94
CA GLU A 9 -19.75 3.63 -10.64
C GLU A 9 -18.94 2.57 -11.37
N GLU A 10 -17.73 2.92 -11.77
CA GLU A 10 -16.85 2.00 -12.49
C GLU A 10 -16.07 1.14 -11.51
N LEU A 11 -15.64 1.74 -10.40
CA LEU A 11 -14.87 1.01 -9.39
C LEU A 11 -15.77 0.05 -8.62
N ARG A 12 -17.03 0.43 -8.44
CA ARG A 12 -17.99 -0.40 -7.73
C ARG A 12 -18.15 -1.76 -8.39
N ALA A 13 -17.85 -1.82 -9.69
CA ALA A 13 -17.96 -3.07 -10.44
C ALA A 13 -16.60 -3.50 -10.98
N GLN A 14 -15.53 -3.01 -10.37
CA GLN A 14 -14.18 -3.36 -10.80
C GLN A 14 -13.46 -4.16 -9.71
N GLN A 15 -13.82 -3.90 -8.46
CA GLN A 15 -13.19 -4.60 -7.34
C GLN A 15 -14.09 -5.75 -6.86
N GLU A 16 -14.84 -6.33 -7.79
CA GLU A 16 -15.72 -7.44 -7.46
C GLU A 16 -15.39 -8.66 -8.31
N ALA A 17 -15.47 -8.50 -9.63
CA ALA A 17 -15.18 -9.59 -10.56
C ALA A 17 -13.88 -9.32 -11.31
N GLU A 18 -13.56 -8.06 -11.52
CA GLU A 18 -12.35 -7.67 -12.23
C GLU A 18 -11.12 -7.80 -11.32
N ALA A 19 -11.28 -7.40 -10.06
CA ALA A 19 -10.18 -7.47 -9.11
C ALA A 19 -10.29 -8.72 -8.24
N ALA A 20 -10.74 -9.81 -8.86
CA ALA A 20 -10.89 -11.08 -8.14
C ALA A 20 -9.98 -12.15 -8.72
N GLN A 21 -9.84 -12.15 -10.05
CA GLN A 21 -8.99 -13.12 -10.72
C GLN A 21 -7.70 -12.47 -11.22
N ARG A 22 -7.78 -11.18 -11.52
CA ARG A 22 -6.61 -10.44 -12.00
C ARG A 22 -5.94 -9.68 -10.87
N LEU A 23 -6.02 -10.23 -9.66
CA LEU A 23 -5.41 -9.60 -8.49
C LEU A 23 -4.94 -10.65 -7.49
N SER A 24 -4.52 -11.80 -8.01
CA SER A 24 -4.03 -12.89 -7.16
C SER A 24 -2.55 -12.72 -6.87
N GLU A 25 -1.81 -12.19 -7.83
CA GLU A 25 -0.38 -11.98 -7.68
C GLU A 25 -0.10 -10.86 -6.67
N GLU A 26 -0.87 -9.78 -6.77
CA GLU A 26 -0.70 -8.64 -5.88
C GLU A 26 -1.17 -8.99 -4.46
N LYS A 27 -2.17 -9.87 -4.38
CA LYS A 27 -2.70 -10.28 -3.09
C LYS A 27 -1.68 -11.09 -2.30
N ALA A 28 -0.88 -11.87 -3.02
CA ALA A 28 0.15 -12.69 -2.38
C ALA A 28 1.25 -11.83 -1.79
N GLN A 29 1.56 -10.73 -2.46
CA GLN A 29 2.60 -9.81 -2.00
C GLN A 29 2.07 -8.90 -0.90
N ALA A 30 0.86 -8.40 -1.08
CA ALA A 30 0.23 -7.52 -0.10
C ALA A 30 -0.11 -8.28 1.18
N SER A 31 -0.34 -9.57 1.05
CA SER A 31 -0.68 -10.41 2.19
C SER A 31 0.56 -11.11 2.74
N ALA A 32 1.68 -10.39 2.77
CA ALA A 32 2.93 -10.95 3.27
C ALA A 32 3.87 -9.85 3.75
N ILE A 33 3.29 -8.76 4.22
CA ILE A 33 4.07 -7.63 4.72
C ILE A 33 3.47 -7.05 6.00
N SER A 34 3.97 -7.51 7.14
CA SER A 34 3.48 -7.04 8.43
C SER A 34 3.72 -5.54 8.59
N VAL A 35 2.81 -4.88 9.30
CA VAL A 35 2.92 -3.45 9.53
C VAL A 35 3.85 -3.15 10.70
N GLY A 36 4.93 -2.41 10.42
CA GLY A 36 5.88 -2.07 11.46
C GLY A 36 7.21 -2.77 11.29
N SER A 37 7.56 -3.07 10.03
CA SER A 37 8.82 -3.74 9.73
C SER A 37 9.59 -2.99 8.65
N ARG A 38 10.85 -2.69 8.94
CA ARG A 38 11.70 -1.97 7.99
C ARG A 38 11.90 -2.77 6.72
N CYS A 39 11.57 -2.18 5.58
CA CYS A 39 11.72 -2.85 4.30
C CYS A 39 12.37 -1.92 3.27
N GLU A 40 12.88 -2.52 2.20
CA GLU A 40 13.55 -1.74 1.14
C GLU A 40 12.56 -1.41 0.02
N VAL A 41 12.53 -0.14 -0.36
CA VAL A 41 11.64 0.31 -1.42
C VAL A 41 12.40 0.57 -2.71
N ARG A 42 11.84 0.11 -3.83
CA ARG A 42 12.48 0.29 -5.13
C ARG A 42 11.44 0.64 -6.20
N ALA A 43 11.40 1.89 -6.60
CA ALA A 43 10.46 2.34 -7.62
C ALA A 43 11.09 3.41 -8.51
N PRO A 44 10.53 3.61 -9.72
CA PRO A 44 11.03 4.61 -10.67
C PRO A 44 10.76 6.04 -10.21
N ASP A 45 11.34 6.42 -9.08
CA ASP A 45 11.16 7.76 -8.54
C ASP A 45 12.50 8.44 -8.31
N HIS A 46 13.44 7.70 -7.72
CA HIS A 46 14.77 8.23 -7.44
C HIS A 46 15.77 7.10 -7.22
N SER A 47 15.66 6.43 -6.09
CA SER A 47 16.55 5.33 -5.76
C SER A 47 16.02 4.52 -4.57
N LEU A 48 16.76 3.49 -4.19
CA LEU A 48 16.36 2.64 -3.07
C LEU A 48 16.31 3.44 -1.77
N ARG A 49 15.27 3.21 -0.98
CA ARG A 49 15.11 3.92 0.29
C ARG A 49 14.67 2.96 1.40
N ARG A 50 15.03 3.28 2.63
CA ARG A 50 14.69 2.45 3.77
C ARG A 50 13.56 3.08 4.58
N GLY A 51 12.41 2.40 4.63
CA GLY A 51 11.27 2.91 5.37
C GLY A 51 10.59 1.83 6.20
N THR A 52 9.41 2.15 6.70
CA THR A 52 8.66 1.19 7.51
C THR A 52 7.19 1.14 7.07
N VAL A 53 6.69 -0.07 6.89
CA VAL A 53 5.31 -0.27 6.46
C VAL A 53 4.33 0.27 7.51
N MET A 54 3.37 1.07 7.06
CA MET A 54 2.37 1.65 7.95
C MET A 54 0.98 1.13 7.62
N TYR A 55 0.69 1.00 6.33
CA TYR A 55 -0.61 0.52 5.88
C TYR A 55 -0.47 -0.34 4.62
N VAL A 56 -1.10 -1.51 4.64
CA VAL A 56 -1.05 -2.42 3.50
C VAL A 56 -2.45 -2.85 3.09
N GLY A 57 -2.91 -2.35 1.95
CA GLY A 57 -4.23 -2.69 1.45
C GLY A 57 -4.62 -1.90 0.23
N LEU A 58 -5.84 -2.10 -0.25
CA LEU A 58 -6.33 -1.40 -1.42
C LEU A 58 -6.32 0.11 -1.20
N THR A 59 -6.79 0.85 -2.20
CA THR A 59 -6.84 2.31 -2.12
C THR A 59 -7.90 2.87 -3.06
N ASP A 60 -8.06 4.19 -3.03
CA ASP A 60 -9.04 4.86 -3.89
C ASP A 60 -8.35 5.72 -4.94
N PHE A 61 -7.22 6.33 -4.55
CA PHE A 61 -6.47 7.19 -5.45
C PHE A 61 -5.92 6.40 -6.64
N LYS A 62 -5.65 5.13 -6.41
CA LYS A 62 -5.12 4.26 -7.46
C LYS A 62 -5.57 2.81 -7.25
N PRO A 63 -5.69 2.04 -8.35
CA PRO A 63 -6.11 0.63 -8.28
C PRO A 63 -5.04 -0.27 -7.67
N GLY A 64 -5.33 -1.56 -7.61
CA GLY A 64 -4.39 -2.51 -7.05
C GLY A 64 -4.04 -2.19 -5.61
N TYR A 65 -3.44 -3.15 -4.92
CA TYR A 65 -3.05 -2.97 -3.53
C TYR A 65 -1.93 -1.95 -3.41
N TRP A 66 -1.60 -1.58 -2.17
CA TRP A 66 -0.54 -0.61 -1.92
C TRP A 66 0.17 -0.91 -0.60
N VAL A 67 1.26 -0.19 -0.34
CA VAL A 67 2.02 -0.39 0.88
C VAL A 67 2.65 0.92 1.35
N GLY A 68 2.03 1.54 2.36
CA GLY A 68 2.54 2.78 2.88
C GLY A 68 3.84 2.61 3.65
N VAL A 69 4.89 3.30 3.19
CA VAL A 69 6.20 3.21 3.83
C VAL A 69 6.73 4.60 4.17
N ARG A 70 7.21 4.76 5.40
CA ARG A 70 7.76 6.04 5.84
C ARG A 70 9.28 6.00 5.87
N TYR A 71 9.91 7.02 5.30
CA TYR A 71 11.36 7.10 5.25
C TYR A 71 11.90 7.92 6.43
N ASP A 72 13.21 7.93 6.59
CA ASP A 72 13.85 8.67 7.68
C ASP A 72 14.09 10.13 7.28
N GLU A 73 14.33 10.35 5.99
CA GLU A 73 14.57 11.69 5.48
C GLU A 73 13.42 12.15 4.59
N PRO A 74 13.35 13.46 4.31
CA PRO A 74 12.29 14.03 3.46
C PRO A 74 12.41 13.58 2.01
N LEU A 75 12.17 12.30 1.76
CA LEU A 75 12.24 11.75 0.41
C LEU A 75 10.87 11.35 -0.10
N GLY A 76 9.99 10.95 0.82
CA GLY A 76 8.65 10.54 0.44
C GLY A 76 7.89 11.65 -0.27
N LYS A 77 6.63 11.38 -0.59
CA LYS A 77 5.80 12.37 -1.27
C LYS A 77 4.46 12.55 -0.55
N ASN A 78 3.72 11.46 -0.40
CA ASN A 78 2.43 11.50 0.28
C ASN A 78 2.60 11.79 1.77
N ASP A 79 1.56 12.34 2.39
CA ASP A 79 1.61 12.67 3.81
C ASP A 79 0.82 11.64 4.62
N GLY A 80 -0.21 11.08 4.01
CA GLY A 80 -1.03 10.09 4.70
C GLY A 80 -2.51 10.24 4.38
N SER A 81 -2.91 11.46 4.05
CA SER A 81 -4.31 11.73 3.73
C SER A 81 -4.48 12.00 2.24
N VAL A 82 -4.94 10.99 1.51
CA VAL A 82 -5.15 11.12 0.07
C VAL A 82 -6.61 10.88 -0.30
N ASN A 83 -7.22 11.85 -0.97
CA ASN A 83 -8.61 11.75 -1.38
C ASN A 83 -9.53 11.60 -0.17
N GLY A 84 -9.17 12.28 0.92
CA GLY A 84 -9.97 12.22 2.13
C GLY A 84 -9.88 10.86 2.81
N LYS A 85 -8.74 10.19 2.65
CA LYS A 85 -8.54 8.88 3.24
C LYS A 85 -7.23 8.84 4.02
N ARG A 86 -7.32 8.54 5.32
CA ARG A 86 -6.14 8.47 6.17
C ARG A 86 -5.68 7.02 6.33
N TYR A 87 -4.36 6.82 6.26
CA TYR A 87 -3.78 5.50 6.39
C TYR A 87 -2.82 5.43 7.58
N PHE A 88 -2.00 6.48 7.73
CA PHE A 88 -1.04 6.54 8.82
C PHE A 88 -0.98 7.94 9.42
N GLU A 89 -0.10 8.13 10.39
CA GLU A 89 0.05 9.43 11.05
C GLU A 89 1.48 9.95 10.91
N CYS A 90 1.72 10.75 9.89
CA CYS A 90 3.04 11.31 9.65
C CYS A 90 2.95 12.57 8.78
N GLN A 91 4.02 13.36 8.79
CA GLN A 91 4.06 14.58 8.00
C GLN A 91 4.09 14.28 6.50
N ALA A 92 4.33 15.30 5.70
CA ALA A 92 4.38 15.13 4.25
C ALA A 92 5.81 14.92 3.77
N LYS A 93 5.95 14.42 2.54
CA LYS A 93 7.26 14.17 1.97
C LYS A 93 8.03 13.16 2.80
N TYR A 94 7.32 12.19 3.36
CA TYR A 94 7.94 11.16 4.18
C TYR A 94 7.28 9.80 3.94
N GLY A 95 5.97 9.73 4.20
CA GLY A 95 5.25 8.49 4.02
C GLY A 95 4.69 8.35 2.61
N ALA A 96 5.43 7.65 1.74
CA ALA A 96 4.99 7.45 0.37
C ALA A 96 4.29 6.10 0.21
N PHE A 97 3.51 5.98 -0.86
CA PHE A 97 2.78 4.75 -1.13
C PHE A 97 3.42 3.97 -2.28
N VAL A 98 3.86 2.76 -1.99
CA VAL A 98 4.50 1.92 -3.00
C VAL A 98 3.73 0.60 -3.18
N LYS A 99 4.06 -0.13 -4.23
CA LYS A 99 3.42 -1.41 -4.51
C LYS A 99 4.20 -2.57 -3.93
N PRO A 100 3.51 -3.68 -3.56
CA PRO A 100 4.16 -4.85 -2.99
C PRO A 100 5.40 -5.25 -3.79
N SER A 101 5.22 -5.39 -5.10
CA SER A 101 6.33 -5.72 -5.98
C SER A 101 7.44 -4.70 -5.82
N ALA A 102 7.07 -3.50 -5.37
CA ALA A 102 8.03 -2.43 -5.16
C ALA A 102 8.56 -2.47 -3.72
N VAL A 103 7.90 -3.24 -2.86
CA VAL A 103 8.31 -3.36 -1.46
C VAL A 103 9.06 -4.66 -1.23
N THR A 104 10.17 -4.58 -0.50
CA THR A 104 10.98 -5.76 -0.20
C THR A 104 11.35 -5.80 1.28
N VAL A 105 10.79 -6.77 1.99
CA VAL A 105 11.07 -6.92 3.42
C VAL A 105 12.43 -7.57 3.65
N GLY A 106 13.25 -6.92 4.46
CA GLY A 106 14.57 -7.45 4.75
C GLY A 106 14.55 -8.50 5.84
N ASP A 107 13.67 -8.33 6.82
CA ASP A 107 13.55 -9.28 7.91
C ASP A 107 12.31 -8.98 8.76
N SER A 108 11.64 -10.04 9.20
CA SER A 108 10.44 -9.88 10.02
C SER A 108 10.74 -10.17 11.49
N GLY A 109 9.88 -9.68 12.36
CA GLY A 109 10.07 -9.89 13.79
C GLY A 109 8.77 -10.14 14.52
N PRO A 110 8.35 -11.42 14.64
CA PRO A 110 7.11 -11.78 15.33
C PRO A 110 7.19 -11.57 16.83
N SER A 111 6.32 -10.73 17.37
CA SER A 111 6.30 -10.44 18.79
C SER A 111 5.35 -11.38 19.52
N SER A 112 5.61 -12.68 19.40
CA SER A 112 4.77 -13.69 20.05
C SER A 112 5.34 -14.05 21.42
N GLY A 113 4.75 -13.49 22.46
CA GLY A 113 5.20 -13.76 23.82
C GLY A 113 4.05 -13.92 24.79
N GLY A 1 -11.84 13.16 -9.01
CA GLY A 1 -12.43 11.84 -8.68
C GLY A 1 -11.99 10.76 -9.64
N SER A 2 -12.94 10.24 -10.42
CA SER A 2 -12.64 9.19 -11.39
C SER A 2 -13.83 8.95 -12.32
N SER A 3 -15.03 8.93 -11.74
CA SER A 3 -16.25 8.71 -12.49
C SER A 3 -16.32 7.28 -13.03
N GLY A 4 -15.42 6.96 -13.96
CA GLY A 4 -15.39 5.63 -14.54
C GLY A 4 -15.31 5.65 -16.05
N SER A 5 -15.54 4.50 -16.67
CA SER A 5 -15.47 4.39 -18.12
C SER A 5 -16.49 3.37 -18.62
N SER A 6 -16.28 2.10 -18.28
CA SER A 6 -17.17 1.04 -18.70
C SER A 6 -18.43 1.01 -17.82
N GLY A 7 -19.27 0.00 -18.04
CA GLY A 7 -20.49 -0.12 -17.26
C GLY A 7 -20.33 -1.02 -16.05
N ASN A 8 -19.89 -2.25 -16.28
CA ASN A 8 -19.69 -3.20 -15.20
C ASN A 8 -20.99 -3.47 -14.46
N GLU A 9 -22.11 -3.37 -15.18
CA GLU A 9 -23.42 -3.60 -14.58
C GLU A 9 -23.73 -5.09 -14.52
N GLU A 10 -23.24 -5.83 -15.51
CA GLU A 10 -23.47 -7.27 -15.57
C GLU A 10 -22.31 -8.04 -14.92
N LEU A 11 -21.13 -7.42 -14.94
CA LEU A 11 -19.94 -8.04 -14.35
C LEU A 11 -19.69 -7.52 -12.94
N ARG A 12 -20.77 -7.17 -12.24
CA ARG A 12 -20.66 -6.67 -10.88
C ARG A 12 -20.49 -7.80 -9.88
N ALA A 13 -21.15 -8.93 -10.15
CA ALA A 13 -21.07 -10.10 -9.28
C ALA A 13 -19.96 -11.04 -9.73
N GLN A 14 -19.71 -11.06 -11.03
CA GLN A 14 -18.66 -11.92 -11.59
C GLN A 14 -17.29 -11.50 -11.10
N GLN A 15 -17.15 -10.23 -10.72
CA GLN A 15 -15.89 -9.70 -10.24
C GLN A 15 -15.84 -9.70 -8.72
N GLU A 16 -16.42 -10.73 -8.11
CA GLU A 16 -16.44 -10.86 -6.66
C GLU A 16 -15.53 -11.99 -6.20
N ALA A 17 -15.61 -13.12 -6.88
CA ALA A 17 -14.79 -14.28 -6.54
C ALA A 17 -13.82 -14.61 -7.67
N GLU A 18 -14.30 -14.50 -8.91
CA GLU A 18 -13.48 -14.78 -10.08
C GLU A 18 -12.41 -13.72 -10.27
N ALA A 19 -12.63 -12.53 -9.70
CA ALA A 19 -11.68 -11.44 -9.81
C ALA A 19 -10.72 -11.41 -8.63
N ALA A 20 -10.55 -12.56 -7.98
CA ALA A 20 -9.64 -12.66 -6.83
C ALA A 20 -8.34 -13.34 -7.21
N GLN A 21 -8.41 -14.24 -8.19
CA GLN A 21 -7.23 -14.96 -8.65
C GLN A 21 -6.44 -14.11 -9.64
N ARG A 22 -7.14 -13.26 -10.39
CA ARG A 22 -6.50 -12.39 -11.36
C ARG A 22 -5.50 -11.45 -10.69
N LEU A 23 -5.85 -10.98 -9.50
CA LEU A 23 -5.00 -10.07 -8.75
C LEU A 23 -4.45 -10.76 -7.49
N SER A 24 -4.27 -12.08 -7.58
CA SER A 24 -3.77 -12.85 -6.45
C SER A 24 -2.30 -12.55 -6.20
N GLU A 25 -1.56 -12.28 -7.28
CA GLU A 25 -0.14 -11.97 -7.18
C GLU A 25 0.08 -10.73 -6.33
N GLU A 26 -0.82 -9.75 -6.48
CA GLU A 26 -0.71 -8.50 -5.73
C GLU A 26 -1.16 -8.71 -4.28
N LYS A 27 -2.10 -9.63 -4.08
CA LYS A 27 -2.61 -9.93 -2.74
C LYS A 27 -1.60 -10.74 -1.94
N ALA A 28 -0.91 -11.65 -2.62
CA ALA A 28 0.09 -12.49 -1.97
C ALA A 28 1.22 -11.65 -1.39
N GLN A 29 1.59 -10.59 -2.10
CA GLN A 29 2.67 -9.71 -1.66
C GLN A 29 2.16 -8.72 -0.62
N ALA A 30 0.89 -8.33 -0.76
CA ALA A 30 0.28 -7.38 0.17
C ALA A 30 -0.04 -8.05 1.50
N SER A 31 -0.31 -9.36 1.46
CA SER A 31 -0.63 -10.12 2.66
C SER A 31 0.60 -10.85 3.19
N ALA A 32 1.76 -10.25 2.99
CA ALA A 32 3.02 -10.85 3.44
C ALA A 32 3.98 -9.78 3.95
N ILE A 33 3.44 -8.68 4.45
CA ILE A 33 4.25 -7.58 4.96
C ILE A 33 3.66 -7.02 6.25
N SER A 34 4.19 -7.46 7.38
CA SER A 34 3.72 -7.01 8.69
C SER A 34 3.99 -5.52 8.87
N VAL A 35 3.10 -4.84 9.59
CA VAL A 35 3.24 -3.41 9.84
C VAL A 35 4.25 -3.14 10.95
N GLY A 36 5.19 -2.24 10.69
CA GLY A 36 6.20 -1.91 11.69
C GLY A 36 7.50 -2.65 11.46
N SER A 37 7.78 -2.98 10.20
CA SER A 37 9.00 -3.71 9.86
C SER A 37 9.77 -2.96 8.77
N ARG A 38 11.08 -2.81 8.99
CA ARG A 38 11.94 -2.12 8.04
C ARG A 38 11.99 -2.87 6.70
N CYS A 39 11.69 -2.17 5.62
CA CYS A 39 11.71 -2.78 4.29
C CYS A 39 12.20 -1.78 3.24
N GLU A 40 12.78 -2.30 2.16
CA GLU A 40 13.29 -1.46 1.09
C GLU A 40 12.18 -1.10 0.11
N VAL A 41 12.41 -0.05 -0.69
CA VAL A 41 11.44 0.40 -1.67
C VAL A 41 12.11 0.74 -2.99
N ARG A 42 11.60 0.16 -4.08
CA ARG A 42 12.14 0.41 -5.41
C ARG A 42 11.11 1.10 -6.29
N ALA A 43 11.31 2.40 -6.50
CA ALA A 43 10.41 3.18 -7.34
C ALA A 43 11.18 4.10 -8.28
N PRO A 44 10.59 4.41 -9.46
CA PRO A 44 11.23 5.28 -10.44
C PRO A 44 11.25 6.74 -10.01
N ASP A 45 11.92 7.01 -8.90
CA ASP A 45 12.01 8.37 -8.38
C ASP A 45 13.47 8.76 -8.14
N HIS A 46 14.21 7.90 -7.44
CA HIS A 46 15.61 8.16 -7.14
C HIS A 46 16.40 6.86 -7.05
N SER A 47 16.20 6.13 -5.97
CA SER A 47 16.88 4.86 -5.76
C SER A 47 16.23 4.06 -4.64
N LEU A 48 16.83 2.93 -4.30
CA LEU A 48 16.30 2.06 -3.25
C LEU A 48 16.58 2.67 -1.86
N ARG A 49 15.53 2.84 -1.08
CA ARG A 49 15.66 3.41 0.27
C ARG A 49 15.03 2.49 1.31
N ARG A 50 15.24 2.81 2.57
CA ARG A 50 14.70 2.01 3.67
C ARG A 50 13.64 2.79 4.44
N GLY A 51 12.56 2.11 4.82
CA GLY A 51 11.51 2.77 5.56
C GLY A 51 10.82 1.83 6.54
N THR A 52 9.51 2.00 6.71
CA THR A 52 8.74 1.16 7.62
C THR A 52 7.28 1.06 7.18
N VAL A 53 6.74 -0.14 7.21
CA VAL A 53 5.36 -0.37 6.80
C VAL A 53 4.39 0.20 7.84
N MET A 54 3.45 1.01 7.36
CA MET A 54 2.46 1.63 8.23
C MET A 54 1.05 1.13 7.90
N TYR A 55 0.75 1.04 6.62
CA TYR A 55 -0.56 0.57 6.17
C TYR A 55 -0.43 -0.35 4.96
N VAL A 56 -1.25 -1.40 4.94
CA VAL A 56 -1.22 -2.35 3.84
C VAL A 56 -2.63 -2.81 3.47
N GLY A 57 -2.97 -2.70 2.18
CA GLY A 57 -4.29 -3.10 1.73
C GLY A 57 -4.65 -2.47 0.40
N LEU A 58 -5.93 -2.13 0.23
CA LEU A 58 -6.41 -1.52 -1.00
C LEU A 58 -6.53 -0.01 -0.84
N THR A 59 -6.90 0.67 -1.93
CA THR A 59 -7.07 2.12 -1.91
C THR A 59 -8.22 2.55 -2.80
N ASP A 60 -8.48 3.84 -2.83
CA ASP A 60 -9.56 4.40 -3.65
C ASP A 60 -9.01 5.26 -4.77
N PHE A 61 -7.92 5.96 -4.50
CA PHE A 61 -7.29 6.83 -5.49
C PHE A 61 -6.74 6.01 -6.66
N LYS A 62 -6.22 4.82 -6.34
CA LYS A 62 -5.66 3.94 -7.37
C LYS A 62 -6.07 2.49 -7.12
N PRO A 63 -6.31 1.73 -8.20
CA PRO A 63 -6.70 0.32 -8.10
C PRO A 63 -5.52 -0.58 -7.73
N GLY A 64 -5.81 -1.63 -6.96
CA GLY A 64 -4.77 -2.55 -6.56
C GLY A 64 -4.41 -2.42 -5.09
N TYR A 65 -3.38 -3.14 -4.67
CA TYR A 65 -2.93 -3.09 -3.28
C TYR A 65 -1.78 -2.12 -3.10
N TRP A 66 -1.76 -1.42 -1.96
CA TRP A 66 -0.71 -0.46 -1.68
C TRP A 66 -0.05 -0.76 -0.32
N VAL A 67 1.15 -0.23 -0.13
CA VAL A 67 1.88 -0.44 1.11
C VAL A 67 2.62 0.82 1.53
N GLY A 68 2.08 1.50 2.54
CA GLY A 68 2.71 2.73 3.02
C GLY A 68 4.06 2.48 3.66
N VAL A 69 5.05 3.25 3.24
CA VAL A 69 6.40 3.11 3.77
C VAL A 69 6.96 4.46 4.21
N ARG A 70 7.34 4.55 5.48
CA ARG A 70 7.90 5.78 6.03
C ARG A 70 9.41 5.68 6.18
N TYR A 71 10.13 6.53 5.45
CA TYR A 71 11.58 6.54 5.51
C TYR A 71 12.08 7.30 6.73
N ASP A 72 13.38 7.25 6.97
CA ASP A 72 13.98 7.93 8.10
C ASP A 72 14.59 9.27 7.68
N GLU A 73 14.01 9.87 6.65
CA GLU A 73 14.48 11.16 6.15
C GLU A 73 13.46 11.76 5.16
N PRO A 74 13.63 13.05 4.83
CA PRO A 74 12.73 13.73 3.89
C PRO A 74 12.84 13.18 2.47
N LEU A 75 12.28 11.98 2.26
CA LEU A 75 12.32 11.34 0.95
C LEU A 75 10.94 10.81 0.58
N GLY A 76 9.90 11.49 1.04
CA GLY A 76 8.54 11.07 0.74
C GLY A 76 7.91 11.89 -0.37
N LYS A 77 6.60 12.00 -0.35
CA LYS A 77 5.86 12.76 -1.35
C LYS A 77 4.66 13.46 -0.74
N ASN A 78 3.83 12.69 -0.06
CA ASN A 78 2.62 13.25 0.58
C ASN A 78 2.63 12.96 2.08
N ASP A 79 1.57 13.39 2.75
CA ASP A 79 1.43 13.18 4.19
C ASP A 79 0.80 11.83 4.50
N GLY A 80 -0.07 11.37 3.59
CA GLY A 80 -0.72 10.09 3.79
C GLY A 80 -2.17 10.11 3.33
N SER A 81 -2.92 11.10 3.78
CA SER A 81 -4.31 11.23 3.41
C SER A 81 -4.47 11.58 1.93
N VAL A 82 -5.32 10.84 1.24
CA VAL A 82 -5.55 11.07 -0.19
C VAL A 82 -7.04 11.05 -0.51
N ASN A 83 -7.50 12.10 -1.18
CA ASN A 83 -8.92 12.20 -1.56
C ASN A 83 -9.81 12.18 -0.33
N GLY A 84 -9.28 12.66 0.79
CA GLY A 84 -10.05 12.69 2.02
C GLY A 84 -9.78 11.48 2.90
N LYS A 85 -9.47 10.35 2.26
CA LYS A 85 -9.20 9.12 3.00
C LYS A 85 -7.86 9.21 3.75
N ARG A 86 -7.69 8.35 4.74
CA ARG A 86 -6.47 8.33 5.53
C ARG A 86 -5.92 6.90 5.67
N TYR A 87 -4.62 6.79 5.86
CA TYR A 87 -3.98 5.48 6.01
C TYR A 87 -3.10 5.44 7.25
N PHE A 88 -2.07 6.28 7.27
CA PHE A 88 -1.15 6.35 8.39
C PHE A 88 -1.09 7.76 8.96
N GLU A 89 -0.29 7.93 10.02
CA GLU A 89 -0.15 9.23 10.66
C GLU A 89 1.30 9.70 10.61
N CYS A 90 1.61 10.50 9.59
CA CYS A 90 2.97 11.02 9.42
C CYS A 90 2.95 12.33 8.63
N GLN A 91 3.95 13.17 8.86
CA GLN A 91 4.05 14.45 8.17
C GLN A 91 4.25 14.24 6.67
N ALA A 92 4.29 15.35 5.93
CA ALA A 92 4.47 15.29 4.49
C ALA A 92 5.94 15.10 4.12
N LYS A 93 6.19 14.55 2.94
CA LYS A 93 7.55 14.31 2.46
C LYS A 93 8.28 13.35 3.39
N TYR A 94 7.59 12.30 3.81
CA TYR A 94 8.19 11.30 4.70
C TYR A 94 7.65 9.91 4.38
N GLY A 95 6.33 9.79 4.28
CA GLY A 95 5.72 8.52 3.99
C GLY A 95 5.20 8.43 2.57
N ALA A 96 5.87 7.63 1.74
CA ALA A 96 5.48 7.47 0.35
C ALA A 96 4.56 6.26 0.18
N PHE A 97 3.88 6.19 -0.96
CA PHE A 97 2.97 5.08 -1.24
C PHE A 97 3.49 4.24 -2.39
N VAL A 98 3.81 2.98 -2.10
CA VAL A 98 4.32 2.07 -3.12
C VAL A 98 3.55 0.75 -3.11
N LYS A 99 3.92 -0.16 -4.01
CA LYS A 99 3.26 -1.46 -4.11
C LYS A 99 4.15 -2.56 -3.54
N PRO A 100 3.53 -3.66 -3.06
CA PRO A 100 4.26 -4.79 -2.50
C PRO A 100 5.43 -5.19 -3.39
N SER A 101 5.13 -5.42 -4.68
CA SER A 101 6.15 -5.77 -5.65
C SER A 101 7.24 -4.71 -5.66
N ALA A 102 6.88 -3.49 -5.23
CA ALA A 102 7.82 -2.40 -5.17
C ALA A 102 8.50 -2.34 -3.80
N VAL A 103 7.94 -3.07 -2.84
CA VAL A 103 8.50 -3.10 -1.49
C VAL A 103 9.28 -4.39 -1.25
N THR A 104 10.42 -4.26 -0.58
CA THR A 104 11.27 -5.41 -0.28
C THR A 104 11.46 -5.57 1.23
N VAL A 105 10.82 -6.59 1.79
CA VAL A 105 10.91 -6.86 3.21
C VAL A 105 12.22 -7.57 3.55
N GLY A 106 12.90 -7.10 4.59
CA GLY A 106 14.16 -7.71 5.00
C GLY A 106 14.07 -8.35 6.37
N ASP A 107 13.03 -9.14 6.59
CA ASP A 107 12.84 -9.80 7.88
C ASP A 107 11.66 -10.77 7.82
N SER A 108 10.47 -10.22 7.54
CA SER A 108 9.26 -11.03 7.46
C SER A 108 8.79 -11.16 6.01
N GLY A 109 7.78 -11.99 5.80
CA GLY A 109 7.26 -12.19 4.46
C GLY A 109 7.63 -13.55 3.90
N PRO A 110 6.96 -14.62 4.35
CA PRO A 110 7.23 -15.99 3.86
C PRO A 110 7.19 -16.07 2.35
N SER A 111 8.23 -16.66 1.75
CA SER A 111 8.30 -16.81 0.31
C SER A 111 8.65 -18.25 -0.07
N SER A 112 8.62 -18.54 -1.37
CA SER A 112 8.94 -19.88 -1.86
C SER A 112 7.97 -20.91 -1.29
N GLY A 113 8.07 -22.14 -1.77
CA GLY A 113 7.20 -23.20 -1.30
C GLY A 113 6.14 -23.58 -2.33
N GLY A 1 -16.71 15.41 1.11
CA GLY A 1 -17.83 16.33 0.75
C GLY A 1 -19.14 15.93 1.40
N SER A 2 -20.24 16.32 0.78
CA SER A 2 -21.56 16.01 1.31
C SER A 2 -21.86 14.52 1.17
N SER A 3 -21.37 13.73 2.13
CA SER A 3 -21.58 12.29 2.12
C SER A 3 -22.32 11.84 3.37
N GLY A 4 -23.49 11.23 3.17
CA GLY A 4 -24.27 10.76 4.30
C GLY A 4 -24.35 9.25 4.36
N SER A 5 -24.57 8.61 3.21
CA SER A 5 -24.66 7.16 3.14
C SER A 5 -23.73 6.61 2.07
N SER A 6 -22.84 5.71 2.47
CA SER A 6 -21.89 5.11 1.53
C SER A 6 -22.33 3.70 1.14
N GLY A 7 -21.52 3.04 0.33
CA GLY A 7 -21.85 1.68 -0.09
C GLY A 7 -21.82 1.54 -1.60
N ASN A 8 -20.65 1.22 -2.14
CA ASN A 8 -20.49 1.05 -3.58
C ASN A 8 -21.09 -0.28 -4.04
N GLU A 9 -22.19 -0.21 -4.77
CA GLU A 9 -22.86 -1.40 -5.27
C GLU A 9 -22.11 -1.98 -6.47
N GLU A 10 -21.47 -1.12 -7.24
CA GLU A 10 -20.72 -1.54 -8.41
C GLU A 10 -19.61 -2.51 -8.02
N LEU A 11 -19.00 -2.27 -6.87
CA LEU A 11 -17.92 -3.13 -6.38
C LEU A 11 -18.45 -4.13 -5.35
N ARG A 12 -19.72 -4.51 -5.50
CA ARG A 12 -20.34 -5.47 -4.59
C ARG A 12 -20.23 -6.88 -5.12
N ALA A 13 -20.21 -7.01 -6.45
CA ALA A 13 -20.10 -8.32 -7.09
C ALA A 13 -19.03 -8.31 -8.17
N GLN A 14 -18.06 -7.40 -8.04
CA GLN A 14 -16.98 -7.29 -9.00
C GLN A 14 -15.66 -7.77 -8.39
N GLN A 15 -15.53 -7.59 -7.09
CA GLN A 15 -14.32 -8.00 -6.38
C GLN A 15 -14.52 -9.35 -5.70
N GLU A 16 -15.39 -10.17 -6.27
CA GLU A 16 -15.68 -11.49 -5.72
C GLU A 16 -14.89 -12.57 -6.46
N ALA A 17 -15.21 -12.78 -7.73
CA ALA A 17 -14.53 -13.78 -8.54
C ALA A 17 -13.79 -13.13 -9.70
N GLU A 18 -14.39 -12.09 -10.27
CA GLU A 18 -13.78 -11.37 -11.39
C GLU A 18 -12.44 -10.77 -10.99
N ALA A 19 -12.40 -10.16 -9.80
CA ALA A 19 -11.18 -9.54 -9.30
C ALA A 19 -10.44 -10.47 -8.35
N ALA A 20 -10.64 -11.78 -8.52
CA ALA A 20 -9.99 -12.78 -7.67
C ALA A 20 -9.05 -13.67 -8.48
N GLN A 21 -9.26 -13.72 -9.79
CA GLN A 21 -8.43 -14.54 -10.66
C GLN A 21 -7.19 -13.79 -11.11
N ARG A 22 -7.33 -12.47 -11.31
CA ARG A 22 -6.20 -11.65 -11.73
C ARG A 22 -5.59 -10.91 -10.55
N LEU A 23 -6.39 -10.63 -9.53
CA LEU A 23 -5.92 -9.93 -8.35
C LEU A 23 -5.59 -10.92 -7.23
N SER A 24 -5.06 -12.08 -7.61
CA SER A 24 -4.69 -13.11 -6.65
C SER A 24 -3.23 -12.96 -6.23
N GLU A 25 -2.39 -12.49 -7.16
CA GLU A 25 -0.98 -12.31 -6.90
C GLU A 25 -0.74 -11.16 -5.94
N GLU A 26 -1.52 -10.09 -6.10
CA GLU A 26 -1.40 -8.91 -5.25
C GLU A 26 -1.91 -9.21 -3.84
N LYS A 27 -2.97 -10.01 -3.76
CA LYS A 27 -3.54 -10.37 -2.47
C LYS A 27 -2.55 -11.15 -1.62
N ALA A 28 -1.74 -11.97 -2.27
CA ALA A 28 -0.74 -12.77 -1.57
C ALA A 28 0.39 -11.89 -1.04
N GLN A 29 0.68 -10.81 -1.75
CA GLN A 29 1.74 -9.88 -1.34
C GLN A 29 1.23 -8.91 -0.29
N ALA A 30 -0.05 -8.55 -0.40
CA ALA A 30 -0.65 -7.62 0.54
C ALA A 30 -1.00 -8.32 1.85
N SER A 31 -1.32 -9.60 1.76
CA SER A 31 -1.67 -10.39 2.94
C SER A 31 -0.46 -11.19 3.44
N ALA A 32 0.71 -10.57 3.36
CA ALA A 32 1.93 -11.22 3.82
C ALA A 32 2.81 -10.26 4.61
N ILE A 33 2.99 -9.05 4.07
CA ILE A 33 3.81 -8.04 4.73
C ILE A 33 3.06 -7.43 5.92
N SER A 34 3.73 -7.41 7.07
CA SER A 34 3.13 -6.86 8.28
C SER A 34 3.44 -5.37 8.41
N VAL A 35 2.93 -4.75 9.47
CA VAL A 35 3.16 -3.33 9.71
C VAL A 35 4.20 -3.11 10.79
N GLY A 36 5.12 -2.17 10.54
CA GLY A 36 6.16 -1.87 11.50
C GLY A 36 7.43 -2.67 11.24
N SER A 37 7.66 -3.00 9.97
CA SER A 37 8.85 -3.75 9.58
C SER A 37 9.71 -2.97 8.61
N ARG A 38 10.98 -2.78 8.95
CA ARG A 38 11.90 -2.04 8.11
C ARG A 38 12.13 -2.76 6.79
N CYS A 39 11.58 -2.22 5.72
CA CYS A 39 11.72 -2.82 4.39
C CYS A 39 12.43 -1.87 3.43
N GLU A 40 12.63 -2.33 2.20
CA GLU A 40 13.31 -1.51 1.19
C GLU A 40 12.40 -1.29 -0.02
N VAL A 41 12.24 -0.04 -0.41
CA VAL A 41 11.41 0.31 -1.55
C VAL A 41 12.26 0.59 -2.79
N ARG A 42 11.77 0.19 -3.95
CA ARG A 42 12.48 0.40 -5.20
C ARG A 42 11.55 0.93 -6.29
N ALA A 43 11.86 2.12 -6.80
CA ALA A 43 11.05 2.74 -7.84
C ALA A 43 11.86 3.76 -8.63
N PRO A 44 11.41 4.09 -9.85
CA PRO A 44 12.10 5.06 -10.71
C PRO A 44 11.96 6.48 -10.20
N ASP A 45 12.49 6.74 -9.00
CA ASP A 45 12.43 8.06 -8.40
C ASP A 45 13.82 8.56 -8.04
N HIS A 46 14.54 7.76 -7.27
CA HIS A 46 15.89 8.12 -6.85
C HIS A 46 16.74 6.88 -6.64
N SER A 47 16.39 6.08 -5.64
CA SER A 47 17.13 4.86 -5.33
C SER A 47 16.46 4.09 -4.21
N LEU A 48 17.14 3.07 -3.71
CA LEU A 48 16.61 2.24 -2.62
C LEU A 48 16.63 3.01 -1.30
N ARG A 49 15.45 3.15 -0.69
CA ARG A 49 15.33 3.87 0.58
C ARG A 49 14.79 2.95 1.67
N ARG A 50 15.34 3.07 2.86
CA ARG A 50 14.91 2.25 4.00
C ARG A 50 13.71 2.88 4.70
N GLY A 51 12.58 2.19 4.66
CA GLY A 51 11.37 2.68 5.29
C GLY A 51 10.71 1.64 6.17
N THR A 52 9.53 1.97 6.69
CA THR A 52 8.79 1.07 7.55
C THR A 52 7.33 0.99 7.14
N VAL A 53 6.78 -0.21 7.12
CA VAL A 53 5.39 -0.41 6.73
C VAL A 53 4.45 0.21 7.75
N MET A 54 3.48 0.99 7.26
CA MET A 54 2.51 1.65 8.13
C MET A 54 1.10 1.19 7.81
N TYR A 55 0.80 1.07 6.52
CA TYR A 55 -0.53 0.64 6.08
C TYR A 55 -0.43 -0.30 4.89
N VAL A 56 -1.25 -1.35 4.90
CA VAL A 56 -1.25 -2.33 3.82
C VAL A 56 -2.67 -2.83 3.54
N GLY A 57 -3.27 -2.33 2.48
CA GLY A 57 -4.62 -2.74 2.12
C GLY A 57 -5.10 -2.12 0.81
N LEU A 58 -6.40 -1.98 0.68
CA LEU A 58 -6.99 -1.39 -0.53
C LEU A 58 -7.24 0.10 -0.34
N THR A 59 -6.76 0.90 -1.29
CA THR A 59 -6.94 2.35 -1.23
C THR A 59 -8.29 2.75 -1.80
N ASP A 60 -8.52 4.05 -1.92
CA ASP A 60 -9.77 4.57 -2.45
C ASP A 60 -9.55 5.45 -3.67
N PHE A 61 -8.29 5.58 -4.10
CA PHE A 61 -7.95 6.39 -5.26
C PHE A 61 -7.48 5.52 -6.42
N LYS A 62 -6.86 4.39 -6.09
CA LYS A 62 -6.37 3.47 -7.11
C LYS A 62 -6.66 2.02 -6.72
N PRO A 63 -7.16 1.21 -7.68
CA PRO A 63 -7.49 -0.20 -7.42
C PRO A 63 -6.30 -0.97 -6.84
N GLY A 64 -6.45 -2.29 -6.76
CA GLY A 64 -5.39 -3.12 -6.23
C GLY A 64 -5.00 -2.73 -4.81
N TYR A 65 -4.07 -3.48 -4.24
CA TYR A 65 -3.61 -3.22 -2.88
C TYR A 65 -2.42 -2.25 -2.89
N TRP A 66 -2.18 -1.62 -1.74
CA TRP A 66 -1.09 -0.66 -1.63
C TRP A 66 -0.38 -0.81 -0.28
N VAL A 67 0.85 -0.32 -0.21
CA VAL A 67 1.63 -0.41 1.02
C VAL A 67 2.28 0.93 1.36
N GLY A 68 1.94 1.47 2.53
CA GLY A 68 2.50 2.75 2.95
C GLY A 68 3.82 2.58 3.68
N VAL A 69 4.82 3.36 3.27
CA VAL A 69 6.13 3.30 3.90
C VAL A 69 6.73 4.70 4.06
N ARG A 70 7.24 4.98 5.26
CA ARG A 70 7.84 6.28 5.54
C ARG A 70 9.36 6.18 5.53
N TYR A 71 10.01 7.20 4.98
CA TYR A 71 11.47 7.24 4.90
C TYR A 71 12.05 8.13 6.01
N ASP A 72 13.30 7.87 6.36
CA ASP A 72 13.97 8.64 7.41
C ASP A 72 14.18 10.08 6.96
N GLU A 73 14.43 10.26 5.66
CA GLU A 73 14.66 11.59 5.11
C GLU A 73 13.47 12.03 4.25
N PRO A 74 13.24 13.36 4.15
CA PRO A 74 12.14 13.91 3.36
C PRO A 74 12.35 13.72 1.86
N LEU A 75 11.83 12.61 1.32
CA LEU A 75 11.97 12.32 -0.10
C LEU A 75 10.74 11.56 -0.62
N GLY A 76 9.59 11.83 -0.02
CA GLY A 76 8.37 11.17 -0.43
C GLY A 76 7.45 12.07 -1.22
N LYS A 77 6.36 11.52 -1.73
CA LYS A 77 5.39 12.29 -2.51
C LYS A 77 3.98 12.10 -1.97
N ASN A 78 3.87 11.73 -0.70
CA ASN A 78 2.57 11.52 -0.07
C ASN A 78 2.67 11.73 1.45
N ASP A 79 1.77 12.56 1.97
CA ASP A 79 1.75 12.84 3.41
C ASP A 79 1.00 11.76 4.17
N GLY A 80 0.00 11.16 3.52
CA GLY A 80 -0.78 10.11 4.14
C GLY A 80 -2.23 10.13 3.72
N SER A 81 -2.89 11.27 3.93
CA SER A 81 -4.29 11.42 3.57
C SER A 81 -4.44 11.67 2.07
N VAL A 82 -5.12 10.74 1.39
CA VAL A 82 -5.34 10.86 -0.05
C VAL A 82 -6.81 10.69 -0.40
N ASN A 83 -7.38 11.71 -1.05
CA ASN A 83 -8.79 11.68 -1.43
C ASN A 83 -9.68 11.55 -0.22
N GLY A 84 -9.29 12.20 0.87
CA GLY A 84 -10.08 12.16 2.09
C GLY A 84 -10.00 10.81 2.78
N LYS A 85 -8.88 10.12 2.59
CA LYS A 85 -8.67 8.81 3.19
C LYS A 85 -7.33 8.74 3.92
N ARG A 86 -7.37 8.59 5.23
CA ARG A 86 -6.16 8.52 6.04
C ARG A 86 -5.67 7.07 6.14
N TYR A 87 -4.36 6.91 6.27
CA TYR A 87 -3.75 5.59 6.39
C TYR A 87 -2.81 5.51 7.58
N PHE A 88 -1.94 6.52 7.70
CA PHE A 88 -0.98 6.57 8.80
C PHE A 88 -0.85 7.98 9.35
N GLU A 89 -0.20 8.11 10.49
CA GLU A 89 -0.02 9.42 11.12
C GLU A 89 1.44 9.86 11.03
N CYS A 90 1.74 10.69 10.04
CA CYS A 90 3.10 11.19 9.83
C CYS A 90 3.08 12.57 9.18
N GLN A 91 4.26 13.13 8.94
CA GLN A 91 4.39 14.43 8.32
C GLN A 91 4.27 14.33 6.80
N ALA A 92 4.32 15.47 6.12
CA ALA A 92 4.22 15.50 4.67
C ALA A 92 5.57 15.22 4.01
N LYS A 93 5.53 14.63 2.83
CA LYS A 93 6.75 14.30 2.09
C LYS A 93 7.62 13.34 2.90
N TYR A 94 7.04 12.22 3.28
CA TYR A 94 7.76 11.21 4.05
C TYR A 94 7.15 9.83 3.85
N GLY A 95 5.83 9.74 3.96
CA GLY A 95 5.15 8.47 3.78
C GLY A 95 4.64 8.27 2.37
N ALA A 96 5.50 7.75 1.51
CA ALA A 96 5.13 7.51 0.12
C ALA A 96 4.20 6.30 0.00
N PHE A 97 3.70 6.07 -1.20
CA PHE A 97 2.80 4.94 -1.45
C PHE A 97 3.33 4.06 -2.58
N VAL A 98 3.70 2.83 -2.24
CA VAL A 98 4.22 1.89 -3.22
C VAL A 98 3.41 0.60 -3.23
N LYS A 99 3.69 -0.28 -4.18
CA LYS A 99 2.98 -1.55 -4.29
C LYS A 99 3.79 -2.67 -3.65
N PRO A 100 3.10 -3.71 -3.12
CA PRO A 100 3.75 -4.85 -2.49
C PRO A 100 4.91 -5.37 -3.33
N SER A 101 4.62 -5.62 -4.60
CA SER A 101 5.64 -6.09 -5.54
C SER A 101 6.79 -5.10 -5.57
N ALA A 102 6.51 -3.85 -5.20
CA ALA A 102 7.52 -2.81 -5.18
C ALA A 102 8.17 -2.74 -3.79
N VAL A 103 7.55 -3.39 -2.80
CA VAL A 103 8.07 -3.38 -1.45
C VAL A 103 8.90 -4.64 -1.18
N THR A 104 10.18 -4.43 -0.88
CA THR A 104 11.09 -5.55 -0.61
C THR A 104 11.44 -5.60 0.87
N VAL A 105 10.88 -6.58 1.57
CA VAL A 105 11.14 -6.75 3.00
C VAL A 105 12.54 -7.31 3.24
N GLY A 106 13.15 -6.90 4.35
CA GLY A 106 14.48 -7.37 4.67
C GLY A 106 14.51 -8.28 5.89
N ASP A 107 14.43 -7.67 7.07
CA ASP A 107 14.44 -8.44 8.31
C ASP A 107 13.02 -8.85 8.72
N SER A 108 12.91 -10.01 9.36
CA SER A 108 11.61 -10.51 9.80
C SER A 108 11.32 -10.09 11.23
N GLY A 109 10.21 -9.38 11.42
CA GLY A 109 9.83 -8.92 12.74
C GLY A 109 8.52 -9.52 13.21
N PRO A 110 8.51 -10.81 13.57
CA PRO A 110 7.29 -11.48 14.04
C PRO A 110 6.84 -11.00 15.41
N SER A 111 5.85 -11.68 15.99
CA SER A 111 5.34 -11.31 17.30
C SER A 111 4.84 -12.54 18.05
N SER A 112 5.55 -13.66 17.88
CA SER A 112 5.18 -14.90 18.55
C SER A 112 6.39 -15.81 18.70
N GLY A 113 6.95 -15.84 19.91
CA GLY A 113 8.11 -16.67 20.17
C GLY A 113 7.72 -18.06 20.66
N GLY A 1 -7.64 6.51 -14.54
CA GLY A 1 -8.64 5.75 -13.76
C GLY A 1 -10.04 6.32 -13.89
N SER A 2 -10.62 6.73 -12.77
CA SER A 2 -11.96 7.31 -12.76
C SER A 2 -12.99 6.31 -13.29
N SER A 3 -14.26 6.62 -13.10
CA SER A 3 -15.33 5.75 -13.57
C SER A 3 -16.46 6.57 -14.20
N GLY A 4 -17.57 5.91 -14.50
CA GLY A 4 -18.71 6.58 -15.09
C GLY A 4 -19.94 5.70 -15.17
N SER A 5 -21.11 6.31 -15.01
CA SER A 5 -22.36 5.57 -15.06
C SER A 5 -22.63 5.03 -16.46
N SER A 6 -22.90 5.95 -17.39
CA SER A 6 -23.16 5.58 -18.78
C SER A 6 -21.94 5.81 -19.65
N GLY A 7 -20.98 4.90 -19.58
CA GLY A 7 -19.77 5.03 -20.38
C GLY A 7 -19.01 3.72 -20.51
N ASN A 8 -18.50 3.46 -21.70
CA ASN A 8 -17.75 2.23 -21.95
C ASN A 8 -18.62 1.00 -21.69
N GLU A 9 -19.35 0.57 -22.71
CA GLU A 9 -20.22 -0.59 -22.59
C GLU A 9 -19.42 -1.88 -22.67
N GLU A 10 -18.34 -1.87 -23.46
CA GLU A 10 -17.48 -3.04 -23.62
C GLU A 10 -16.74 -3.34 -22.33
N LEU A 11 -16.35 -2.29 -21.61
CA LEU A 11 -15.63 -2.45 -20.36
C LEU A 11 -16.50 -3.13 -19.30
N ARG A 12 -17.81 -2.97 -19.43
CA ARG A 12 -18.75 -3.57 -18.49
C ARG A 12 -18.55 -5.08 -18.40
N ALA A 13 -18.13 -5.68 -19.52
CA ALA A 13 -17.90 -7.12 -19.57
C ALA A 13 -16.41 -7.44 -19.45
N GLN A 14 -15.57 -6.53 -19.97
CA GLN A 14 -14.13 -6.72 -19.92
C GLN A 14 -13.60 -6.60 -18.49
N GLN A 15 -14.29 -5.82 -17.68
CA GLN A 15 -13.89 -5.62 -16.28
C GLN A 15 -14.66 -6.57 -15.36
N GLU A 16 -14.84 -7.80 -15.80
CA GLU A 16 -15.56 -8.80 -15.01
C GLU A 16 -14.62 -9.95 -14.63
N ALA A 17 -13.75 -10.34 -15.55
CA ALA A 17 -12.81 -11.42 -15.30
C ALA A 17 -11.37 -10.93 -15.31
N GLU A 18 -11.07 -10.04 -16.27
CA GLU A 18 -9.73 -9.48 -16.38
C GLU A 18 -9.32 -8.75 -15.10
N ALA A 19 -10.30 -8.20 -14.41
CA ALA A 19 -10.05 -7.47 -13.17
C ALA A 19 -10.40 -8.31 -11.96
N ALA A 20 -10.10 -9.61 -12.03
CA ALA A 20 -10.39 -10.53 -10.93
C ALA A 20 -9.30 -11.58 -10.79
N GLN A 21 -8.95 -12.21 -11.91
CA GLN A 21 -7.91 -13.25 -11.91
C GLN A 21 -6.52 -12.62 -12.07
N ARG A 22 -6.47 -11.37 -12.50
CA ARG A 22 -5.21 -10.67 -12.69
C ARG A 22 -4.86 -9.82 -11.46
N LEU A 23 -5.33 -10.25 -10.30
CA LEU A 23 -5.07 -9.52 -9.05
C LEU A 23 -4.76 -10.49 -7.91
N SER A 24 -4.24 -11.67 -8.27
CA SER A 24 -3.89 -12.67 -7.28
C SER A 24 -2.46 -12.49 -6.79
N GLU A 25 -1.59 -12.05 -7.69
CA GLU A 25 -0.19 -11.83 -7.35
C GLU A 25 -0.04 -10.63 -6.42
N GLU A 26 -0.91 -9.65 -6.59
CA GLU A 26 -0.88 -8.44 -5.77
C GLU A 26 -1.45 -8.72 -4.39
N LYS A 27 -2.44 -9.61 -4.33
CA LYS A 27 -3.09 -9.96 -3.07
C LYS A 27 -2.14 -10.77 -2.19
N ALA A 28 -1.44 -11.73 -2.81
CA ALA A 28 -0.51 -12.58 -2.07
C ALA A 28 0.59 -11.74 -1.42
N GLN A 29 1.29 -10.96 -2.23
CA GLN A 29 2.37 -10.11 -1.74
C GLN A 29 1.85 -9.13 -0.70
N ALA A 30 0.59 -8.72 -0.85
CA ALA A 30 -0.03 -7.79 0.07
C ALA A 30 -0.36 -8.47 1.41
N SER A 31 -0.56 -9.78 1.37
CA SER A 31 -0.87 -10.54 2.56
C SER A 31 0.38 -11.19 3.14
N ALA A 32 1.52 -10.54 2.96
CA ALA A 32 2.79 -11.05 3.47
C ALA A 32 3.55 -9.97 4.24
N ILE A 33 3.60 -8.77 3.68
CA ILE A 33 4.29 -7.66 4.32
C ILE A 33 3.51 -7.15 5.53
N SER A 34 4.08 -7.37 6.71
CA SER A 34 3.43 -6.94 7.95
C SER A 34 3.50 -5.42 8.10
N VAL A 35 3.02 -4.92 9.23
CA VAL A 35 3.02 -3.48 9.49
C VAL A 35 3.97 -3.15 10.64
N GLY A 36 4.77 -2.10 10.44
CA GLY A 36 5.71 -1.68 11.46
C GLY A 36 7.05 -2.40 11.35
N SER A 37 7.42 -2.74 10.13
CA SER A 37 8.69 -3.43 9.88
C SER A 37 9.47 -2.77 8.75
N ARG A 38 10.78 -2.66 8.93
CA ARG A 38 11.64 -2.04 7.92
C ARG A 38 11.65 -2.86 6.63
N CYS A 39 11.44 -2.19 5.51
CA CYS A 39 11.42 -2.85 4.21
C CYS A 39 12.01 -1.94 3.13
N GLU A 40 12.83 -2.52 2.25
CA GLU A 40 13.45 -1.78 1.17
C GLU A 40 12.43 -1.42 0.10
N VAL A 41 12.53 -0.21 -0.43
CA VAL A 41 11.61 0.25 -1.46
C VAL A 41 12.35 0.52 -2.78
N ARG A 42 11.76 0.09 -3.88
CA ARG A 42 12.37 0.28 -5.20
C ARG A 42 11.35 0.87 -6.18
N ALA A 43 11.55 2.14 -6.52
CA ALA A 43 10.66 2.82 -7.45
C ALA A 43 11.41 3.93 -8.21
N PRO A 44 10.90 4.30 -9.40
CA PRO A 44 11.52 5.35 -10.22
C PRO A 44 11.35 6.74 -9.61
N ASP A 45 11.93 6.93 -8.43
CA ASP A 45 11.85 8.21 -7.74
C ASP A 45 13.24 8.75 -7.41
N HIS A 46 14.11 7.87 -6.91
CA HIS A 46 15.47 8.25 -6.55
C HIS A 46 16.39 7.03 -6.53
N SER A 47 16.16 6.14 -5.58
CA SER A 47 16.97 4.93 -5.45
C SER A 47 16.50 4.08 -4.27
N LEU A 48 17.20 2.99 -4.01
CA LEU A 48 16.86 2.09 -2.91
C LEU A 48 17.07 2.79 -1.56
N ARG A 49 16.07 2.69 -0.69
CA ARG A 49 16.14 3.30 0.63
C ARG A 49 15.59 2.36 1.70
N ARG A 50 15.65 2.80 2.95
CA ARG A 50 15.15 2.00 4.06
C ARG A 50 13.91 2.64 4.68
N GLY A 51 12.75 2.08 4.37
CA GLY A 51 11.50 2.59 4.90
C GLY A 51 10.83 1.63 5.86
N THR A 52 9.62 1.98 6.30
CA THR A 52 8.87 1.14 7.22
C THR A 52 7.41 1.06 6.81
N VAL A 53 6.82 -0.13 6.93
CA VAL A 53 5.43 -0.34 6.57
C VAL A 53 4.50 0.28 7.60
N MET A 54 3.53 1.06 7.12
CA MET A 54 2.58 1.72 8.00
C MET A 54 1.16 1.24 7.72
N TYR A 55 0.80 1.16 6.44
CA TYR A 55 -0.53 0.72 6.04
C TYR A 55 -0.45 -0.15 4.79
N VAL A 56 -1.20 -1.25 4.78
CA VAL A 56 -1.22 -2.16 3.65
C VAL A 56 -2.65 -2.57 3.30
N GLY A 57 -3.02 -2.40 2.03
CA GLY A 57 -4.35 -2.76 1.60
C GLY A 57 -4.80 -1.99 0.38
N LEU A 58 -6.10 -2.01 0.11
CA LEU A 58 -6.65 -1.29 -1.04
C LEU A 58 -6.70 0.21 -0.77
N THR A 59 -6.90 0.99 -1.83
CA THR A 59 -6.96 2.44 -1.71
C THR A 59 -8.31 2.97 -2.18
N ASP A 60 -8.51 4.28 -2.06
CA ASP A 60 -9.75 4.91 -2.47
C ASP A 60 -9.52 5.88 -3.63
N PHE A 61 -8.48 5.61 -4.42
CA PHE A 61 -8.15 6.45 -5.57
C PHE A 61 -7.51 5.62 -6.67
N LYS A 62 -6.58 4.75 -6.30
CA LYS A 62 -5.89 3.91 -7.27
C LYS A 62 -6.24 2.43 -7.06
N PRO A 63 -6.24 1.64 -8.13
CA PRO A 63 -6.56 0.21 -8.06
C PRO A 63 -5.45 -0.61 -7.40
N GLY A 64 -5.65 -1.92 -7.32
CA GLY A 64 -4.65 -2.78 -6.72
C GLY A 64 -4.38 -2.43 -5.27
N TYR A 65 -3.45 -3.14 -4.65
CA TYR A 65 -3.10 -2.90 -3.26
C TYR A 65 -1.98 -1.87 -3.16
N TRP A 66 -1.94 -1.14 -2.05
CA TRP A 66 -0.92 -0.13 -1.83
C TRP A 66 -0.26 -0.29 -0.46
N VAL A 67 1.03 -0.01 -0.39
CA VAL A 67 1.78 -0.13 0.86
C VAL A 67 2.42 1.19 1.25
N GLY A 68 1.98 1.74 2.38
CA GLY A 68 2.52 3.00 2.84
C GLY A 68 3.88 2.85 3.50
N VAL A 69 4.89 3.49 2.93
CA VAL A 69 6.24 3.42 3.47
C VAL A 69 6.83 4.82 3.67
N ARG A 70 7.23 5.12 4.90
CA ARG A 70 7.80 6.41 5.23
C ARG A 70 9.32 6.33 5.33
N TYR A 71 10.00 7.40 4.93
CA TYR A 71 11.46 7.44 4.98
C TYR A 71 11.93 8.36 6.10
N ASP A 72 13.17 8.14 6.55
CA ASP A 72 13.75 8.95 7.62
C ASP A 72 13.92 10.40 7.17
N GLU A 73 14.35 10.57 5.92
CA GLU A 73 14.56 11.90 5.37
C GLU A 73 13.38 12.33 4.50
N PRO A 74 13.15 13.65 4.38
CA PRO A 74 12.04 14.19 3.58
C PRO A 74 12.27 14.01 2.09
N LEU A 75 11.88 12.84 1.57
CA LEU A 75 12.04 12.54 0.15
C LEU A 75 10.93 11.64 -0.35
N GLY A 76 9.74 11.79 0.25
CA GLY A 76 8.61 10.99 -0.14
C GLY A 76 7.79 11.65 -1.24
N LYS A 77 6.50 11.33 -1.29
CA LYS A 77 5.61 11.88 -2.30
C LYS A 77 4.23 12.18 -1.71
N ASN A 78 3.68 11.21 -1.01
CA ASN A 78 2.37 11.36 -0.39
C ASN A 78 2.49 11.86 1.05
N ASP A 79 1.36 12.18 1.67
CA ASP A 79 1.35 12.68 3.04
C ASP A 79 0.75 11.64 3.98
N GLY A 80 -0.25 10.92 3.49
CA GLY A 80 -0.90 9.91 4.31
C GLY A 80 -2.40 9.89 4.14
N SER A 81 -2.97 11.05 3.80
CA SER A 81 -4.40 11.16 3.60
C SER A 81 -4.74 11.45 2.14
N VAL A 82 -5.47 10.52 1.51
CA VAL A 82 -5.85 10.68 0.12
C VAL A 82 -7.37 10.60 -0.04
N ASN A 83 -7.96 11.66 -0.59
CA ASN A 83 -9.39 11.72 -0.80
C ASN A 83 -10.14 11.61 0.51
N GLY A 84 -9.51 12.06 1.59
CA GLY A 84 -10.12 12.01 2.90
C GLY A 84 -9.73 10.77 3.69
N LYS A 85 -9.46 9.69 2.97
CA LYS A 85 -9.07 8.43 3.61
C LYS A 85 -7.66 8.52 4.18
N ARG A 86 -7.47 7.99 5.39
CA ARG A 86 -6.18 8.02 6.05
C ARG A 86 -5.57 6.62 6.11
N TYR A 87 -4.26 6.54 5.97
CA TYR A 87 -3.56 5.27 6.01
C TYR A 87 -2.55 5.23 7.16
N PHE A 88 -1.84 6.34 7.35
CA PHE A 88 -0.85 6.43 8.41
C PHE A 88 -0.81 7.84 9.00
N GLU A 89 0.06 8.05 9.99
CA GLU A 89 0.20 9.35 10.62
C GLU A 89 1.58 9.94 10.34
N CYS A 90 1.61 10.98 9.51
CA CYS A 90 2.87 11.64 9.16
C CYS A 90 2.60 12.89 8.32
N GLN A 91 3.67 13.60 7.98
CA GLN A 91 3.57 14.81 7.19
C GLN A 91 3.75 14.50 5.70
N ALA A 92 3.86 15.55 4.89
CA ALA A 92 4.03 15.39 3.46
C ALA A 92 5.49 15.19 3.10
N LYS A 93 5.75 14.59 1.94
CA LYS A 93 7.12 14.34 1.49
C LYS A 93 7.86 13.45 2.48
N TYR A 94 7.12 12.57 3.14
CA TYR A 94 7.71 11.66 4.12
C TYR A 94 7.15 10.25 3.96
N GLY A 95 5.82 10.16 3.85
CA GLY A 95 5.17 8.87 3.70
C GLY A 95 4.69 8.61 2.28
N ALA A 96 5.51 7.94 1.50
CA ALA A 96 5.16 7.63 0.11
C ALA A 96 4.45 6.29 0.01
N PHE A 97 3.46 6.21 -0.87
CA PHE A 97 2.71 4.98 -1.06
C PHE A 97 3.29 4.16 -2.21
N VAL A 98 3.90 3.03 -1.87
CA VAL A 98 4.51 2.16 -2.88
C VAL A 98 3.77 0.83 -2.95
N LYS A 99 3.94 0.13 -4.06
CA LYS A 99 3.29 -1.16 -4.26
C LYS A 99 4.12 -2.29 -3.68
N PRO A 100 3.46 -3.35 -3.17
CA PRO A 100 4.15 -4.50 -2.58
C PRO A 100 5.30 -4.96 -3.46
N SER A 101 4.99 -5.18 -4.73
CA SER A 101 6.00 -5.60 -5.70
C SER A 101 7.15 -4.59 -5.70
N ALA A 102 6.85 -3.36 -5.30
CA ALA A 102 7.84 -2.32 -5.24
C ALA A 102 8.53 -2.31 -3.88
N VAL A 103 7.94 -3.01 -2.90
CA VAL A 103 8.50 -3.07 -1.56
C VAL A 103 9.22 -4.41 -1.34
N THR A 104 10.12 -4.43 -0.37
CA THR A 104 10.87 -5.64 -0.04
C THR A 104 11.16 -5.72 1.44
N VAL A 105 10.51 -6.67 2.13
CA VAL A 105 10.70 -6.86 3.55
C VAL A 105 12.06 -7.48 3.85
N GLY A 106 12.69 -7.02 4.93
CA GLY A 106 13.99 -7.55 5.30
C GLY A 106 14.38 -7.18 6.72
N ASP A 107 13.41 -7.21 7.62
CA ASP A 107 13.66 -6.88 9.02
C ASP A 107 12.64 -7.56 9.94
N SER A 108 11.37 -7.31 9.68
CA SER A 108 10.30 -7.89 10.48
C SER A 108 10.42 -7.47 11.94
N GLY A 109 9.47 -7.95 12.77
CA GLY A 109 9.49 -7.61 14.18
C GLY A 109 8.94 -6.23 14.45
N PRO A 110 7.60 -6.08 14.49
CA PRO A 110 6.95 -4.80 14.75
C PRO A 110 7.14 -4.32 16.19
N SER A 111 7.17 -3.01 16.38
CA SER A 111 7.34 -2.43 17.71
C SER A 111 6.54 -1.14 17.84
N SER A 112 6.22 -0.79 19.09
CA SER A 112 5.45 0.42 19.36
C SER A 112 6.32 1.47 20.04
N GLY A 113 6.92 2.36 19.25
CA GLY A 113 7.77 3.39 19.80
C GLY A 113 9.13 3.44 19.14
N GLY A 1 -30.87 11.29 -5.00
CA GLY A 1 -29.44 11.16 -4.59
C GLY A 1 -28.84 9.83 -4.97
N SER A 2 -27.52 9.73 -4.93
CA SER A 2 -26.83 8.50 -5.27
C SER A 2 -25.96 8.02 -4.11
N SER A 3 -26.40 8.29 -2.89
CA SER A 3 -25.67 7.89 -1.69
C SER A 3 -26.56 7.08 -0.76
N GLY A 4 -27.50 6.34 -1.34
CA GLY A 4 -28.41 5.53 -0.53
C GLY A 4 -29.74 5.30 -1.21
N SER A 5 -29.68 4.83 -2.46
CA SER A 5 -30.90 4.56 -3.22
C SER A 5 -31.09 3.07 -3.44
N SER A 6 -30.03 2.41 -3.89
CA SER A 6 -30.08 0.97 -4.14
C SER A 6 -28.69 0.41 -4.42
N GLY A 7 -28.20 -0.45 -3.53
CA GLY A 7 -26.89 -1.04 -3.69
C GLY A 7 -26.80 -1.93 -4.90
N ASN A 8 -25.68 -1.86 -5.62
CA ASN A 8 -25.47 -2.67 -6.81
C ASN A 8 -25.17 -4.11 -6.45
N GLU A 9 -26.22 -4.94 -6.38
CA GLU A 9 -26.06 -6.34 -6.03
C GLU A 9 -25.37 -7.11 -7.16
N GLU A 10 -25.59 -6.66 -8.38
CA GLU A 10 -24.99 -7.31 -9.55
C GLU A 10 -23.47 -7.27 -9.47
N LEU A 11 -22.93 -6.10 -9.19
CA LEU A 11 -21.48 -5.92 -9.09
C LEU A 11 -20.90 -6.82 -7.98
N ARG A 12 -21.71 -7.08 -6.96
CA ARG A 12 -21.28 -7.92 -5.85
C ARG A 12 -20.86 -9.31 -6.33
N ALA A 13 -21.38 -9.71 -7.49
CA ALA A 13 -21.06 -11.02 -8.06
C ALA A 13 -20.08 -10.89 -9.22
N GLN A 14 -20.25 -9.85 -10.03
CA GLN A 14 -19.38 -9.62 -11.17
C GLN A 14 -17.93 -9.42 -10.73
N GLN A 15 -17.74 -8.91 -9.52
CA GLN A 15 -16.41 -8.68 -8.99
C GLN A 15 -16.01 -9.78 -8.00
N GLU A 16 -16.37 -11.01 -8.32
CA GLU A 16 -16.05 -12.15 -7.46
C GLU A 16 -14.75 -12.81 -7.88
N ALA A 17 -14.74 -13.35 -9.10
CA ALA A 17 -13.56 -14.02 -9.63
C ALA A 17 -12.96 -13.26 -10.80
N GLU A 18 -13.83 -12.63 -11.59
CA GLU A 18 -13.40 -11.86 -12.76
C GLU A 18 -12.39 -10.79 -12.36
N ALA A 19 -12.78 -9.93 -11.41
CA ALA A 19 -11.91 -8.86 -10.95
C ALA A 19 -11.21 -9.26 -9.66
N ALA A 20 -10.93 -10.55 -9.51
CA ALA A 20 -10.26 -11.06 -8.32
C ALA A 20 -9.12 -12.00 -8.68
N GLN A 21 -9.37 -12.90 -9.62
CA GLN A 21 -8.37 -13.87 -10.06
C GLN A 21 -7.10 -13.15 -10.52
N ARG A 22 -7.25 -12.17 -11.40
CA ARG A 22 -6.12 -11.42 -11.91
C ARG A 22 -5.36 -10.73 -10.78
N LEU A 23 -6.08 -10.40 -9.70
CA LEU A 23 -5.47 -9.74 -8.56
C LEU A 23 -5.13 -10.76 -7.47
N SER A 24 -4.66 -11.93 -7.89
CA SER A 24 -4.28 -12.99 -6.94
C SER A 24 -2.80 -12.90 -6.60
N GLU A 25 -1.99 -12.49 -7.56
CA GLU A 25 -0.56 -12.37 -7.35
C GLU A 25 -0.24 -11.27 -6.34
N GLU A 26 -0.91 -10.13 -6.49
CA GLU A 26 -0.69 -9.00 -5.59
C GLU A 26 -1.06 -9.38 -4.16
N LYS A 27 -2.19 -10.08 -4.00
CA LYS A 27 -2.65 -10.50 -2.69
C LYS A 27 -1.64 -11.42 -2.01
N ALA A 28 -0.91 -12.18 -2.82
CA ALA A 28 0.11 -13.10 -2.31
C ALA A 28 1.35 -12.35 -1.82
N GLN A 29 1.51 -11.11 -2.27
CA GLN A 29 2.65 -10.29 -1.87
C GLN A 29 2.23 -9.25 -0.84
N ALA A 30 0.97 -8.82 -0.91
CA ALA A 30 0.46 -7.82 0.02
C ALA A 30 0.10 -8.46 1.36
N SER A 31 -0.25 -9.74 1.33
CA SER A 31 -0.62 -10.46 2.54
C SER A 31 0.57 -11.25 3.09
N ALA A 32 1.76 -10.66 3.00
CA ALA A 32 2.97 -11.31 3.49
C ALA A 32 3.94 -10.29 4.07
N ILE A 33 3.40 -9.16 4.54
CA ILE A 33 4.23 -8.10 5.12
C ILE A 33 3.56 -7.52 6.36
N SER A 34 4.13 -7.81 7.52
CA SER A 34 3.60 -7.31 8.78
C SER A 34 3.74 -5.80 8.87
N VAL A 35 2.90 -5.18 9.70
CA VAL A 35 2.92 -3.73 9.87
C VAL A 35 3.88 -3.34 10.99
N GLY A 36 4.93 -2.59 10.62
CA GLY A 36 5.91 -2.16 11.61
C GLY A 36 7.25 -2.82 11.42
N SER A 37 7.58 -3.15 10.17
CA SER A 37 8.84 -3.79 9.86
C SER A 37 9.64 -2.97 8.85
N ARG A 38 10.95 -2.83 9.09
CA ARG A 38 11.82 -2.08 8.19
C ARG A 38 12.02 -2.81 6.88
N CYS A 39 11.48 -2.26 5.80
CA CYS A 39 11.61 -2.86 4.49
C CYS A 39 12.12 -1.85 3.46
N GLU A 40 12.69 -2.35 2.37
CA GLU A 40 13.22 -1.48 1.32
C GLU A 40 12.16 -1.21 0.26
N VAL A 41 12.24 -0.03 -0.35
CA VAL A 41 11.29 0.36 -1.39
C VAL A 41 12.01 0.78 -2.66
N ARG A 42 11.65 0.17 -3.78
CA ARG A 42 12.26 0.48 -5.07
C ARG A 42 11.39 1.44 -5.86
N ALA A 43 11.83 2.69 -5.98
CA ALA A 43 11.10 3.70 -6.72
C ALA A 43 11.91 4.21 -7.91
N PRO A 44 11.26 4.41 -9.06
CA PRO A 44 11.93 4.89 -10.28
C PRO A 44 12.24 6.39 -10.21
N ASP A 45 11.72 7.06 -9.19
CA ASP A 45 11.95 8.49 -9.00
C ASP A 45 13.43 8.78 -8.75
N HIS A 46 13.97 8.20 -7.69
CA HIS A 46 15.37 8.40 -7.33
C HIS A 46 16.11 7.07 -7.26
N SER A 47 15.77 6.26 -6.26
CA SER A 47 16.41 4.96 -6.08
C SER A 47 15.79 4.21 -4.90
N LEU A 48 16.43 3.12 -4.51
CA LEU A 48 15.94 2.31 -3.39
C LEU A 48 16.03 3.07 -2.08
N ARG A 49 15.00 2.96 -1.26
CA ARG A 49 14.96 3.65 0.03
C ARG A 49 14.46 2.72 1.13
N ARG A 50 14.95 2.94 2.35
CA ARG A 50 14.54 2.12 3.49
C ARG A 50 13.42 2.78 4.27
N GLY A 51 12.44 1.98 4.69
CA GLY A 51 11.32 2.51 5.44
C GLY A 51 10.62 1.46 6.27
N THR A 52 9.56 1.85 6.96
CA THR A 52 8.82 0.92 7.80
C THR A 52 7.36 0.84 7.35
N VAL A 53 6.83 -0.38 7.29
CA VAL A 53 5.45 -0.61 6.88
C VAL A 53 4.47 -0.03 7.90
N MET A 54 3.56 0.82 7.42
CA MET A 54 2.57 1.43 8.30
C MET A 54 1.17 0.98 7.92
N TYR A 55 0.89 0.90 6.62
CA TYR A 55 -0.41 0.48 6.14
C TYR A 55 -0.27 -0.43 4.92
N VAL A 56 -1.11 -1.45 4.86
CA VAL A 56 -1.08 -2.39 3.74
C VAL A 56 -2.49 -2.84 3.35
N GLY A 57 -3.00 -2.28 2.27
CA GLY A 57 -4.33 -2.62 1.81
C GLY A 57 -4.78 -1.80 0.62
N LEU A 58 -6.01 -2.00 0.18
CA LEU A 58 -6.55 -1.27 -0.95
C LEU A 58 -6.55 0.24 -0.69
N THR A 59 -6.97 1.01 -1.69
CA THR A 59 -7.02 2.46 -1.56
C THR A 59 -8.25 3.03 -2.24
N ASP A 60 -8.37 4.35 -2.23
CA ASP A 60 -9.50 5.03 -2.86
C ASP A 60 -9.04 6.00 -3.94
N PHE A 61 -7.88 5.71 -4.53
CA PHE A 61 -7.33 6.56 -5.58
C PHE A 61 -6.77 5.72 -6.72
N LYS A 62 -6.04 4.67 -6.38
CA LYS A 62 -5.44 3.79 -7.38
C LYS A 62 -5.76 2.33 -7.08
N PRO A 63 -5.89 1.49 -8.12
CA PRO A 63 -6.21 0.08 -7.97
C PRO A 63 -5.03 -0.72 -7.40
N GLY A 64 -5.29 -1.97 -7.04
CA GLY A 64 -4.24 -2.82 -6.48
C GLY A 64 -3.96 -2.49 -5.03
N TYR A 65 -3.20 -3.38 -4.38
CA TYR A 65 -2.85 -3.18 -2.98
C TYR A 65 -1.66 -2.23 -2.83
N TRP A 66 -1.80 -1.27 -1.92
CA TRP A 66 -0.74 -0.29 -1.70
C TRP A 66 -0.10 -0.49 -0.32
N VAL A 67 1.14 -0.06 -0.18
CA VAL A 67 1.85 -0.18 1.09
C VAL A 67 2.48 1.14 1.52
N GLY A 68 1.91 1.76 2.54
CA GLY A 68 2.42 3.02 3.02
C GLY A 68 3.74 2.88 3.75
N VAL A 69 4.80 3.43 3.16
CA VAL A 69 6.13 3.36 3.76
C VAL A 69 6.72 4.75 3.96
N ARG A 70 7.12 5.06 5.19
CA ARG A 70 7.70 6.36 5.50
C ARG A 70 9.23 6.30 5.41
N TYR A 71 9.82 7.40 4.95
CA TYR A 71 11.28 7.48 4.83
C TYR A 71 11.86 8.46 5.82
N ASP A 72 13.10 8.21 6.25
CA ASP A 72 13.76 9.09 7.21
C ASP A 72 13.99 10.47 6.62
N GLU A 73 14.44 10.50 5.36
CA GLU A 73 14.69 11.76 4.68
C GLU A 73 13.47 12.22 3.88
N PRO A 74 13.28 13.54 3.74
CA PRO A 74 12.14 14.10 3.00
C PRO A 74 12.24 13.85 1.50
N LEU A 75 11.92 12.63 1.08
CA LEU A 75 11.97 12.26 -0.32
C LEU A 75 10.73 11.49 -0.74
N GLY A 76 9.60 11.79 -0.09
CA GLY A 76 8.36 11.12 -0.41
C GLY A 76 7.50 11.91 -1.37
N LYS A 77 6.48 11.25 -1.93
CA LYS A 77 5.59 11.90 -2.87
C LYS A 77 4.24 12.21 -2.22
N ASN A 78 3.83 11.36 -1.28
CA ASN A 78 2.56 11.56 -0.58
C ASN A 78 2.80 11.96 0.86
N ASP A 79 1.73 12.31 1.56
CA ASP A 79 1.81 12.71 2.96
C ASP A 79 1.17 11.67 3.88
N GLY A 80 0.09 11.07 3.39
CA GLY A 80 -0.60 10.06 4.18
C GLY A 80 -2.11 10.07 3.96
N SER A 81 -2.64 11.25 3.62
CA SER A 81 -4.06 11.40 3.37
C SER A 81 -4.34 11.63 1.89
N VAL A 82 -5.10 10.71 1.29
CA VAL A 82 -5.44 10.81 -0.13
C VAL A 82 -6.95 10.81 -0.33
N ASN A 83 -7.47 11.88 -0.92
CA ASN A 83 -8.90 12.01 -1.18
C ASN A 83 -9.69 11.95 0.13
N GLY A 84 -9.07 12.41 1.20
CA GLY A 84 -9.73 12.41 2.51
C GLY A 84 -9.38 11.18 3.33
N LYS A 85 -9.11 10.07 2.66
CA LYS A 85 -8.76 8.83 3.34
C LYS A 85 -7.32 8.86 3.84
N ARG A 86 -7.10 8.33 5.04
CA ARG A 86 -5.77 8.30 5.64
C ARG A 86 -5.31 6.87 5.86
N TYR A 87 -4.00 6.67 5.97
CA TYR A 87 -3.42 5.36 6.19
C TYR A 87 -2.44 5.37 7.35
N PHE A 88 -1.56 6.38 7.36
CA PHE A 88 -0.55 6.51 8.40
C PHE A 88 -0.50 7.95 8.92
N GLU A 89 0.42 8.20 9.85
CA GLU A 89 0.58 9.53 10.42
C GLU A 89 1.97 10.09 10.12
N CYS A 90 2.02 11.14 9.30
CA CYS A 90 3.29 11.76 8.94
C CYS A 90 3.06 12.99 8.06
N GLN A 91 4.09 13.81 7.91
CA GLN A 91 4.00 15.01 7.10
C GLN A 91 4.13 14.68 5.62
N ALA A 92 4.11 15.71 4.77
CA ALA A 92 4.21 15.52 3.33
C ALA A 92 5.67 15.41 2.90
N LYS A 93 5.89 14.92 1.68
CA LYS A 93 7.24 14.77 1.15
C LYS A 93 8.06 13.84 2.02
N TYR A 94 7.41 12.82 2.57
CA TYR A 94 8.09 11.85 3.43
C TYR A 94 7.60 10.43 3.13
N GLY A 95 6.29 10.22 3.25
CA GLY A 95 5.74 8.91 2.99
C GLY A 95 5.44 8.69 1.52
N ALA A 96 5.90 7.56 0.99
CA ALA A 96 5.67 7.24 -0.42
C ALA A 96 4.82 5.98 -0.56
N PHE A 97 3.69 6.11 -1.24
CA PHE A 97 2.80 4.98 -1.46
C PHE A 97 3.30 4.07 -2.58
N VAL A 98 3.84 2.93 -2.20
CA VAL A 98 4.37 1.97 -3.17
C VAL A 98 3.54 0.70 -3.18
N LYS A 99 3.91 -0.24 -4.04
CA LYS A 99 3.21 -1.51 -4.15
C LYS A 99 4.04 -2.66 -3.59
N PRO A 100 3.37 -3.71 -3.08
CA PRO A 100 4.05 -4.88 -2.51
C PRO A 100 5.19 -5.35 -3.42
N SER A 101 4.85 -5.57 -4.69
CA SER A 101 5.83 -5.99 -5.67
C SER A 101 6.99 -4.99 -5.71
N ALA A 102 6.69 -3.76 -5.30
CA ALA A 102 7.70 -2.71 -5.27
C ALA A 102 8.39 -2.66 -3.91
N VAL A 103 7.81 -3.34 -2.92
CA VAL A 103 8.36 -3.37 -1.58
C VAL A 103 9.23 -4.60 -1.37
N THR A 104 10.25 -4.48 -0.52
CA THR A 104 11.15 -5.59 -0.24
C THR A 104 11.42 -5.70 1.26
N VAL A 105 10.93 -6.77 1.86
CA VAL A 105 11.13 -7.00 3.30
C VAL A 105 12.48 -7.63 3.57
N GLY A 106 13.20 -7.09 4.57
CA GLY A 106 14.50 -7.61 4.91
C GLY A 106 14.48 -8.39 6.22
N ASP A 107 13.93 -7.78 7.25
CA ASP A 107 13.85 -8.43 8.56
C ASP A 107 12.89 -9.60 8.54
N SER A 108 11.72 -9.39 7.91
CA SER A 108 10.72 -10.44 7.82
C SER A 108 10.25 -10.89 9.21
N GLY A 109 9.42 -10.05 9.84
CA GLY A 109 8.92 -10.38 11.15
C GLY A 109 10.03 -10.55 12.17
N PRO A 110 10.37 -9.50 12.93
CA PRO A 110 11.42 -9.56 13.95
C PRO A 110 11.25 -10.74 14.90
N SER A 111 12.25 -11.62 14.92
CA SER A 111 12.20 -12.80 15.78
C SER A 111 13.21 -12.68 16.92
N SER A 112 13.36 -11.46 17.44
CA SER A 112 14.30 -11.21 18.54
C SER A 112 14.21 -9.77 19.00
N GLY A 113 14.20 -8.84 18.05
CA GLY A 113 14.12 -7.43 18.37
C GLY A 113 15.21 -6.61 17.70
N GLY A 1 -24.89 6.74 14.06
CA GLY A 1 -25.46 5.71 13.16
C GLY A 1 -26.41 4.77 13.88
N SER A 2 -26.25 3.48 13.65
CA SER A 2 -27.10 2.48 14.28
C SER A 2 -26.54 1.07 14.07
N SER A 3 -26.10 0.78 12.86
CA SER A 3 -25.53 -0.51 12.52
C SER A 3 -24.72 -0.46 11.24
N GLY A 4 -25.27 0.21 10.23
CA GLY A 4 -24.59 0.34 8.95
C GLY A 4 -25.02 1.55 8.17
N SER A 5 -24.10 2.49 7.97
CA SER A 5 -24.40 3.71 7.23
C SER A 5 -23.64 3.75 5.91
N SER A 6 -22.35 3.44 5.97
CA SER A 6 -21.51 3.44 4.79
C SER A 6 -21.27 2.02 4.29
N GLY A 7 -22.16 1.56 3.42
CA GLY A 7 -22.04 0.22 2.87
C GLY A 7 -22.87 0.02 1.62
N ASN A 8 -22.48 -0.95 0.80
CA ASN A 8 -23.19 -1.24 -0.44
C ASN A 8 -23.69 -2.68 -0.47
N GLU A 9 -24.97 -2.87 -0.74
CA GLU A 9 -25.56 -4.20 -0.80
C GLU A 9 -25.42 -4.80 -2.20
N GLU A 10 -25.44 -3.94 -3.21
CA GLU A 10 -25.32 -4.39 -4.59
C GLU A 10 -23.85 -4.58 -4.98
N LEU A 11 -22.97 -3.85 -4.31
CA LEU A 11 -21.54 -3.94 -4.57
C LEU A 11 -20.85 -4.89 -3.60
N ARG A 12 -21.57 -5.95 -3.21
CA ARG A 12 -21.02 -6.93 -2.27
C ARG A 12 -20.81 -8.27 -2.96
N ALA A 13 -21.69 -8.59 -3.91
CA ALA A 13 -21.60 -9.85 -4.63
C ALA A 13 -20.73 -9.70 -5.88
N GLN A 14 -20.73 -8.50 -6.45
CA GLN A 14 -19.94 -8.22 -7.64
C GLN A 14 -18.45 -8.17 -7.32
N GLN A 15 -18.13 -7.80 -6.09
CA GLN A 15 -16.73 -7.71 -5.65
C GLN A 15 -16.41 -8.82 -4.65
N GLU A 16 -16.93 -10.01 -4.90
CA GLU A 16 -16.69 -11.16 -4.03
C GLU A 16 -15.86 -12.22 -4.74
N ALA A 17 -16.23 -12.53 -5.97
CA ALA A 17 -15.53 -13.54 -6.76
C ALA A 17 -14.72 -12.89 -7.88
N GLU A 18 -15.28 -11.85 -8.48
CA GLU A 18 -14.61 -11.15 -9.56
C GLU A 18 -13.30 -10.53 -9.10
N ALA A 19 -13.33 -9.85 -7.97
CA ALA A 19 -12.14 -9.23 -7.40
C ALA A 19 -11.48 -10.11 -6.35
N ALA A 20 -11.45 -11.40 -6.61
CA ALA A 20 -10.84 -12.36 -5.69
C ALA A 20 -9.72 -13.14 -6.35
N GLN A 21 -9.93 -13.52 -7.60
CA GLN A 21 -8.94 -14.28 -8.35
C GLN A 21 -8.06 -13.36 -9.19
N ARG A 22 -8.69 -12.40 -9.86
CA ARG A 22 -7.96 -11.46 -10.71
C ARG A 22 -6.91 -10.71 -9.91
N LEU A 23 -7.17 -10.52 -8.62
CA LEU A 23 -6.25 -9.81 -7.74
C LEU A 23 -5.78 -10.72 -6.62
N SER A 24 -5.60 -12.01 -6.92
CA SER A 24 -5.15 -12.97 -5.94
C SER A 24 -3.64 -12.89 -5.75
N GLU A 25 -2.92 -12.60 -6.83
CA GLU A 25 -1.47 -12.49 -6.77
C GLU A 25 -1.04 -11.29 -5.93
N GLU A 26 -1.80 -10.20 -6.03
CA GLU A 26 -1.51 -8.99 -5.28
C GLU A 26 -1.86 -9.17 -3.81
N LYS A 27 -2.87 -10.00 -3.55
CA LYS A 27 -3.32 -10.26 -2.18
C LYS A 27 -2.24 -11.01 -1.39
N ALA A 28 -1.57 -11.95 -2.05
CA ALA A 28 -0.52 -12.73 -1.41
C ALA A 28 0.59 -11.82 -0.90
N GLN A 29 1.16 -11.01 -1.79
CA GLN A 29 2.23 -10.10 -1.42
C GLN A 29 1.74 -9.05 -0.43
N ALA A 30 0.47 -8.70 -0.53
CA ALA A 30 -0.13 -7.71 0.37
C ALA A 30 -0.48 -8.33 1.72
N SER A 31 -0.70 -9.64 1.73
CA SER A 31 -1.04 -10.34 2.95
C SER A 31 0.20 -10.98 3.58
N ALA A 32 1.37 -10.39 3.31
CA ALA A 32 2.62 -10.90 3.86
C ALA A 32 3.38 -9.80 4.60
N ILE A 33 3.38 -8.60 4.03
CA ILE A 33 4.07 -7.47 4.64
C ILE A 33 3.36 -7.01 5.91
N SER A 34 4.00 -7.23 7.05
CA SER A 34 3.43 -6.84 8.33
C SER A 34 3.65 -5.35 8.59
N VAL A 35 2.84 -4.79 9.48
CA VAL A 35 2.94 -3.37 9.82
C VAL A 35 3.94 -3.15 10.96
N GLY A 36 5.01 -2.43 10.67
CA GLY A 36 6.03 -2.16 11.67
C GLY A 36 7.33 -2.89 11.40
N SER A 37 7.63 -3.08 10.13
CA SER A 37 8.86 -3.77 9.73
C SER A 37 9.67 -2.92 8.76
N ARG A 38 10.99 -3.06 8.82
CA ARG A 38 11.88 -2.30 7.94
C ARG A 38 12.00 -2.97 6.58
N CYS A 39 11.46 -2.32 5.55
CA CYS A 39 11.51 -2.85 4.19
C CYS A 39 12.12 -1.83 3.23
N GLU A 40 12.54 -2.32 2.07
CA GLU A 40 13.14 -1.46 1.06
C GLU A 40 12.15 -1.13 -0.05
N VAL A 41 12.37 -0.01 -0.73
CA VAL A 41 11.49 0.42 -1.81
C VAL A 41 12.29 0.72 -3.08
N ARG A 42 11.75 0.31 -4.22
CA ARG A 42 12.41 0.54 -5.50
C ARG A 42 11.49 1.25 -6.48
N ALA A 43 11.84 2.47 -6.85
CA ALA A 43 11.05 3.26 -7.78
C ALA A 43 11.93 4.14 -8.66
N PRO A 44 11.37 4.66 -9.77
CA PRO A 44 12.10 5.51 -10.70
C PRO A 44 12.34 6.92 -10.15
N ASP A 45 11.78 7.21 -8.97
CA ASP A 45 11.93 8.51 -8.35
C ASP A 45 13.41 8.88 -8.20
N HIS A 46 14.13 8.10 -7.41
CA HIS A 46 15.55 8.34 -7.19
C HIS A 46 16.32 7.04 -7.12
N SER A 47 16.22 6.35 -5.99
CA SER A 47 16.91 5.08 -5.79
C SER A 47 16.30 4.30 -4.63
N LEU A 48 16.92 3.18 -4.28
CA LEU A 48 16.44 2.35 -3.18
C LEU A 48 16.42 3.12 -1.87
N ARG A 49 15.30 3.03 -1.16
CA ARG A 49 15.15 3.73 0.12
C ARG A 49 14.92 2.74 1.26
N ARG A 50 14.76 3.26 2.47
CA ARG A 50 14.54 2.41 3.64
C ARG A 50 13.52 3.06 4.58
N GLY A 51 12.43 2.35 4.83
CA GLY A 51 11.39 2.85 5.71
C GLY A 51 10.73 1.77 6.53
N THR A 52 9.47 2.00 6.91
CA THR A 52 8.73 1.04 7.70
C THR A 52 7.27 0.98 7.26
N VAL A 53 6.66 -0.19 7.36
CA VAL A 53 5.26 -0.37 6.97
C VAL A 53 4.33 0.25 8.00
N MET A 54 3.36 1.03 7.53
CA MET A 54 2.40 1.67 8.41
C MET A 54 0.97 1.22 8.09
N TYR A 55 0.67 1.11 6.80
CA TYR A 55 -0.66 0.69 6.37
C TYR A 55 -0.56 -0.32 5.22
N VAL A 56 -1.28 -1.42 5.36
CA VAL A 56 -1.27 -2.47 4.34
C VAL A 56 -2.69 -2.88 3.97
N GLY A 57 -3.05 -2.72 2.69
CA GLY A 57 -4.38 -3.08 2.24
C GLY A 57 -4.79 -2.32 0.99
N LEU A 58 -6.08 -2.22 0.76
CA LEU A 58 -6.61 -1.52 -0.40
C LEU A 58 -6.57 -0.01 -0.19
N THR A 59 -7.10 0.74 -1.16
CA THR A 59 -7.13 2.19 -1.07
C THR A 59 -8.44 2.74 -1.65
N ASP A 60 -8.56 4.05 -1.66
CA ASP A 60 -9.76 4.71 -2.17
C ASP A 60 -9.42 5.66 -3.33
N PHE A 61 -8.30 5.39 -4.00
CA PHE A 61 -7.88 6.23 -5.12
C PHE A 61 -7.52 5.38 -6.34
N LYS A 62 -6.80 4.28 -6.10
CA LYS A 62 -6.40 3.38 -7.17
C LYS A 62 -6.68 1.93 -6.79
N PRO A 63 -7.03 1.09 -7.78
CA PRO A 63 -7.31 -0.32 -7.55
C PRO A 63 -6.07 -1.13 -7.23
N GLY A 64 -6.21 -2.12 -6.36
CA GLY A 64 -5.08 -2.96 -5.98
C GLY A 64 -4.67 -2.76 -4.54
N TYR A 65 -3.57 -3.39 -4.14
CA TYR A 65 -3.08 -3.29 -2.77
C TYR A 65 -1.91 -2.31 -2.69
N TRP A 66 -1.89 -1.50 -1.64
CA TRP A 66 -0.83 -0.51 -1.45
C TRP A 66 -0.17 -0.70 -0.08
N VAL A 67 1.11 -0.36 0.00
CA VAL A 67 1.86 -0.49 1.25
C VAL A 67 2.58 0.82 1.58
N GLY A 68 2.15 1.47 2.66
CA GLY A 68 2.76 2.71 3.08
C GLY A 68 4.12 2.50 3.73
N VAL A 69 5.12 3.24 3.27
CA VAL A 69 6.46 3.14 3.81
C VAL A 69 6.98 4.50 4.27
N ARG A 70 7.30 4.60 5.56
CA ARG A 70 7.81 5.85 6.12
C ARG A 70 9.33 5.83 6.18
N TYR A 71 9.95 6.83 5.56
CA TYR A 71 11.41 6.93 5.54
C TYR A 71 11.90 7.84 6.67
N ASP A 72 13.10 7.55 7.17
CA ASP A 72 13.68 8.33 8.25
C ASP A 72 13.85 9.78 7.83
N GLU A 73 14.35 9.99 6.62
CA GLU A 73 14.56 11.34 6.10
C GLU A 73 13.43 11.75 5.17
N PRO A 74 13.33 13.05 4.83
CA PRO A 74 12.29 13.56 3.93
C PRO A 74 12.46 13.05 2.51
N LEU A 75 11.98 11.84 2.25
CA LEU A 75 12.07 11.24 0.93
C LEU A 75 10.77 10.56 0.55
N GLY A 76 9.66 11.09 1.05
CA GLY A 76 8.36 10.50 0.75
C GLY A 76 7.61 11.29 -0.31
N LYS A 77 6.38 10.86 -0.60
CA LYS A 77 5.55 11.52 -1.59
C LYS A 77 4.24 12.00 -0.99
N ASN A 78 3.63 11.15 -0.16
CA ASN A 78 2.37 11.48 0.49
C ASN A 78 2.56 11.71 1.98
N ASP A 79 1.64 12.47 2.57
CA ASP A 79 1.71 12.76 4.00
C ASP A 79 0.89 11.78 4.81
N GLY A 80 -0.19 11.28 4.21
CA GLY A 80 -1.05 10.33 4.89
C GLY A 80 -2.48 10.37 4.37
N SER A 81 -2.90 11.53 3.87
CA SER A 81 -4.24 11.70 3.35
C SER A 81 -4.24 11.72 1.83
N VAL A 82 -4.90 10.74 1.23
CA VAL A 82 -4.98 10.64 -0.23
C VAL A 82 -6.42 10.64 -0.71
N ASN A 83 -6.81 11.73 -1.36
CA ASN A 83 -8.18 11.86 -1.88
C ASN A 83 -9.19 11.81 -0.74
N GLY A 84 -8.78 12.29 0.43
CA GLY A 84 -9.66 12.29 1.58
C GLY A 84 -9.44 11.09 2.48
N LYS A 85 -8.99 9.98 1.90
CA LYS A 85 -8.75 8.76 2.65
C LYS A 85 -7.48 8.89 3.49
N ARG A 86 -7.51 8.32 4.69
CA ARG A 86 -6.35 8.37 5.58
C ARG A 86 -5.76 6.97 5.77
N TYR A 87 -4.48 6.92 6.11
CA TYR A 87 -3.78 5.65 6.32
C TYR A 87 -2.92 5.70 7.56
N PHE A 88 -1.91 6.57 7.55
CA PHE A 88 -1.00 6.72 8.68
C PHE A 88 -1.01 8.15 9.21
N GLU A 89 -0.21 8.41 10.23
CA GLU A 89 -0.12 9.73 10.83
C GLU A 89 1.33 10.20 10.93
N CYS A 90 1.88 10.66 9.81
CA CYS A 90 3.25 11.13 9.78
C CYS A 90 3.36 12.44 8.99
N GLN A 91 4.54 13.05 9.03
CA GLN A 91 4.77 14.31 8.33
C GLN A 91 4.62 14.12 6.83
N ALA A 92 4.61 15.23 6.09
CA ALA A 92 4.47 15.19 4.63
C ALA A 92 5.83 14.95 3.97
N LYS A 93 5.79 14.39 2.75
CA LYS A 93 7.00 14.11 2.01
C LYS A 93 7.90 13.14 2.78
N TYR A 94 7.28 12.25 3.54
CA TYR A 94 8.02 11.27 4.32
C TYR A 94 7.49 9.86 4.07
N GLY A 95 6.19 9.67 4.26
CA GLY A 95 5.59 8.38 4.04
C GLY A 95 4.97 8.24 2.66
N ALA A 96 5.69 7.61 1.74
CA ALA A 96 5.21 7.41 0.39
C ALA A 96 4.28 6.20 0.30
N PHE A 97 3.79 5.93 -0.90
CA PHE A 97 2.89 4.80 -1.12
C PHE A 97 3.38 3.94 -2.28
N VAL A 98 3.99 2.80 -1.95
CA VAL A 98 4.50 1.90 -2.97
C VAL A 98 3.76 0.55 -2.92
N LYS A 99 3.84 -0.19 -4.03
CA LYS A 99 3.18 -1.49 -4.12
C LYS A 99 4.07 -2.59 -3.55
N PRO A 100 3.45 -3.66 -3.01
CA PRO A 100 4.18 -4.78 -2.43
C PRO A 100 5.32 -5.23 -3.35
N SER A 101 4.97 -5.49 -4.61
CA SER A 101 5.95 -5.89 -5.60
C SER A 101 7.05 -4.85 -5.69
N ALA A 102 6.74 -3.62 -5.29
CA ALA A 102 7.70 -2.54 -5.29
C ALA A 102 8.39 -2.41 -3.93
N VAL A 103 7.83 -3.10 -2.93
CA VAL A 103 8.39 -3.06 -1.58
C VAL A 103 9.08 -4.38 -1.23
N THR A 104 10.37 -4.31 -0.92
CA THR A 104 11.12 -5.50 -0.56
C THR A 104 11.24 -5.64 0.95
N VAL A 105 10.62 -6.69 1.48
CA VAL A 105 10.66 -6.95 2.92
C VAL A 105 12.00 -7.52 3.34
N GLY A 106 12.68 -6.84 4.26
CA GLY A 106 13.97 -7.30 4.73
C GLY A 106 13.86 -8.13 5.99
N ASP A 107 12.83 -7.87 6.78
CA ASP A 107 12.62 -8.60 8.03
C ASP A 107 11.13 -8.71 8.36
N SER A 108 10.53 -9.83 7.97
CA SER A 108 9.11 -10.06 8.23
C SER A 108 8.83 -10.08 9.73
N GLY A 109 7.67 -10.60 10.11
CA GLY A 109 7.30 -10.67 11.51
C GLY A 109 6.84 -12.07 11.92
N PRO A 110 7.70 -13.08 11.79
CA PRO A 110 7.35 -14.47 12.16
C PRO A 110 6.80 -14.56 13.58
N SER A 111 7.59 -14.10 14.55
CA SER A 111 7.19 -14.14 15.94
C SER A 111 6.98 -15.57 16.41
N SER A 112 7.26 -15.81 17.70
CA SER A 112 7.10 -17.15 18.26
C SER A 112 5.63 -17.53 18.37
N GLY A 113 5.20 -18.44 17.50
CA GLY A 113 3.81 -18.87 17.51
C GLY A 113 3.49 -19.81 16.37
N GLY A 1 -13.40 13.46 -9.93
CA GLY A 1 -14.85 13.51 -9.63
C GLY A 1 -15.54 12.18 -9.87
N SER A 2 -15.09 11.14 -9.17
CA SER A 2 -15.66 9.81 -9.32
C SER A 2 -16.70 9.55 -8.24
N SER A 3 -16.32 9.81 -6.99
CA SER A 3 -17.22 9.60 -5.86
C SER A 3 -18.39 10.58 -5.90
N GLY A 4 -19.33 10.42 -4.97
CA GLY A 4 -20.48 11.30 -4.93
C GLY A 4 -21.78 10.53 -4.86
N SER A 5 -22.32 10.17 -6.03
CA SER A 5 -23.57 9.43 -6.09
C SER A 5 -23.40 8.15 -6.90
N SER A 6 -23.71 7.02 -6.28
CA SER A 6 -23.59 5.72 -6.95
C SER A 6 -24.36 4.65 -6.18
N GLY A 7 -24.25 3.41 -6.65
CA GLY A 7 -24.94 2.31 -5.99
C GLY A 7 -24.32 0.96 -6.32
N ASN A 8 -24.44 0.53 -7.56
CA ASN A 8 -23.88 -0.74 -7.99
C ASN A 8 -24.51 -1.90 -7.21
N GLU A 9 -25.45 -2.59 -7.83
CA GLU A 9 -26.12 -3.71 -7.19
C GLU A 9 -25.76 -5.02 -7.89
N GLU A 10 -25.59 -4.97 -9.21
CA GLU A 10 -25.24 -6.14 -9.98
C GLU A 10 -23.73 -6.35 -10.01
N LEU A 11 -22.98 -5.26 -9.90
CA LEU A 11 -21.52 -5.33 -9.90
C LEU A 11 -21.00 -6.22 -8.78
N ARG A 12 -21.84 -6.41 -7.76
CA ARG A 12 -21.46 -7.25 -6.61
C ARG A 12 -20.93 -8.61 -7.07
N ALA A 13 -21.44 -9.08 -8.21
CA ALA A 13 -21.02 -10.36 -8.76
C ALA A 13 -19.74 -10.22 -9.57
N GLN A 14 -19.56 -9.06 -10.18
CA GLN A 14 -18.37 -8.79 -10.98
C GLN A 14 -17.14 -8.60 -10.10
N GLN A 15 -17.37 -8.16 -8.87
CA GLN A 15 -16.27 -7.94 -7.93
C GLN A 15 -16.11 -9.13 -6.99
N GLU A 16 -16.42 -10.32 -7.50
CA GLU A 16 -16.31 -11.54 -6.70
C GLU A 16 -15.19 -12.44 -7.23
N ALA A 17 -15.10 -12.54 -8.55
CA ALA A 17 -14.07 -13.36 -9.18
C ALA A 17 -13.00 -12.49 -9.82
N GLU A 18 -13.42 -11.44 -10.52
CA GLU A 18 -12.49 -10.54 -11.17
C GLU A 18 -11.58 -9.85 -10.16
N ALA A 19 -12.09 -9.68 -8.93
CA ALA A 19 -11.32 -9.05 -7.87
C ALA A 19 -10.61 -10.08 -7.00
N ALA A 20 -10.47 -11.31 -7.52
CA ALA A 20 -9.81 -12.38 -6.80
C ALA A 20 -9.13 -13.35 -7.75
N GLN A 21 -8.77 -12.87 -8.93
CA GLN A 21 -8.11 -13.70 -9.94
C GLN A 21 -6.92 -12.97 -10.55
N ARG A 22 -7.20 -11.86 -11.24
CA ARG A 22 -6.15 -11.08 -11.87
C ARG A 22 -5.32 -10.34 -10.83
N LEU A 23 -5.97 -9.91 -9.76
CA LEU A 23 -5.29 -9.19 -8.68
C LEU A 23 -5.02 -10.12 -7.50
N SER A 24 -4.82 -11.41 -7.80
CA SER A 24 -4.56 -12.39 -6.75
C SER A 24 -3.11 -12.27 -6.25
N GLU A 25 -2.21 -11.91 -7.15
CA GLU A 25 -0.81 -11.75 -6.80
C GLU A 25 -0.61 -10.61 -5.81
N GLU A 26 -1.31 -9.50 -6.06
CA GLU A 26 -1.21 -8.32 -5.20
C GLU A 26 -1.68 -8.66 -3.79
N LYS A 27 -2.76 -9.42 -3.69
CA LYS A 27 -3.31 -9.81 -2.40
C LYS A 27 -2.30 -10.62 -1.61
N ALA A 28 -1.60 -11.52 -2.28
CA ALA A 28 -0.59 -12.36 -1.64
C ALA A 28 0.53 -11.52 -1.05
N GLN A 29 1.00 -10.55 -1.82
CA GLN A 29 2.08 -9.66 -1.38
C GLN A 29 1.57 -8.69 -0.32
N ALA A 30 0.30 -8.31 -0.43
CA ALA A 30 -0.30 -7.38 0.51
C ALA A 30 -0.56 -8.05 1.86
N SER A 31 -0.76 -9.36 1.83
CA SER A 31 -1.01 -10.12 3.05
C SER A 31 0.27 -10.77 3.57
N ALA A 32 1.40 -10.12 3.31
CA ALA A 32 2.70 -10.64 3.75
C ALA A 32 3.50 -9.56 4.48
N ILE A 33 3.53 -8.37 3.89
CA ILE A 33 4.27 -7.25 4.47
C ILE A 33 3.61 -6.79 5.76
N SER A 34 4.03 -7.37 6.88
CA SER A 34 3.49 -7.02 8.18
C SER A 34 3.72 -5.54 8.49
N VAL A 35 2.87 -4.98 9.35
CA VAL A 35 2.99 -3.58 9.73
C VAL A 35 3.95 -3.40 10.90
N GLY A 36 4.82 -2.39 10.79
CA GLY A 36 5.78 -2.13 11.85
C GLY A 36 7.08 -2.86 11.63
N SER A 37 7.49 -2.98 10.37
CA SER A 37 8.74 -3.66 10.03
C SER A 37 9.56 -2.83 9.04
N ARG A 38 10.87 -3.04 9.06
CA ARG A 38 11.77 -2.31 8.16
C ARG A 38 11.93 -3.05 6.84
N CYS A 39 11.57 -2.39 5.75
CA CYS A 39 11.68 -2.98 4.42
C CYS A 39 12.22 -1.97 3.42
N GLU A 40 12.73 -2.48 2.30
CA GLU A 40 13.28 -1.62 1.25
C GLU A 40 12.25 -1.35 0.16
N VAL A 41 12.30 -0.15 -0.42
CA VAL A 41 11.37 0.23 -1.48
C VAL A 41 12.11 0.61 -2.75
N ARG A 42 11.52 0.26 -3.90
CA ARG A 42 12.12 0.56 -5.19
C ARG A 42 11.16 1.34 -6.07
N ALA A 43 11.52 2.59 -6.38
CA ALA A 43 10.68 3.45 -7.20
C ALA A 43 11.53 4.26 -8.18
N PRO A 44 10.95 4.62 -9.34
CA PRO A 44 11.66 5.39 -10.37
C PRO A 44 11.76 6.87 -10.01
N ASP A 45 12.36 7.16 -8.86
CA ASP A 45 12.52 8.54 -8.41
C ASP A 45 13.99 8.87 -8.19
N HIS A 46 14.73 7.93 -7.62
CA HIS A 46 16.15 8.12 -7.36
C HIS A 46 16.87 6.79 -7.20
N SER A 47 16.48 6.04 -6.16
CA SER A 47 17.09 4.74 -5.90
C SER A 47 16.41 4.07 -4.70
N LEU A 48 16.95 2.92 -4.30
CA LEU A 48 16.40 2.17 -3.17
C LEU A 48 16.46 3.01 -1.89
N ARG A 49 15.50 2.77 -1.00
CA ARG A 49 15.45 3.50 0.27
C ARG A 49 14.99 2.59 1.40
N ARG A 50 15.30 2.98 2.62
CA ARG A 50 14.92 2.21 3.79
C ARG A 50 13.79 2.89 4.56
N GLY A 51 12.63 2.23 4.60
CA GLY A 51 11.49 2.79 5.30
C GLY A 51 10.83 1.79 6.23
N THR A 52 9.64 2.14 6.72
CA THR A 52 8.91 1.25 7.63
C THR A 52 7.47 1.08 7.16
N VAL A 53 6.92 -0.11 7.37
CA VAL A 53 5.55 -0.40 6.98
C VAL A 53 4.55 0.16 8.00
N MET A 54 3.59 0.94 7.51
CA MET A 54 2.58 1.54 8.36
C MET A 54 1.18 1.05 7.99
N TYR A 55 0.91 1.01 6.68
CA TYR A 55 -0.39 0.57 6.19
C TYR A 55 -0.23 -0.30 4.95
N VAL A 56 -1.10 -1.31 4.83
CA VAL A 56 -1.05 -2.22 3.68
C VAL A 56 -2.43 -2.79 3.39
N GLY A 57 -3.01 -2.39 2.25
CA GLY A 57 -4.32 -2.89 1.88
C GLY A 57 -4.78 -2.32 0.55
N LEU A 58 -5.88 -1.58 0.57
CA LEU A 58 -6.43 -0.98 -0.64
C LEU A 58 -6.50 0.54 -0.52
N THR A 59 -6.82 1.20 -1.62
CA THR A 59 -6.91 2.66 -1.63
C THR A 59 -8.11 3.11 -2.47
N ASP A 60 -8.36 4.43 -2.46
CA ASP A 60 -9.47 4.99 -3.22
C ASP A 60 -8.96 5.85 -4.38
N PHE A 61 -7.81 6.48 -4.18
CA PHE A 61 -7.22 7.33 -5.21
C PHE A 61 -6.74 6.50 -6.39
N LYS A 62 -6.30 5.27 -6.10
CA LYS A 62 -5.81 4.37 -7.15
C LYS A 62 -6.29 2.94 -6.90
N PRO A 63 -6.55 2.19 -7.99
CA PRO A 63 -7.03 0.80 -7.89
C PRO A 63 -5.92 -0.15 -7.46
N GLY A 64 -6.31 -1.33 -6.99
CA GLY A 64 -5.35 -2.32 -6.56
C GLY A 64 -4.95 -2.14 -5.11
N TYR A 65 -3.81 -2.72 -4.73
CA TYR A 65 -3.32 -2.62 -3.36
C TYR A 65 -2.25 -1.54 -3.24
N TRP A 66 -1.88 -1.22 -2.01
CA TRP A 66 -0.86 -0.21 -1.76
C TRP A 66 -0.17 -0.44 -0.42
N VAL A 67 1.04 0.08 -0.28
CA VAL A 67 1.81 -0.08 0.95
C VAL A 67 2.46 1.24 1.36
N GLY A 68 1.95 1.82 2.44
CA GLY A 68 2.49 3.08 2.93
C GLY A 68 3.81 2.89 3.66
N VAL A 69 4.85 3.55 3.17
CA VAL A 69 6.18 3.44 3.78
C VAL A 69 6.76 4.83 4.07
N ARG A 70 7.16 5.04 5.33
CA ARG A 70 7.74 6.32 5.73
C ARG A 70 9.26 6.21 5.84
N TYR A 71 9.95 7.06 5.08
CA TYR A 71 11.42 7.05 5.09
C TYR A 71 11.95 7.97 6.18
N ASP A 72 13.24 7.81 6.50
CA ASP A 72 13.87 8.62 7.54
C ASP A 72 14.27 9.99 6.98
N GLU A 73 14.66 10.02 5.72
CA GLU A 73 15.06 11.26 5.07
C GLU A 73 13.91 11.84 4.26
N PRO A 74 13.93 13.17 4.02
CA PRO A 74 12.89 13.85 3.24
C PRO A 74 12.92 13.47 1.77
N LEU A 75 12.38 12.29 1.46
CA LEU A 75 12.35 11.81 0.08
C LEU A 75 11.03 11.12 -0.22
N GLY A 76 9.97 11.55 0.45
CA GLY A 76 8.66 10.95 0.24
C GLY A 76 7.91 11.60 -0.92
N LYS A 77 6.58 11.52 -0.88
CA LYS A 77 5.76 12.10 -1.93
C LYS A 77 4.37 12.45 -1.40
N ASN A 78 3.78 11.54 -0.63
CA ASN A 78 2.46 11.75 -0.07
C ASN A 78 2.54 12.14 1.40
N ASP A 79 1.41 12.50 1.98
CA ASP A 79 1.35 12.89 3.39
C ASP A 79 0.69 11.80 4.23
N GLY A 80 -0.22 11.07 3.62
CA GLY A 80 -0.91 10.00 4.33
C GLY A 80 -2.41 10.01 4.09
N SER A 81 -2.95 11.20 3.81
CA SER A 81 -4.38 11.33 3.55
C SER A 81 -4.63 11.69 2.08
N VAL A 82 -5.00 10.68 1.29
CA VAL A 82 -5.27 10.88 -0.12
C VAL A 82 -6.75 10.66 -0.44
N ASN A 83 -7.37 11.66 -1.04
CA ASN A 83 -8.78 11.58 -1.40
C ASN A 83 -9.65 11.35 -0.17
N GLY A 84 -9.16 11.81 0.98
CA GLY A 84 -9.91 11.65 2.22
C GLY A 84 -9.48 10.42 2.99
N LYS A 85 -9.01 9.40 2.28
CA LYS A 85 -8.57 8.16 2.92
C LYS A 85 -7.25 8.36 3.65
N ARG A 86 -7.24 8.06 4.94
CA ARG A 86 -6.04 8.21 5.75
C ARG A 86 -5.34 6.87 5.94
N TYR A 87 -4.01 6.90 5.99
CA TYR A 87 -3.22 5.69 6.15
C TYR A 87 -2.20 5.86 7.27
N PHE A 88 -1.35 6.87 7.14
CA PHE A 88 -0.32 7.13 8.15
C PHE A 88 -0.31 8.60 8.53
N GLU A 89 0.57 8.96 9.46
CA GLU A 89 0.69 10.35 9.92
C GLU A 89 2.11 10.88 9.70
N CYS A 90 2.24 11.79 8.75
CA CYS A 90 3.54 12.37 8.43
C CYS A 90 3.40 13.45 7.36
N GLN A 91 4.43 14.29 7.23
CA GLN A 91 4.42 15.36 6.23
C GLN A 91 4.25 14.81 4.83
N ALA A 92 4.02 15.69 3.87
CA ALA A 92 3.84 15.28 2.48
C ALA A 92 5.18 15.28 1.74
N LYS A 93 6.19 14.67 2.34
CA LYS A 93 7.51 14.59 1.73
C LYS A 93 8.37 13.53 2.43
N TYR A 94 7.72 12.50 2.95
CA TYR A 94 8.41 11.42 3.64
C TYR A 94 7.72 10.08 3.41
N GLY A 95 6.41 10.06 3.64
CA GLY A 95 5.65 8.84 3.45
C GLY A 95 5.11 8.69 2.05
N ALA A 96 5.70 7.80 1.27
CA ALA A 96 5.27 7.57 -0.11
C ALA A 96 4.52 6.26 -0.23
N PHE A 97 3.55 6.22 -1.14
CA PHE A 97 2.74 5.02 -1.36
C PHE A 97 3.29 4.21 -2.52
N VAL A 98 3.65 2.96 -2.25
CA VAL A 98 4.18 2.08 -3.27
C VAL A 98 3.38 0.78 -3.35
N LYS A 99 3.73 -0.08 -4.32
CA LYS A 99 3.05 -1.35 -4.50
C LYS A 99 3.82 -2.48 -3.84
N PRO A 100 3.11 -3.52 -3.36
CA PRO A 100 3.74 -4.68 -2.71
C PRO A 100 4.92 -5.18 -3.53
N SER A 101 4.67 -5.41 -4.82
CA SER A 101 5.71 -5.88 -5.72
C SER A 101 6.88 -4.91 -5.69
N ALA A 102 6.59 -3.66 -5.31
CA ALA A 102 7.62 -2.64 -5.22
C ALA A 102 8.25 -2.64 -3.83
N VAL A 103 7.60 -3.32 -2.88
CA VAL A 103 8.11 -3.41 -1.52
C VAL A 103 8.92 -4.69 -1.32
N THR A 104 10.05 -4.58 -0.63
CA THR A 104 10.90 -5.72 -0.37
C THR A 104 11.26 -5.83 1.11
N VAL A 105 10.77 -6.87 1.76
CA VAL A 105 11.03 -7.10 3.18
C VAL A 105 12.35 -7.83 3.38
N GLY A 106 13.20 -7.29 4.24
CA GLY A 106 14.48 -7.91 4.52
C GLY A 106 14.47 -8.75 5.77
N ASP A 107 13.64 -8.36 6.73
CA ASP A 107 13.52 -9.09 7.99
C ASP A 107 12.20 -9.83 8.08
N SER A 108 12.25 -11.11 8.40
CA SER A 108 11.05 -11.93 8.52
C SER A 108 10.83 -12.37 9.96
N GLY A 109 9.99 -11.64 10.67
CA GLY A 109 9.70 -11.97 12.06
C GLY A 109 10.29 -10.95 13.03
N PRO A 110 9.79 -10.91 14.28
CA PRO A 110 10.29 -9.98 15.29
C PRO A 110 11.80 -10.05 15.45
N SER A 111 12.29 -11.23 15.85
CA SER A 111 13.72 -11.43 16.05
C SER A 111 14.05 -12.91 16.20
N SER A 112 15.07 -13.36 15.49
CA SER A 112 15.47 -14.76 15.53
C SER A 112 16.24 -15.06 16.81
N GLY A 113 15.98 -16.21 17.41
CA GLY A 113 16.65 -16.60 18.65
C GLY A 113 15.72 -16.57 19.84
N GLY A 1 -27.59 -16.16 19.48
CA GLY A 1 -29.07 -16.07 19.32
C GLY A 1 -29.48 -15.93 17.87
N SER A 2 -30.07 -14.79 17.52
CA SER A 2 -30.50 -14.54 16.16
C SER A 2 -29.44 -13.77 15.37
N SER A 3 -29.03 -14.34 14.25
CA SER A 3 -28.01 -13.71 13.41
C SER A 3 -27.80 -14.52 12.12
N GLY A 4 -27.82 -13.81 10.99
CA GLY A 4 -27.64 -14.48 9.71
C GLY A 4 -26.46 -13.92 8.94
N SER A 5 -25.80 -14.77 8.16
CA SER A 5 -24.65 -14.36 7.37
C SER A 5 -24.79 -14.82 5.93
N SER A 6 -25.21 -13.90 5.06
CA SER A 6 -25.40 -14.20 3.64
C SER A 6 -24.92 -13.04 2.77
N GLY A 7 -23.64 -13.06 2.42
CA GLY A 7 -23.09 -12.00 1.59
C GLY A 7 -23.64 -12.02 0.19
N ASN A 8 -22.82 -12.44 -0.77
CA ASN A 8 -23.23 -12.50 -2.16
C ASN A 8 -23.01 -13.90 -2.74
N GLU A 9 -24.06 -14.49 -3.29
CA GLU A 9 -23.97 -15.82 -3.86
C GLU A 9 -23.64 -15.75 -5.35
N GLU A 10 -24.12 -14.70 -6.01
CA GLU A 10 -23.86 -14.51 -7.43
C GLU A 10 -22.37 -14.27 -7.70
N LEU A 11 -21.75 -13.44 -6.85
CA LEU A 11 -20.34 -13.13 -6.99
C LEU A 11 -19.50 -13.97 -6.05
N ARG A 12 -19.97 -15.18 -5.75
CA ARG A 12 -19.26 -16.09 -4.85
C ARG A 12 -18.29 -16.98 -5.62
N ALA A 13 -18.66 -17.31 -6.86
CA ALA A 13 -17.82 -18.15 -7.71
C ALA A 13 -17.00 -17.30 -8.68
N GLN A 14 -17.54 -16.15 -9.06
CA GLN A 14 -16.86 -15.25 -9.99
C GLN A 14 -15.58 -14.70 -9.37
N GLN A 15 -15.54 -14.63 -8.05
CA GLN A 15 -14.36 -14.13 -7.35
C GLN A 15 -13.50 -15.28 -6.83
N GLU A 16 -13.61 -16.44 -7.47
CA GLU A 16 -12.83 -17.61 -7.07
C GLU A 16 -11.81 -17.97 -8.15
N ALA A 17 -12.11 -17.63 -9.39
CA ALA A 17 -11.21 -17.92 -10.51
C ALA A 17 -10.81 -16.65 -11.25
N GLU A 18 -11.79 -15.77 -11.46
CA GLU A 18 -11.53 -14.52 -12.16
C GLU A 18 -10.91 -13.48 -11.23
N ALA A 19 -11.50 -13.34 -10.04
CA ALA A 19 -11.00 -12.39 -9.06
C ALA A 19 -10.10 -13.07 -8.03
N ALA A 20 -9.40 -14.11 -8.47
CA ALA A 20 -8.51 -14.84 -7.58
C ALA A 20 -7.33 -15.43 -8.36
N GLN A 21 -6.99 -14.80 -9.48
CA GLN A 21 -5.88 -15.27 -10.31
C GLN A 21 -5.08 -14.10 -10.85
N ARG A 22 -5.77 -13.15 -11.48
CA ARG A 22 -5.13 -11.98 -12.06
C ARG A 22 -4.58 -11.07 -10.95
N LEU A 23 -5.26 -11.07 -9.81
CA LEU A 23 -4.84 -10.24 -8.69
C LEU A 23 -4.49 -11.11 -7.48
N SER A 24 -4.00 -12.31 -7.75
CA SER A 24 -3.63 -13.24 -6.70
C SER A 24 -2.16 -13.04 -6.28
N GLU A 25 -1.34 -12.64 -7.24
CA GLU A 25 0.08 -12.41 -6.99
C GLU A 25 0.27 -11.21 -6.06
N GLU A 26 -0.62 -10.23 -6.18
CA GLU A 26 -0.56 -9.03 -5.36
C GLU A 26 -1.13 -9.29 -3.97
N LYS A 27 -2.22 -10.03 -3.92
CA LYS A 27 -2.88 -10.35 -2.65
C LYS A 27 -1.94 -11.13 -1.75
N ALA A 28 -1.11 -11.99 -2.35
CA ALA A 28 -0.17 -12.80 -1.59
C ALA A 28 0.83 -11.92 -0.83
N GLN A 29 1.30 -10.86 -1.48
CA GLN A 29 2.25 -9.95 -0.87
C GLN A 29 1.56 -9.07 0.17
N ALA A 30 0.36 -8.59 -0.17
CA ALA A 30 -0.39 -7.73 0.73
C ALA A 30 -0.79 -8.48 1.99
N SER A 31 -1.06 -9.77 1.85
CA SER A 31 -1.44 -10.61 2.98
C SER A 31 -0.28 -11.46 3.45
N ALA A 32 0.83 -10.80 3.76
CA ALA A 32 2.03 -11.50 4.24
C ALA A 32 2.99 -10.53 4.93
N ILE A 33 3.18 -9.37 4.32
CA ILE A 33 4.08 -8.35 4.87
C ILE A 33 3.51 -7.76 6.16
N SER A 34 4.18 -8.03 7.27
CA SER A 34 3.75 -7.53 8.57
C SER A 34 3.92 -6.01 8.65
N VAL A 35 2.99 -5.35 9.34
CA VAL A 35 3.05 -3.90 9.49
C VAL A 35 4.07 -3.50 10.54
N GLY A 36 4.67 -2.32 10.37
CA GLY A 36 5.66 -1.84 11.31
C GLY A 36 6.97 -2.60 11.22
N SER A 37 7.34 -3.00 10.01
CA SER A 37 8.57 -3.75 9.79
C SER A 37 9.47 -3.04 8.79
N ARG A 38 10.75 -2.89 9.14
CA ARG A 38 11.71 -2.22 8.27
C ARG A 38 11.87 -2.99 6.96
N CYS A 39 11.59 -2.31 5.86
CA CYS A 39 11.70 -2.92 4.54
C CYS A 39 12.22 -1.92 3.51
N GLU A 40 12.78 -2.43 2.42
CA GLU A 40 13.31 -1.57 1.36
C GLU A 40 12.23 -1.25 0.34
N VAL A 41 12.47 -0.21 -0.46
CA VAL A 41 11.52 0.21 -1.48
C VAL A 41 12.24 0.70 -2.74
N ARG A 42 11.65 0.40 -3.90
CA ARG A 42 12.24 0.81 -5.16
C ARG A 42 11.18 1.45 -6.06
N ALA A 43 11.35 2.75 -6.33
CA ALA A 43 10.41 3.48 -7.17
C ALA A 43 11.15 4.28 -8.24
N PRO A 44 10.54 4.43 -9.44
CA PRO A 44 11.15 5.18 -10.53
C PRO A 44 11.10 6.68 -10.31
N ASP A 45 11.75 7.13 -9.24
CA ASP A 45 11.77 8.56 -8.91
C ASP A 45 13.20 9.02 -8.64
N HIS A 46 13.89 8.29 -7.76
CA HIS A 46 15.27 8.64 -7.41
C HIS A 46 16.12 7.38 -7.28
N SER A 47 15.85 6.59 -6.24
CA SER A 47 16.59 5.36 -6.00
C SER A 47 15.99 4.58 -4.84
N LEU A 48 16.70 3.54 -4.40
CA LEU A 48 16.23 2.71 -3.30
C LEU A 48 16.38 3.44 -1.96
N ARG A 49 15.49 3.13 -1.03
CA ARG A 49 15.52 3.76 0.29
C ARG A 49 15.07 2.78 1.37
N ARG A 50 15.16 3.21 2.63
CA ARG A 50 14.77 2.37 3.75
C ARG A 50 13.60 2.99 4.50
N GLY A 51 12.61 2.16 4.83
CA GLY A 51 11.44 2.65 5.55
C GLY A 51 10.77 1.55 6.36
N THR A 52 9.52 1.79 6.74
CA THR A 52 8.77 0.83 7.54
C THR A 52 7.32 0.75 7.05
N VAL A 53 6.71 -0.42 7.23
CA VAL A 53 5.33 -0.63 6.82
C VAL A 53 4.35 0.04 7.78
N MET A 54 3.41 0.79 7.24
CA MET A 54 2.41 1.49 8.06
C MET A 54 1.01 1.02 7.71
N TYR A 55 0.75 0.86 6.41
CA TYR A 55 -0.57 0.41 5.95
C TYR A 55 -0.43 -0.63 4.86
N VAL A 56 -1.33 -1.61 4.86
CA VAL A 56 -1.31 -2.68 3.86
C VAL A 56 -2.72 -3.11 3.49
N GLY A 57 -3.11 -2.88 2.25
CA GLY A 57 -4.43 -3.26 1.79
C GLY A 57 -4.81 -2.58 0.48
N LEU A 58 -6.07 -2.21 0.36
CA LEU A 58 -6.57 -1.56 -0.85
C LEU A 58 -6.65 -0.05 -0.66
N THR A 59 -7.08 0.65 -1.70
CA THR A 59 -7.20 2.11 -1.63
C THR A 59 -8.40 2.59 -2.46
N ASP A 60 -8.58 3.90 -2.52
CA ASP A 60 -9.68 4.50 -3.27
C ASP A 60 -9.18 5.43 -4.35
N PHE A 61 -7.88 5.37 -4.65
CA PHE A 61 -7.29 6.22 -5.67
C PHE A 61 -6.71 5.38 -6.81
N LYS A 62 -6.14 4.24 -6.46
CA LYS A 62 -5.56 3.34 -7.46
C LYS A 62 -5.99 1.90 -7.21
N PRO A 63 -6.09 1.09 -8.28
CA PRO A 63 -6.49 -0.32 -8.18
C PRO A 63 -5.42 -1.19 -7.53
N GLY A 64 -5.79 -2.40 -7.16
CA GLY A 64 -4.85 -3.31 -6.52
C GLY A 64 -4.51 -2.89 -5.11
N TYR A 65 -3.66 -3.69 -4.45
CA TYR A 65 -3.26 -3.40 -3.08
C TYR A 65 -2.16 -2.35 -3.05
N TRP A 66 -1.91 -1.79 -1.87
CA TRP A 66 -0.88 -0.77 -1.70
C TRP A 66 -0.21 -0.90 -0.33
N VAL A 67 0.99 -0.34 -0.22
CA VAL A 67 1.73 -0.39 1.04
C VAL A 67 2.45 0.93 1.30
N GLY A 68 2.01 1.64 2.34
CA GLY A 68 2.62 2.90 2.68
C GLY A 68 3.91 2.74 3.46
N VAL A 69 4.96 3.44 3.03
CA VAL A 69 6.26 3.36 3.69
C VAL A 69 6.82 4.75 3.95
N ARG A 70 7.19 5.02 5.19
CA ARG A 70 7.75 6.31 5.57
C ARG A 70 9.28 6.26 5.58
N TYR A 71 9.90 7.35 5.13
CA TYR A 71 11.36 7.43 5.09
C TYR A 71 11.89 8.38 6.17
N ASP A 72 13.19 8.38 6.35
CA ASP A 72 13.83 9.24 7.35
C ASP A 72 13.98 10.66 6.83
N GLU A 73 14.48 10.78 5.59
CA GLU A 73 14.68 12.08 4.97
C GLU A 73 13.45 12.50 4.17
N PRO A 74 13.24 13.82 4.00
CA PRO A 74 12.09 14.34 3.25
C PRO A 74 12.21 14.07 1.75
N LEU A 75 12.19 12.79 1.38
CA LEU A 75 12.29 12.40 -0.02
C LEU A 75 11.10 11.53 -0.43
N GLY A 76 9.94 11.81 0.16
CA GLY A 76 8.75 11.03 -0.15
C GLY A 76 7.96 11.63 -1.30
N LYS A 77 6.64 11.50 -1.24
CA LYS A 77 5.77 12.03 -2.28
C LYS A 77 4.39 12.37 -1.72
N ASN A 78 3.79 11.42 -1.01
CA ASN A 78 2.47 11.62 -0.42
C ASN A 78 2.59 12.30 0.93
N ASP A 79 1.45 12.71 1.47
CA ASP A 79 1.42 13.38 2.78
C ASP A 79 0.82 12.46 3.84
N GLY A 80 -0.08 11.58 3.42
CA GLY A 80 -0.70 10.65 4.35
C GLY A 80 -2.20 10.55 4.14
N SER A 81 -2.80 11.63 3.63
CA SER A 81 -4.23 11.65 3.39
C SER A 81 -4.53 11.76 1.90
N VAL A 82 -5.02 10.67 1.31
CA VAL A 82 -5.34 10.65 -0.11
C VAL A 82 -6.84 10.81 -0.33
N ASN A 83 -7.23 11.96 -0.85
CA ASN A 83 -8.64 12.24 -1.12
C ASN A 83 -9.45 12.20 0.17
N GLY A 84 -8.80 12.52 1.28
CA GLY A 84 -9.47 12.52 2.57
C GLY A 84 -9.13 11.30 3.39
N LYS A 85 -8.82 10.19 2.72
CA LYS A 85 -8.48 8.95 3.39
C LYS A 85 -7.06 8.99 3.94
N ARG A 86 -6.93 8.94 5.25
CA ARG A 86 -5.62 8.97 5.91
C ARG A 86 -5.16 7.56 6.27
N TYR A 87 -4.01 7.15 5.73
CA TYR A 87 -3.47 5.83 6.01
C TYR A 87 -2.50 5.88 7.19
N PHE A 88 -1.50 6.74 7.10
CA PHE A 88 -0.51 6.87 8.16
C PHE A 88 -0.45 8.31 8.67
N GLU A 89 0.35 8.54 9.70
CA GLU A 89 0.50 9.87 10.28
C GLU A 89 1.91 10.40 10.05
N CYS A 90 2.07 11.17 8.98
CA CYS A 90 3.38 11.75 8.66
C CYS A 90 3.21 13.03 7.84
N GLN A 91 4.23 13.87 7.85
CA GLN A 91 4.20 15.13 7.11
C GLN A 91 4.25 14.87 5.60
N ALA A 92 4.39 15.95 4.83
CA ALA A 92 4.47 15.85 3.38
C ALA A 92 5.90 15.58 2.92
N LYS A 93 6.03 14.98 1.74
CA LYS A 93 7.34 14.67 1.19
C LYS A 93 8.11 13.73 2.10
N TYR A 94 7.43 12.73 2.64
CA TYR A 94 8.06 11.76 3.53
C TYR A 94 7.54 10.35 3.25
N GLY A 95 6.25 10.14 3.49
CA GLY A 95 5.67 8.84 3.26
C GLY A 95 5.17 8.66 1.83
N ALA A 96 5.61 7.59 1.18
CA ALA A 96 5.21 7.31 -0.19
C ALA A 96 4.37 6.04 -0.27
N PHE A 97 3.57 5.93 -1.31
CA PHE A 97 2.71 4.77 -1.51
C PHE A 97 3.22 3.90 -2.65
N VAL A 98 3.78 2.75 -2.30
CA VAL A 98 4.32 1.82 -3.29
C VAL A 98 3.56 0.51 -3.28
N LYS A 99 3.96 -0.41 -4.14
CA LYS A 99 3.31 -1.72 -4.23
C LYS A 99 4.13 -2.78 -3.50
N PRO A 100 3.45 -3.79 -2.91
CA PRO A 100 4.13 -4.87 -2.19
C PRO A 100 5.29 -5.43 -2.99
N SER A 101 5.01 -5.78 -4.24
CA SER A 101 6.04 -6.29 -5.13
C SER A 101 7.18 -5.29 -5.23
N ALA A 102 6.87 -4.02 -4.96
CA ALA A 102 7.88 -2.97 -4.99
C ALA A 102 8.53 -2.82 -3.62
N VAL A 103 7.93 -3.43 -2.60
CA VAL A 103 8.47 -3.36 -1.24
C VAL A 103 9.21 -4.63 -0.89
N THR A 104 10.52 -4.50 -0.63
CA THR A 104 11.35 -5.65 -0.28
C THR A 104 11.51 -5.74 1.23
N VAL A 105 10.99 -6.82 1.81
CA VAL A 105 11.08 -7.04 3.25
C VAL A 105 12.43 -7.63 3.63
N GLY A 106 13.12 -6.99 4.57
CA GLY A 106 14.42 -7.47 5.00
C GLY A 106 14.31 -8.51 6.11
N ASP A 107 13.56 -8.17 7.15
CA ASP A 107 13.38 -9.08 8.28
C ASP A 107 11.95 -9.01 8.80
N SER A 108 11.67 -9.77 9.86
CA SER A 108 10.35 -9.80 10.46
C SER A 108 10.43 -9.62 11.97
N GLY A 109 9.32 -9.23 12.58
CA GLY A 109 9.28 -9.03 14.01
C GLY A 109 9.43 -10.33 14.78
N PRO A 110 8.32 -11.04 15.05
CA PRO A 110 8.35 -12.31 15.78
C PRO A 110 9.00 -13.43 14.98
N SER A 111 9.35 -14.51 15.66
CA SER A 111 9.98 -15.66 15.02
C SER A 111 11.31 -15.26 14.39
N SER A 112 12.16 -14.61 15.16
CA SER A 112 13.47 -14.18 14.67
C SER A 112 14.36 -13.76 15.83
N GLY A 113 15.56 -14.33 15.87
CA GLY A 113 16.50 -14.01 16.94
C GLY A 113 17.88 -14.58 16.68
N GLY A 1 -31.80 0.50 -23.75
CA GLY A 1 -31.86 1.50 -22.65
C GLY A 1 -30.69 1.41 -21.71
N SER A 2 -30.92 1.72 -20.44
CA SER A 2 -29.87 1.67 -19.43
C SER A 2 -30.11 0.53 -18.46
N SER A 3 -29.27 0.44 -17.43
CA SER A 3 -29.38 -0.61 -16.42
C SER A 3 -28.78 -0.16 -15.09
N GLY A 4 -29.63 0.01 -14.09
CA GLY A 4 -29.15 0.43 -12.78
C GLY A 4 -29.46 1.89 -12.50
N SER A 5 -29.16 2.33 -11.28
CA SER A 5 -29.41 3.71 -10.89
C SER A 5 -28.34 4.20 -9.91
N SER A 6 -27.32 4.89 -10.44
CA SER A 6 -26.25 5.40 -9.61
C SER A 6 -25.51 4.27 -8.91
N GLY A 7 -24.50 4.62 -8.12
CA GLY A 7 -23.73 3.62 -7.40
C GLY A 7 -22.34 3.43 -7.98
N ASN A 8 -21.69 2.33 -7.60
CA ASN A 8 -20.35 2.04 -8.09
C ASN A 8 -20.40 1.06 -9.27
N GLU A 9 -19.86 1.48 -10.40
CA GLU A 9 -19.85 0.64 -11.60
C GLU A 9 -18.44 0.12 -11.87
N GLU A 10 -17.44 0.90 -11.51
CA GLU A 10 -16.05 0.52 -11.72
C GLU A 10 -15.61 -0.54 -10.71
N LEU A 11 -16.08 -0.38 -9.47
CA LEU A 11 -15.74 -1.33 -8.41
C LEU A 11 -16.43 -2.67 -8.63
N ARG A 12 -17.59 -2.64 -9.28
CA ARG A 12 -18.35 -3.85 -9.56
C ARG A 12 -17.64 -4.72 -10.60
N ALA A 13 -16.63 -4.18 -11.25
CA ALA A 13 -15.88 -4.91 -12.26
C ALA A 13 -14.39 -4.97 -11.92
N GLN A 14 -13.86 -3.86 -11.43
CA GLN A 14 -12.44 -3.79 -11.07
C GLN A 14 -12.12 -4.77 -9.94
N GLN A 15 -13.10 -5.05 -9.09
CA GLN A 15 -12.90 -5.96 -7.97
C GLN A 15 -13.93 -7.09 -8.00
N GLU A 16 -14.21 -7.59 -9.19
CA GLU A 16 -15.18 -8.67 -9.35
C GLU A 16 -14.65 -9.75 -10.29
N ALA A 17 -14.17 -9.33 -11.46
CA ALA A 17 -13.63 -10.26 -12.45
C ALA A 17 -12.11 -10.24 -12.44
N GLU A 18 -11.55 -9.08 -12.11
CA GLU A 18 -10.09 -8.92 -12.06
C GLU A 18 -9.55 -9.31 -10.68
N ALA A 19 -10.41 -9.31 -9.67
CA ALA A 19 -9.99 -9.67 -8.33
C ALA A 19 -10.24 -11.14 -8.04
N ALA A 20 -9.97 -11.99 -9.03
CA ALA A 20 -10.17 -13.43 -8.89
C ALA A 20 -8.83 -14.16 -8.94
N GLN A 21 -8.25 -14.24 -10.14
CA GLN A 21 -6.98 -14.92 -10.34
C GLN A 21 -5.86 -13.91 -10.63
N ARG A 22 -6.22 -12.82 -11.28
CA ARG A 22 -5.26 -11.77 -11.63
C ARG A 22 -4.71 -11.11 -10.38
N LEU A 23 -5.61 -10.82 -9.43
CA LEU A 23 -5.22 -10.17 -8.17
C LEU A 23 -4.61 -11.18 -7.20
N SER A 24 -4.64 -12.46 -7.56
CA SER A 24 -4.08 -13.51 -6.71
C SER A 24 -2.61 -13.24 -6.41
N GLU A 25 -1.91 -12.67 -7.37
CA GLU A 25 -0.49 -12.35 -7.21
C GLU A 25 -0.30 -11.15 -6.28
N GLU A 26 -1.18 -10.16 -6.42
CA GLU A 26 -1.11 -8.97 -5.58
C GLU A 26 -1.50 -9.29 -4.14
N LYS A 27 -2.45 -10.19 -3.98
CA LYS A 27 -2.91 -10.58 -2.65
C LYS A 27 -1.82 -11.30 -1.88
N ALA A 28 -1.11 -12.19 -2.58
CA ALA A 28 -0.01 -12.94 -1.97
C ALA A 28 1.05 -12.01 -1.40
N GLN A 29 1.66 -11.22 -2.28
CA GLN A 29 2.69 -10.28 -1.87
C GLN A 29 2.17 -9.32 -0.81
N ALA A 30 0.89 -8.97 -0.91
CA ALA A 30 0.27 -8.06 0.04
C ALA A 30 0.13 -8.71 1.41
N SER A 31 0.09 -10.04 1.44
CA SER A 31 -0.05 -10.78 2.69
C SER A 31 1.31 -11.24 3.21
N ALA A 32 2.34 -10.46 2.92
CA ALA A 32 3.69 -10.78 3.35
C ALA A 32 4.45 -9.53 3.78
N ILE A 33 3.71 -8.53 4.27
CA ILE A 33 4.31 -7.28 4.71
C ILE A 33 3.68 -6.80 6.02
N SER A 34 4.14 -7.36 7.13
CA SER A 34 3.63 -7.00 8.45
C SER A 34 3.85 -5.51 8.72
N VAL A 35 2.99 -4.93 9.55
CA VAL A 35 3.09 -3.52 9.90
C VAL A 35 4.19 -3.29 10.94
N GLY A 36 4.73 -2.08 10.96
CA GLY A 36 5.78 -1.75 11.90
C GLY A 36 7.06 -2.52 11.64
N SER A 37 7.39 -2.68 10.36
CA SER A 37 8.60 -3.39 9.98
C SER A 37 9.36 -2.63 8.90
N ARG A 38 10.69 -2.73 8.93
CA ARG A 38 11.53 -2.05 7.96
C ARG A 38 11.47 -2.75 6.60
N CYS A 39 11.42 -1.97 5.54
CA CYS A 39 11.36 -2.51 4.19
C CYS A 39 12.06 -1.58 3.20
N GLU A 40 12.49 -2.15 2.08
CA GLU A 40 13.18 -1.38 1.04
C GLU A 40 12.24 -1.09 -0.12
N VAL A 41 12.22 0.17 -0.55
CA VAL A 41 11.37 0.58 -1.67
C VAL A 41 12.20 0.85 -2.92
N ARG A 42 11.67 0.45 -4.07
CA ARG A 42 12.36 0.66 -5.34
C ARG A 42 11.39 1.15 -6.41
N ALA A 43 11.48 2.43 -6.74
CA ALA A 43 10.61 3.02 -7.76
C ALA A 43 11.35 4.09 -8.56
N PRO A 44 10.79 4.49 -9.71
CA PRO A 44 11.41 5.52 -10.56
C PRO A 44 11.34 6.91 -9.95
N ASP A 45 12.00 7.07 -8.81
CA ASP A 45 12.01 8.36 -8.11
C ASP A 45 13.44 8.86 -7.93
N HIS A 46 14.33 7.96 -7.55
CA HIS A 46 15.73 8.32 -7.34
C HIS A 46 16.59 7.06 -7.18
N SER A 47 16.36 6.32 -6.10
CA SER A 47 17.11 5.11 -5.84
C SER A 47 16.43 4.26 -4.75
N LEU A 48 17.13 3.25 -4.27
CA LEU A 48 16.59 2.37 -3.23
C LEU A 48 16.68 3.04 -1.86
N ARG A 49 15.62 2.91 -1.08
CA ARG A 49 15.57 3.50 0.26
C ARG A 49 14.88 2.56 1.25
N ARG A 50 15.11 2.80 2.53
CA ARG A 50 14.51 1.97 3.58
C ARG A 50 13.54 2.79 4.42
N GLY A 51 12.42 2.18 4.80
CA GLY A 51 11.43 2.87 5.61
C GLY A 51 10.76 1.94 6.60
N THR A 52 9.45 2.10 6.77
CA THR A 52 8.68 1.28 7.69
C THR A 52 7.24 1.11 7.22
N VAL A 53 6.67 -0.06 7.47
CA VAL A 53 5.31 -0.34 7.07
C VAL A 53 4.31 0.36 7.99
N MET A 54 3.38 1.10 7.38
CA MET A 54 2.37 1.83 8.15
C MET A 54 0.97 1.33 7.79
N TYR A 55 0.72 1.15 6.50
CA TYR A 55 -0.58 0.68 6.03
C TYR A 55 -0.41 -0.28 4.86
N VAL A 56 -1.30 -1.27 4.79
CA VAL A 56 -1.25 -2.26 3.71
C VAL A 56 -2.65 -2.70 3.32
N GLY A 57 -3.07 -2.31 2.11
CA GLY A 57 -4.39 -2.68 1.63
C GLY A 57 -4.78 -1.92 0.38
N LEU A 58 -6.00 -2.13 -0.09
CA LEU A 58 -6.49 -1.46 -1.28
C LEU A 58 -6.64 0.04 -1.05
N THR A 59 -6.84 0.78 -2.13
CA THR A 59 -6.99 2.23 -2.04
C THR A 59 -8.11 2.73 -2.94
N ASP A 60 -8.33 4.03 -2.95
CA ASP A 60 -9.37 4.63 -3.77
C ASP A 60 -8.77 5.43 -4.93
N PHE A 61 -7.61 6.02 -4.68
CA PHE A 61 -6.93 6.82 -5.70
C PHE A 61 -6.45 5.94 -6.85
N LYS A 62 -6.00 4.73 -6.52
CA LYS A 62 -5.51 3.79 -7.52
C LYS A 62 -6.04 2.38 -7.25
N PRO A 63 -6.34 1.62 -8.32
CA PRO A 63 -6.86 0.26 -8.20
C PRO A 63 -5.77 -0.73 -7.77
N GLY A 64 -6.14 -1.66 -6.89
CA GLY A 64 -5.19 -2.65 -6.42
C GLY A 64 -4.74 -2.39 -5.00
N TYR A 65 -3.90 -3.29 -4.47
CA TYR A 65 -3.40 -3.15 -3.11
C TYR A 65 -2.22 -2.18 -3.07
N TRP A 66 -2.01 -1.56 -1.90
CA TRP A 66 -0.91 -0.61 -1.74
C TRP A 66 -0.24 -0.80 -0.39
N VAL A 67 1.04 -0.48 -0.32
CA VAL A 67 1.81 -0.62 0.92
C VAL A 67 2.51 0.69 1.27
N GLY A 68 2.16 1.25 2.42
CA GLY A 68 2.76 2.50 2.86
C GLY A 68 4.14 2.28 3.48
N VAL A 69 5.11 3.07 3.03
CA VAL A 69 6.46 2.97 3.55
C VAL A 69 7.01 4.34 3.95
N ARG A 70 7.35 4.49 5.22
CA ARG A 70 7.89 5.75 5.72
C ARG A 70 9.40 5.65 5.92
N TYR A 71 10.14 6.50 5.20
CA TYR A 71 11.59 6.52 5.29
C TYR A 71 12.06 7.24 6.55
N ASP A 72 13.35 7.18 6.82
CA ASP A 72 13.92 7.83 7.99
C ASP A 72 14.15 9.31 7.74
N GLU A 73 14.87 9.62 6.67
CA GLU A 73 15.17 11.00 6.32
C GLU A 73 14.12 11.55 5.35
N PRO A 74 14.04 12.89 5.21
CA PRO A 74 13.08 13.53 4.32
C PRO A 74 13.22 13.06 2.87
N LEU A 75 12.58 11.93 2.56
CA LEU A 75 12.64 11.37 1.22
C LEU A 75 11.26 10.87 0.79
N GLY A 76 10.21 11.52 1.29
CA GLY A 76 8.86 11.13 0.94
C GLY A 76 8.22 12.09 -0.04
N LYS A 77 6.89 12.06 -0.10
CA LYS A 77 6.15 12.93 -1.01
C LYS A 77 4.79 13.29 -0.43
N ASN A 78 4.07 12.27 0.06
CA ASN A 78 2.75 12.47 0.64
C ASN A 78 2.84 12.63 2.16
N ASP A 79 1.72 12.98 2.77
CA ASP A 79 1.67 13.17 4.22
C ASP A 79 1.09 11.94 4.91
N GLY A 80 0.02 11.40 4.35
CA GLY A 80 -0.61 10.22 4.92
C GLY A 80 -2.05 10.07 4.48
N SER A 81 -2.71 11.19 4.19
CA SER A 81 -4.10 11.17 3.75
C SER A 81 -4.19 11.38 2.24
N VAL A 82 -4.95 10.51 1.59
CA VAL A 82 -5.13 10.60 0.13
C VAL A 82 -6.60 10.44 -0.25
N ASN A 83 -7.12 11.40 -1.00
CA ASN A 83 -8.51 11.36 -1.44
C ASN A 83 -9.45 11.34 -0.25
N GLY A 84 -9.01 11.92 0.86
CA GLY A 84 -9.82 11.96 2.06
C GLY A 84 -9.53 10.82 3.02
N LYS A 85 -9.09 9.69 2.46
CA LYS A 85 -8.77 8.52 3.28
C LYS A 85 -7.40 8.66 3.92
N ARG A 86 -7.27 8.16 5.14
CA ARG A 86 -6.00 8.23 5.87
C ARG A 86 -5.40 6.85 6.04
N TYR A 87 -4.07 6.80 6.09
CA TYR A 87 -3.37 5.53 6.25
C TYR A 87 -2.41 5.58 7.43
N PHE A 88 -1.67 6.68 7.54
CA PHE A 88 -0.71 6.85 8.63
C PHE A 88 -0.62 8.32 9.04
N GLU A 89 0.27 8.60 10.00
CA GLU A 89 0.45 9.96 10.49
C GLU A 89 1.92 10.37 10.42
N CYS A 90 2.27 11.14 9.39
CA CYS A 90 3.65 11.59 9.21
C CYS A 90 3.69 12.89 8.42
N GLN A 91 4.87 13.51 8.36
CA GLN A 91 5.04 14.76 7.64
C GLN A 91 4.77 14.57 6.15
N ALA A 92 4.70 15.68 5.42
CA ALA A 92 4.45 15.64 3.99
C ALA A 92 5.76 15.60 3.20
N LYS A 93 6.65 14.70 3.60
CA LYS A 93 7.94 14.55 2.93
C LYS A 93 8.74 13.40 3.54
N TYR A 94 8.04 12.33 3.90
CA TYR A 94 8.69 11.16 4.48
C TYR A 94 8.01 9.88 4.04
N GLY A 95 6.68 9.85 4.12
CA GLY A 95 5.93 8.68 3.72
C GLY A 95 5.80 8.57 2.21
N ALA A 96 6.04 7.36 1.69
CA ALA A 96 5.95 7.12 0.25
C ALA A 96 5.03 5.94 -0.04
N PHE A 97 4.11 6.13 -0.99
CA PHE A 97 3.18 5.07 -1.36
C PHE A 97 3.72 4.25 -2.52
N VAL A 98 3.87 2.95 -2.29
CA VAL A 98 4.38 2.05 -3.32
C VAL A 98 3.60 0.75 -3.35
N LYS A 99 3.97 -0.16 -4.26
CA LYS A 99 3.30 -1.44 -4.39
C LYS A 99 4.12 -2.56 -3.76
N PRO A 100 3.45 -3.62 -3.27
CA PRO A 100 4.13 -4.76 -2.65
C PRO A 100 5.31 -5.22 -3.48
N SER A 101 5.05 -5.48 -4.75
CA SER A 101 6.10 -5.90 -5.68
C SER A 101 7.22 -4.88 -5.68
N ALA A 102 6.89 -3.63 -5.31
CA ALA A 102 7.87 -2.57 -5.25
C ALA A 102 8.47 -2.47 -3.85
N VAL A 103 7.85 -3.15 -2.88
CA VAL A 103 8.33 -3.12 -1.51
C VAL A 103 9.09 -4.41 -1.17
N THR A 104 10.20 -4.26 -0.45
CA THR A 104 11.01 -5.40 -0.07
C THR A 104 11.18 -5.48 1.44
N VAL A 105 10.42 -6.38 2.08
CA VAL A 105 10.48 -6.54 3.52
C VAL A 105 11.72 -7.33 3.93
N GLY A 106 12.51 -6.75 4.83
CA GLY A 106 13.72 -7.41 5.29
C GLY A 106 13.84 -7.42 6.80
N ASP A 107 12.71 -7.36 7.48
CA ASP A 107 12.67 -7.36 8.94
C ASP A 107 11.96 -8.60 9.46
N SER A 108 10.89 -9.00 8.79
CA SER A 108 10.12 -10.16 9.19
C SER A 108 10.07 -11.20 8.06
N GLY A 109 9.45 -10.82 6.95
CA GLY A 109 9.34 -11.72 5.82
C GLY A 109 7.93 -12.22 5.60
N PRO A 110 7.77 -13.43 5.04
CA PRO A 110 6.44 -14.01 4.78
C PRO A 110 5.55 -13.99 6.03
N SER A 111 6.15 -14.30 7.18
CA SER A 111 5.41 -14.33 8.44
C SER A 111 6.37 -14.32 9.63
N SER A 112 7.29 -15.28 9.63
CA SER A 112 8.27 -15.39 10.71
C SER A 112 9.69 -15.25 10.17
N GLY A 113 10.41 -14.25 10.69
CA GLY A 113 11.77 -14.02 10.25
C GLY A 113 12.37 -12.76 10.86
#